data_7BJP
#
_entry.id   7BJP
#
_cell.length_a   1.00
_cell.length_b   1.00
_cell.length_c   1.00
_cell.angle_alpha   90.00
_cell.angle_beta   90.00
_cell.angle_gamma   90.00
#
_symmetry.space_group_name_H-M   'P 1'
#
_entity_poly.entity_id   1
_entity_poly.type   'polypeptide(L)'
_entity_poly.pdbx_seq_one_letter_code
;MSGDASSGSPDITGEEQGVAVATGTQPSAPAMATLATAATGTMPEEWKTFFSYYTTVNWSTTDETGKVLFVQGLSPRMNP
FLDHLAKMYTGWSGSMEIRFTISGSGVFGGKLAAVMVPPGIGTEGGTSLLQFPHVLVDARQTEPVIFNIPDIRTVLWHDM
HDTLTAHLVILVYNDLLNPYQNTTTGTSCTVTVETRGGTDFEFHLLKPPSRKMIFGADPSRLIPKKSMFWEGNRLPGEFK
GFSIKPLVFQANRHFDCKRQTFGWSTPEHAGVKLNIQRQNLDTEDKTDIGVHLVTGLKTIKSQVPDGWPDYYGRNIILAN
TTASFGEVSEAMLGTVVPYRVSGKLEWRHLPEIAFANGTAKNSTIVCGKYLTGNFYVGGNFTQQGNVVVYPAFWTSKHGD
TKCIGEDEDMVKRIDVLPQAQTTGGNYPIYYVTEFPAAYLPAPRVYNSQLLWTSRLLAQDVYDIGPEALAVFKIKDSAGN
WFDIGISCEGFSFVGAPTLPFSSLQFPLEASYVGMASAYNKLQHNIAGTSVTL
;
_entity_poly.pdbx_strand_id   A,B,C
#
# COMPACT_ATOMS: atom_id res chain seq x y z
N PRO A 10 -16.75 -44.81 22.94
CA PRO A 10 -18.14 -45.11 23.00
C PRO A 10 -19.07 -43.97 22.69
N ASP A 11 -19.11 -42.97 23.50
CA ASP A 11 -19.81 -41.75 23.32
C ASP A 11 -19.33 -41.02 22.10
N ILE A 12 -18.05 -40.98 21.89
CA ILE A 12 -17.36 -40.45 20.78
C ILE A 12 -17.76 -41.17 19.53
N THR A 13 -17.89 -40.54 18.41
CA THR A 13 -18.26 -41.02 17.14
C THR A 13 -17.35 -40.54 16.06
N GLY A 14 -16.72 -41.36 15.31
CA GLY A 14 -15.76 -41.08 14.40
C GLY A 14 -16.15 -40.69 13.05
N GLU A 15 -15.18 -40.30 12.21
CA GLU A 15 -15.49 -39.76 10.89
C GLU A 15 -16.12 -40.79 9.99
N GLU A 16 -15.94 -42.08 10.27
CA GLU A 16 -16.54 -43.13 9.47
C GLU A 16 -16.80 -44.31 10.41
N GLN A 17 -17.94 -44.42 10.96
CA GLN A 17 -18.36 -45.46 11.81
C GLN A 17 -19.84 -45.60 11.90
N GLY A 18 -20.36 -46.69 12.30
CA GLY A 18 -21.67 -47.06 12.44
C GLY A 18 -22.05 -48.45 12.15
N VAL A 19 -23.02 -48.99 12.78
CA VAL A 19 -23.54 -50.27 12.60
C VAL A 19 -23.89 -50.47 11.15
N ALA A 20 -23.53 -51.61 10.58
CA ALA A 20 -23.87 -51.92 9.19
C ALA A 20 -25.15 -52.77 9.18
N VAL A 21 -26.12 -52.43 8.43
CA VAL A 21 -27.44 -52.92 8.35
C VAL A 21 -27.81 -53.35 6.95
N ALA A 22 -28.30 -54.56 6.78
CA ALA A 22 -28.69 -55.05 5.47
C ALA A 22 -30.21 -55.23 5.39
N THR A 23 -30.83 -54.66 4.42
CA THR A 23 -32.22 -54.57 4.19
C THR A 23 -32.63 -55.18 2.88
N GLY A 24 -33.72 -55.93 2.86
CA GLY A 24 -34.29 -56.36 1.61
C GLY A 24 -33.32 -57.15 0.75
N THR A 25 -33.20 -56.76 -0.51
CA THR A 25 -32.48 -57.55 -1.50
C THR A 25 -31.11 -56.94 -1.75
N GLN A 26 -30.07 -57.67 -1.37
CA GLN A 26 -28.72 -57.26 -1.66
C GLN A 26 -28.26 -57.94 -2.94
N PRO A 27 -28.14 -57.23 -4.05
CA PRO A 27 -27.89 -57.91 -5.33
C PRO A 27 -26.43 -58.11 -5.70
N SER A 28 -25.65 -58.80 -4.87
CA SER A 28 -24.34 -59.31 -5.28
C SER A 28 -23.51 -58.25 -5.99
N ALA A 29 -23.10 -57.25 -5.22
CA ALA A 29 -22.45 -56.07 -5.80
C ALA A 29 -21.24 -56.37 -6.67
N PRO A 30 -20.29 -57.23 -6.30
CA PRO A 30 -19.06 -57.33 -7.08
C PRO A 30 -19.28 -57.75 -8.52
N ALA A 31 -20.19 -58.70 -8.77
CA ALA A 31 -20.39 -59.18 -10.12
C ALA A 31 -20.92 -58.08 -11.01
N MET A 32 -21.95 -57.37 -10.55
CA MET A 32 -22.49 -56.30 -11.36
C MET A 32 -21.46 -55.20 -11.56
N ALA A 33 -20.69 -54.90 -10.51
CA ALA A 33 -19.67 -53.87 -10.65
C ALA A 33 -18.66 -54.26 -11.72
N THR A 34 -18.24 -55.52 -11.74
CA THR A 34 -17.32 -55.96 -12.78
C THR A 34 -17.95 -55.88 -14.15
N LEU A 35 -19.23 -56.24 -14.24
CA LEU A 35 -19.91 -56.15 -15.53
C LEU A 35 -19.90 -54.72 -16.04
N ALA A 36 -20.24 -53.77 -15.18
CA ALA A 36 -20.22 -52.38 -15.58
C ALA A 36 -18.81 -51.93 -15.94
N THR A 37 -17.83 -52.28 -15.12
CA THR A 37 -16.46 -51.88 -15.41
C THR A 37 -16.05 -52.35 -16.79
N ALA A 38 -16.40 -53.58 -17.13
CA ALA A 38 -16.13 -54.05 -18.48
C ALA A 38 -16.89 -53.22 -19.50
N ALA A 39 -18.14 -52.87 -19.19
CA ALA A 39 -18.96 -52.19 -20.16
C ALA A 39 -18.38 -50.84 -20.56
N THR A 40 -17.49 -50.29 -19.75
CA THR A 40 -16.88 -49.00 -20.06
C THR A 40 -15.59 -48.91 -19.25
N GLY A 41 -14.47 -49.18 -19.88
CA GLY A 41 -13.21 -49.20 -19.16
C GLY A 41 -12.92 -47.84 -18.55
N THR A 42 -12.24 -47.87 -17.40
CA THR A 42 -11.89 -46.64 -16.69
C THR A 42 -10.50 -46.76 -16.09
N MET A 43 -9.73 -45.69 -16.24
CA MET A 43 -8.43 -45.56 -15.59
C MET A 43 -8.58 -44.75 -14.32
N PRO A 44 -7.55 -44.72 -13.47
CA PRO A 44 -7.67 -43.99 -12.21
C PRO A 44 -8.04 -42.53 -12.37
N GLU A 45 -7.50 -41.84 -13.37
CA GLU A 45 -7.91 -40.47 -13.69
C GLU A 45 -7.86 -40.33 -15.20
N GLU A 46 -9.03 -40.29 -15.82
CA GLU A 46 -9.07 -40.18 -17.28
C GLU A 46 -8.61 -38.82 -17.74
N TRP A 47 -8.89 -37.78 -16.97
CA TRP A 47 -8.59 -36.44 -17.43
C TRP A 47 -7.10 -36.19 -17.57
N LYS A 48 -6.27 -37.15 -17.20
CA LYS A 48 -4.84 -37.02 -17.37
C LYS A 48 -4.30 -37.86 -18.51
N THR A 49 -5.15 -38.57 -19.23
CA THR A 49 -4.66 -39.39 -20.33
C THR A 49 -4.71 -38.67 -21.66
N PHE A 50 -5.48 -37.59 -21.76
CA PHE A 50 -5.77 -36.98 -23.04
C PHE A 50 -5.73 -35.47 -22.90
N PHE A 51 -5.70 -34.77 -23.98
CA PHE A 51 -5.59 -33.37 -24.17
C PHE A 51 -6.91 -32.68 -24.32
N SER A 52 -7.09 -31.53 -23.67
CA SER A 52 -8.34 -30.81 -23.66
C SER A 52 -8.11 -29.39 -24.16
N TYR A 53 -8.89 -28.91 -25.06
CA TYR A 53 -8.87 -27.62 -25.64
C TYR A 53 -8.93 -26.56 -24.57
N TYR A 54 -8.06 -25.62 -24.54
CA TYR A 54 -7.94 -24.58 -23.60
C TYR A 54 -8.23 -23.21 -24.11
N THR A 55 -7.49 -22.77 -25.06
CA THR A 55 -7.47 -21.45 -25.58
C THR A 55 -6.79 -21.30 -26.90
N THR A 56 -7.34 -20.64 -27.83
CA THR A 56 -6.82 -20.16 -29.05
C THR A 56 -6.44 -18.72 -28.96
N VAL A 57 -5.34 -18.29 -29.45
CA VAL A 57 -4.85 -16.97 -29.54
C VAL A 57 -4.46 -16.61 -30.94
N ASN A 58 -4.76 -15.46 -31.43
CA ASN A 58 -4.50 -14.97 -32.71
C ASN A 58 -3.05 -14.67 -32.93
N TRP A 59 -2.55 -14.72 -34.17
CA TRP A 59 -1.19 -14.32 -34.56
C TRP A 59 -1.24 -13.60 -35.91
N SER A 60 -0.94 -12.31 -35.93
CA SER A 60 -1.05 -11.38 -36.97
C SER A 60 0.25 -11.13 -37.67
N THR A 61 0.27 -10.85 -38.93
CA THR A 61 1.39 -10.47 -39.69
C THR A 61 2.06 -9.24 -39.15
N THR A 62 1.39 -8.43 -38.41
CA THR A 62 1.78 -7.20 -37.86
C THR A 62 2.55 -7.30 -36.57
N ASP A 63 2.70 -8.45 -36.00
CA ASP A 63 3.38 -8.72 -34.79
C ASP A 63 4.87 -8.71 -34.99
N GLU A 64 5.60 -7.79 -34.50
CA GLU A 64 6.99 -7.71 -34.51
C GLU A 64 7.59 -8.93 -33.85
N THR A 65 8.92 -9.10 -33.90
CA THR A 65 9.59 -10.18 -33.14
C THR A 65 9.50 -9.91 -31.65
N GLY A 66 9.23 -10.95 -30.85
CA GLY A 66 9.17 -10.86 -29.39
C GLY A 66 7.84 -10.41 -28.79
N LYS A 67 6.79 -10.13 -29.58
CA LYS A 67 5.47 -9.94 -29.16
C LYS A 67 4.97 -11.17 -28.46
N VAL A 68 4.53 -11.04 -27.23
CA VAL A 68 4.00 -12.14 -26.44
C VAL A 68 2.59 -12.47 -26.93
N LEU A 69 2.32 -13.73 -27.27
CA LEU A 69 1.09 -14.22 -27.73
C LEU A 69 0.19 -14.80 -26.68
N PHE A 70 0.71 -15.32 -25.63
CA PHE A 70 0.09 -16.14 -24.68
C PHE A 70 0.84 -16.22 -23.38
N VAL A 71 0.41 -15.65 -22.31
CA VAL A 71 0.95 -15.65 -21.00
C VAL A 71 0.07 -16.41 -20.07
N GLN A 72 0.51 -17.43 -19.43
CA GLN A 72 -0.22 -18.30 -18.59
C GLN A 72 0.60 -18.87 -17.48
N GLY A 73 0.63 -18.30 -16.32
CA GLY A 73 1.14 -18.87 -15.19
C GLY A 73 0.52 -20.16 -14.85
N LEU A 74 1.24 -21.17 -14.55
CA LEU A 74 0.82 -22.47 -14.25
C LEU A 74 -0.26 -22.45 -13.21
N SER A 75 -1.32 -23.15 -13.34
CA SER A 75 -2.41 -23.28 -12.46
C SER A 75 -3.30 -24.44 -12.80
N PRO A 76 -4.34 -24.70 -12.03
CA PRO A 76 -5.33 -25.68 -12.48
C PRO A 76 -6.26 -25.13 -13.51
N ARG A 77 -6.38 -23.87 -13.68
CA ARG A 77 -7.24 -23.20 -14.56
C ARG A 77 -6.90 -23.40 -16.01
N MET A 78 -5.77 -23.92 -16.32
CA MET A 78 -5.24 -24.17 -17.60
C MET A 78 -5.91 -25.30 -18.34
N ASN A 79 -6.69 -26.11 -17.64
CA ASN A 79 -7.32 -27.27 -18.23
C ASN A 79 -8.78 -27.28 -17.79
N PRO A 80 -9.70 -27.80 -18.60
CA PRO A 80 -11.09 -27.76 -18.17
C PRO A 80 -11.37 -28.66 -17.01
N PHE A 81 -10.97 -29.92 -17.12
CA PHE A 81 -11.35 -30.88 -16.11
C PHE A 81 -10.67 -30.57 -14.78
N LEU A 82 -9.39 -30.24 -14.82
CA LEU A 82 -8.72 -29.86 -13.59
C LEU A 82 -9.32 -28.60 -13.02
N ASP A 83 -9.73 -27.66 -13.79
CA ASP A 83 -10.37 -26.47 -13.41
C ASP A 83 -11.63 -26.74 -12.63
N HIS A 84 -12.43 -27.66 -13.15
CA HIS A 84 -13.67 -28.01 -12.46
C HIS A 84 -13.37 -28.74 -11.16
N LEU A 85 -12.46 -29.70 -11.19
CA LEU A 85 -12.11 -30.41 -9.97
C LEU A 85 -11.56 -29.47 -8.92
N ALA A 86 -10.89 -28.41 -9.34
CA ALA A 86 -10.18 -27.55 -8.41
C ALA A 86 -11.11 -26.93 -7.40
N LYS A 87 -12.37 -26.87 -7.62
CA LYS A 87 -13.33 -26.36 -6.73
C LYS A 87 -13.32 -27.12 -5.43
N MET A 88 -13.00 -28.40 -5.51
CA MET A 88 -13.06 -29.30 -4.37
C MET A 88 -11.79 -29.29 -3.54
N TYR A 89 -10.81 -28.48 -3.89
CA TYR A 89 -9.51 -28.54 -3.25
C TYR A 89 -8.99 -27.15 -2.98
N THR A 90 -7.99 -27.07 -2.11
CA THR A 90 -7.38 -25.79 -1.78
C THR A 90 -5.98 -25.64 -2.33
N GLY A 91 -5.35 -26.71 -2.81
CA GLY A 91 -3.95 -26.60 -3.17
C GLY A 91 -3.58 -27.59 -4.24
N TRP A 92 -2.47 -27.30 -4.90
CA TRP A 92 -2.09 -28.04 -6.10
C TRP A 92 -0.58 -28.09 -6.23
N SER A 93 -0.12 -29.05 -7.01
CA SER A 93 1.30 -29.31 -7.17
C SER A 93 1.48 -30.11 -8.45
N GLY A 94 2.70 -30.11 -8.96
CA GLY A 94 3.02 -30.89 -10.13
C GLY A 94 2.89 -30.10 -11.42
N SER A 95 3.29 -30.68 -12.51
CA SER A 95 3.39 -30.16 -13.81
C SER A 95 2.15 -30.32 -14.63
N MET A 96 1.99 -29.61 -15.69
CA MET A 96 1.00 -29.65 -16.69
C MET A 96 1.59 -29.67 -18.07
N GLU A 97 1.18 -30.50 -18.96
CA GLU A 97 1.64 -30.71 -20.28
C GLU A 97 0.89 -29.90 -21.29
N ILE A 98 1.51 -29.14 -22.13
CA ILE A 98 1.04 -28.23 -23.09
C ILE A 98 1.20 -28.77 -24.47
N ARG A 99 0.18 -28.92 -25.25
CA ARG A 99 0.13 -29.25 -26.61
C ARG A 99 -0.44 -28.11 -27.41
N PHE A 100 0.40 -27.49 -28.21
CA PHE A 100 -0.03 -26.34 -28.96
C PHE A 100 0.17 -26.57 -30.43
N THR A 101 -0.68 -25.93 -31.21
CA THR A 101 -0.72 -26.09 -32.65
C THR A 101 -0.76 -24.74 -33.29
N ILE A 102 -0.08 -24.61 -34.41
CA ILE A 102 -0.36 -23.56 -35.36
C ILE A 102 -1.04 -24.15 -36.58
N SER A 103 -2.17 -23.57 -36.93
CA SER A 103 -2.92 -23.74 -38.12
C SER A 103 -2.69 -22.60 -39.05
N GLY A 104 -2.38 -22.86 -40.30
CA GLY A 104 -2.14 -21.81 -41.27
C GLY A 104 -1.83 -22.44 -42.60
N SER A 105 -2.13 -21.71 -43.67
CA SER A 105 -1.81 -22.05 -44.98
C SER A 105 -0.34 -22.33 -45.10
N GLY A 106 0.01 -23.38 -45.83
CA GLY A 106 1.41 -23.77 -46.03
C GLY A 106 2.25 -22.68 -46.70
N VAL A 107 1.59 -21.71 -47.36
CA VAL A 107 2.13 -20.56 -47.94
C VAL A 107 2.65 -19.60 -46.92
N PHE A 108 2.05 -19.51 -45.74
CA PHE A 108 2.51 -18.60 -44.69
C PHE A 108 3.82 -19.07 -44.05
N GLY A 109 4.62 -18.17 -43.50
CA GLY A 109 5.92 -18.50 -42.94
C GLY A 109 6.33 -17.66 -41.75
N GLY A 110 6.87 -18.31 -40.73
CA GLY A 110 7.19 -17.74 -39.43
C GLY A 110 7.47 -18.85 -38.44
N LYS A 111 8.07 -18.52 -37.31
CA LYS A 111 8.30 -19.48 -36.21
C LYS A 111 7.83 -18.90 -34.90
N LEU A 112 7.34 -19.77 -34.04
CA LEU A 112 6.78 -19.43 -32.75
C LEU A 112 7.52 -20.23 -31.68
N ALA A 113 7.91 -19.61 -30.58
CA ALA A 113 8.75 -20.22 -29.56
C ALA A 113 8.08 -20.22 -28.20
N ALA A 114 7.84 -21.40 -27.66
CA ALA A 114 7.35 -21.58 -26.31
C ALA A 114 8.52 -21.73 -25.35
N VAL A 115 8.53 -20.94 -24.28
CA VAL A 115 9.53 -20.98 -23.22
C VAL A 115 8.85 -21.10 -21.86
N MET A 116 9.35 -22.00 -21.00
CA MET A 116 8.86 -22.19 -19.64
C MET A 116 9.62 -21.25 -18.70
N VAL A 117 9.10 -20.05 -18.56
CA VAL A 117 9.65 -18.98 -17.75
C VAL A 117 9.62 -19.35 -16.26
N PRO A 118 10.75 -19.41 -15.55
CA PRO A 118 10.80 -19.68 -14.13
C PRO A 118 10.17 -18.54 -13.34
N PRO A 119 9.71 -18.75 -12.10
CA PRO A 119 8.92 -17.77 -11.37
C PRO A 119 9.50 -16.39 -11.25
N GLY A 120 10.75 -16.26 -11.04
CA GLY A 120 11.38 -15.07 -10.78
C GLY A 120 11.63 -14.11 -11.88
N ILE A 121 11.28 -14.50 -13.11
CA ILE A 121 11.49 -13.76 -14.37
C ILE A 121 10.19 -13.04 -14.76
N GLY A 122 10.28 -11.94 -15.50
CA GLY A 122 9.36 -10.93 -15.69
C GLY A 122 8.35 -10.99 -16.77
N THR A 123 8.38 -12.01 -17.62
CA THR A 123 7.29 -12.34 -18.59
C THR A 123 6.91 -11.27 -19.64
N GLU A 124 7.58 -10.13 -19.68
CA GLU A 124 7.51 -9.16 -20.77
C GLU A 124 8.16 -9.72 -22.05
N GLY A 125 7.95 -9.11 -23.22
CA GLY A 125 8.61 -9.52 -24.44
C GLY A 125 10.11 -9.22 -24.49
N GLY A 126 10.65 -9.12 -25.71
CA GLY A 126 12.04 -8.76 -25.97
C GLY A 126 12.90 -9.97 -26.31
N THR A 127 13.87 -9.79 -27.18
CA THR A 127 14.64 -10.90 -27.77
C THR A 127 15.41 -11.72 -26.72
N SER A 128 15.76 -11.12 -25.59
CA SER A 128 16.42 -11.82 -24.47
C SER A 128 15.63 -13.03 -23.98
N LEU A 129 14.31 -13.04 -24.10
CA LEU A 129 13.49 -14.17 -23.63
C LEU A 129 13.66 -15.42 -24.51
N LEU A 130 14.12 -15.30 -25.75
CA LEU A 130 14.43 -16.47 -26.58
C LEU A 130 15.59 -17.27 -25.99
N GLN A 131 16.44 -16.63 -25.20
CA GLN A 131 17.74 -17.14 -24.85
C GLN A 131 17.73 -18.16 -23.73
N PHE A 132 16.59 -18.71 -23.29
CA PHE A 132 16.58 -19.81 -22.32
C PHE A 132 15.58 -20.86 -22.74
N PRO A 133 15.76 -22.14 -22.39
CA PRO A 133 15.28 -23.28 -23.14
C PRO A 133 13.89 -23.15 -23.76
N HIS A 134 13.87 -22.99 -25.08
CA HIS A 134 12.68 -22.78 -25.88
C HIS A 134 12.47 -23.97 -26.82
N VAL A 135 11.21 -24.34 -27.04
CA VAL A 135 10.80 -25.27 -28.09
C VAL A 135 10.07 -24.49 -29.16
N LEU A 136 10.45 -24.68 -30.42
CA LEU A 136 10.00 -23.86 -31.53
C LEU A 136 9.17 -24.64 -32.55
N VAL A 137 8.14 -24.01 -33.08
CA VAL A 137 7.21 -24.58 -34.07
C VAL A 137 7.09 -23.69 -35.29
N ASP A 138 7.18 -24.28 -36.47
CA ASP A 138 6.97 -23.59 -37.73
C ASP A 138 5.50 -23.47 -38.08
N ALA A 139 5.12 -22.46 -38.85
CA ALA A 139 3.78 -22.37 -39.42
C ALA A 139 3.41 -23.53 -40.35
N ARG A 140 4.41 -24.32 -40.76
CA ARG A 140 4.28 -25.49 -41.65
C ARG A 140 4.48 -26.83 -40.94
N GLN A 141 4.68 -26.85 -39.62
CA GLN A 141 5.07 -28.05 -38.86
C GLN A 141 4.14 -29.24 -39.10
N THR A 142 2.84 -29.00 -39.25
CA THR A 142 1.84 -30.04 -39.58
C THR A 142 1.81 -31.16 -38.51
N GLU A 143 2.01 -30.78 -37.26
CA GLU A 143 2.04 -31.69 -36.09
C GLU A 143 2.00 -30.88 -34.78
N PRO A 144 1.14 -31.20 -33.79
CA PRO A 144 1.22 -30.67 -32.45
C PRO A 144 2.55 -30.91 -31.82
N VAL A 145 3.04 -29.94 -31.06
CA VAL A 145 4.28 -30.07 -30.29
C VAL A 145 3.92 -30.09 -28.82
N ILE A 146 4.54 -31.00 -28.08
CA ILE A 146 4.27 -31.39 -26.75
C ILE A 146 5.37 -30.98 -25.82
N PHE A 147 5.17 -30.00 -24.97
CA PHE A 147 6.20 -29.61 -24.03
C PHE A 147 5.64 -29.43 -22.64
N ASN A 148 6.50 -29.72 -21.70
CA ASN A 148 6.26 -29.85 -20.32
C ASN A 148 6.57 -28.59 -19.54
N ILE A 149 5.79 -28.18 -18.60
CA ILE A 149 5.91 -27.10 -17.71
C ILE A 149 6.27 -27.60 -16.34
N PRO A 150 7.54 -27.63 -15.92
CA PRO A 150 7.86 -28.10 -14.60
C PRO A 150 7.28 -27.22 -13.53
N ASP A 151 6.96 -27.72 -12.39
CA ASP A 151 6.40 -27.09 -11.25
C ASP A 151 7.47 -26.62 -10.29
N ILE A 152 8.19 -25.60 -10.61
CA ILE A 152 9.12 -24.92 -9.80
C ILE A 152 8.41 -24.27 -8.67
N ARG A 153 8.77 -24.44 -7.46
CA ARG A 153 8.20 -23.95 -6.27
C ARG A 153 9.17 -23.35 -5.32
N THR A 154 8.80 -22.46 -4.50
CA THR A 154 9.40 -22.02 -3.31
C THR A 154 8.75 -22.50 -2.05
N VAL A 155 7.51 -22.96 -2.17
CA VAL A 155 6.69 -23.39 -1.04
C VAL A 155 6.23 -24.81 -1.31
N LEU A 156 6.06 -25.58 -0.24
CA LEU A 156 5.81 -27.01 -0.40
C LEU A 156 4.57 -27.28 -1.24
N TRP A 157 3.54 -26.46 -1.16
CA TRP A 157 2.40 -26.62 -2.05
C TRP A 157 1.77 -25.27 -2.31
N HIS A 158 1.02 -25.20 -3.39
CA HIS A 158 0.48 -23.94 -3.88
C HIS A 158 -0.96 -23.76 -3.42
N ASP A 159 -1.30 -22.52 -3.07
CA ASP A 159 -2.68 -22.18 -2.85
C ASP A 159 -3.34 -21.92 -4.20
N MET A 160 -4.60 -21.69 -4.24
CA MET A 160 -5.40 -21.59 -5.39
C MET A 160 -5.21 -20.31 -6.15
N HIS A 161 -4.60 -19.31 -5.61
CA HIS A 161 -4.33 -18.03 -6.14
C HIS A 161 -2.88 -17.63 -6.23
N ASP A 162 -1.94 -18.48 -6.09
CA ASP A 162 -0.55 -18.22 -6.00
C ASP A 162 -0.05 -17.54 -7.24
N THR A 163 0.57 -16.41 -7.19
CA THR A 163 1.15 -15.63 -8.21
C THR A 163 2.62 -15.85 -8.43
N LEU A 164 3.25 -16.73 -7.74
CA LEU A 164 4.62 -17.07 -7.79
C LEU A 164 4.87 -18.30 -8.62
N THR A 165 3.95 -18.73 -9.39
CA THR A 165 3.95 -19.88 -10.20
C THR A 165 4.81 -19.71 -11.42
N ALA A 166 5.16 -20.74 -12.10
CA ALA A 166 5.86 -20.77 -13.32
C ALA A 166 5.03 -20.19 -14.41
N HIS A 167 5.58 -19.80 -15.51
CA HIS A 167 5.01 -19.12 -16.61
C HIS A 167 5.26 -19.76 -17.94
N LEU A 168 4.35 -19.77 -18.83
CA LEU A 168 4.42 -20.11 -20.20
C LEU A 168 4.25 -18.93 -21.10
N VAL A 169 5.26 -18.62 -21.90
CA VAL A 169 5.20 -17.57 -22.89
C VAL A 169 5.46 -18.15 -24.26
N ILE A 170 4.52 -17.95 -25.18
CA ILE A 170 4.58 -18.18 -26.56
C ILE A 170 4.99 -16.92 -27.26
N LEU A 171 6.25 -16.78 -27.66
CA LEU A 171 6.73 -15.62 -28.41
C LEU A 171 6.61 -15.79 -29.92
N VAL A 172 6.44 -14.67 -30.61
CA VAL A 172 6.82 -14.55 -32.02
C VAL A 172 8.34 -14.59 -32.14
N TYR A 173 8.91 -15.55 -32.86
CA TYR A 173 10.35 -15.65 -33.05
C TYR A 173 10.77 -14.94 -34.33
N ASN A 174 10.36 -15.41 -35.51
CA ASN A 174 10.45 -14.76 -36.76
C ASN A 174 9.10 -14.29 -37.22
N ASP A 175 8.91 -13.08 -37.60
CA ASP A 175 7.69 -12.48 -37.95
C ASP A 175 6.94 -13.37 -38.91
N LEU A 176 5.63 -13.21 -39.01
CA LEU A 176 4.75 -13.99 -39.88
C LEU A 176 4.69 -13.37 -41.27
N LEU A 177 5.62 -13.69 -42.18
CA LEU A 177 5.64 -13.34 -43.54
C LEU A 177 4.43 -13.88 -44.24
N ASN A 178 3.92 -13.23 -45.21
CA ASN A 178 2.81 -13.57 -46.03
C ASN A 178 3.03 -13.21 -47.46
N PRO A 179 3.35 -14.11 -48.37
CA PRO A 179 3.71 -13.70 -49.72
C PRO A 179 2.75 -12.80 -50.43
N TYR A 180 1.49 -13.05 -50.39
CA TYR A 180 0.43 -12.28 -50.90
C TYR A 180 0.15 -11.08 -50.04
N GLN A 181 -0.44 -10.05 -50.52
CA GLN A 181 -0.90 -8.91 -49.85
C GLN A 181 -1.66 -7.92 -50.69
N THR A 187 -3.21 -10.44 -42.71
CA THR A 187 -3.78 -11.69 -42.40
C THR A 187 -3.30 -12.26 -41.09
N SER A 188 -4.06 -12.93 -40.32
CA SER A 188 -3.81 -13.43 -39.02
C SER A 188 -4.03 -14.90 -38.88
N CYS A 189 -3.01 -15.69 -38.60
CA CYS A 189 -3.12 -17.08 -38.23
C CYS A 189 -3.71 -17.20 -36.82
N THR A 190 -3.92 -18.44 -36.39
CA THR A 190 -4.40 -18.86 -35.14
C THR A 190 -3.60 -19.98 -34.53
N VAL A 191 -3.30 -19.96 -33.27
CA VAL A 191 -2.61 -20.89 -32.47
C VAL A 191 -3.46 -21.38 -31.35
N THR A 192 -3.64 -22.63 -31.15
CA THR A 192 -4.45 -23.30 -30.19
C THR A 192 -3.63 -23.98 -29.14
N VAL A 193 -4.00 -23.99 -27.91
CA VAL A 193 -3.41 -24.58 -26.78
C VAL A 193 -4.26 -25.66 -26.18
N GLU A 194 -3.80 -26.84 -25.99
CA GLU A 194 -4.37 -27.97 -25.38
C GLU A 194 -3.56 -28.45 -24.20
N THR A 195 -4.12 -28.66 -23.06
CA THR A 195 -3.54 -28.94 -21.81
C THR A 195 -3.82 -30.32 -21.31
N ARG A 196 -3.15 -30.78 -20.31
CA ARG A 196 -3.16 -32.08 -19.77
C ARG A 196 -2.53 -32.20 -18.43
N GLY A 197 -3.18 -32.85 -17.48
CA GLY A 197 -2.56 -33.06 -16.19
C GLY A 197 -1.29 -33.87 -16.33
N GLY A 198 -0.23 -33.44 -15.68
CA GLY A 198 0.98 -34.21 -15.70
C GLY A 198 0.87 -35.45 -14.84
N THR A 199 1.87 -36.33 -14.98
CA THR A 199 1.94 -37.47 -14.10
C THR A 199 2.09 -37.03 -12.65
N ASP A 200 2.74 -35.89 -12.45
CA ASP A 200 3.02 -35.40 -11.10
C ASP A 200 1.88 -34.59 -10.52
N PHE A 201 0.89 -34.21 -11.31
CA PHE A 201 -0.14 -33.33 -10.79
C PHE A 201 -0.92 -34.03 -9.71
N GLU A 202 -1.27 -33.28 -8.68
CA GLU A 202 -1.91 -33.87 -7.52
C GLU A 202 -2.52 -32.74 -6.72
N PHE A 203 -3.80 -32.86 -6.44
CA PHE A 203 -4.46 -31.84 -5.65
C PHE A 203 -4.09 -32.04 -4.19
N HIS A 204 -4.69 -31.23 -3.33
CA HIS A 204 -4.31 -31.19 -1.92
C HIS A 204 -5.54 -30.83 -1.11
N LEU A 205 -5.37 -30.25 0.07
CA LEU A 205 -6.43 -30.24 1.08
C LEU A 205 -7.81 -30.16 0.45
N LEU A 206 -8.70 -31.05 0.90
CA LEU A 206 -9.99 -31.25 0.26
C LEU A 206 -11.07 -30.42 0.94
N LYS A 207 -11.91 -29.79 0.13
CA LYS A 207 -12.98 -28.94 0.64
C LYS A 207 -14.27 -29.25 -0.09
N PRO A 208 -15.40 -28.82 0.45
CA PRO A 208 -16.62 -28.83 -0.32
C PRO A 208 -16.66 -27.69 -1.29
N PRO A 209 -17.19 -27.88 -2.50
CA PRO A 209 -17.56 -26.73 -3.30
C PRO A 209 -18.69 -26.00 -2.59
N SER A 210 -18.94 -24.77 -3.00
CA SER A 210 -19.94 -23.96 -2.31
C SER A 210 -19.40 -23.45 -0.98
N ARG A 211 -18.21 -23.89 -0.61
CA ARG A 211 -17.43 -23.23 0.42
C ARG A 211 -16.51 -22.28 -0.31
N LYS A 212 -16.94 -21.10 -0.59
CA LYS A 212 -16.30 -20.10 -1.33
C LYS A 212 -14.87 -19.94 -0.92
N MET A 213 -14.03 -19.35 -1.69
CA MET A 213 -12.63 -19.26 -1.59
C MET A 213 -12.19 -18.58 -0.33
N ILE A 214 -10.95 -18.36 -0.12
CA ILE A 214 -10.35 -17.92 1.08
C ILE A 214 -11.04 -16.68 1.58
N PHE A 215 -11.50 -16.63 2.79
CA PHE A 215 -11.79 -15.46 3.50
C PHE A 215 -12.87 -14.60 2.90
N GLY A 216 -13.45 -14.97 1.81
CA GLY A 216 -14.28 -14.13 1.11
C GLY A 216 -13.75 -12.81 0.74
N ALA A 217 -12.47 -12.69 0.65
CA ALA A 217 -11.68 -11.62 0.18
C ALA A 217 -11.01 -11.87 -1.15
N ASP A 218 -11.40 -12.84 -1.90
CA ASP A 218 -10.86 -13.31 -3.11
C ASP A 218 -11.05 -12.33 -4.24
N PRO A 219 -10.01 -11.79 -4.88
CA PRO A 219 -10.19 -10.90 -6.02
C PRO A 219 -10.90 -11.55 -7.21
N SER A 220 -10.90 -12.87 -7.36
CA SER A 220 -11.52 -13.55 -8.49
C SER A 220 -13.01 -13.21 -8.60
N ARG A 221 -13.68 -13.02 -7.47
CA ARG A 221 -15.01 -12.44 -7.38
C ARG A 221 -14.93 -10.92 -7.50
N LEU A 222 -14.66 -10.42 -8.70
CA LEU A 222 -14.76 -9.00 -9.02
C LEU A 222 -15.41 -8.77 -10.37
N ILE A 223 -14.84 -9.28 -11.46
CA ILE A 223 -15.44 -9.19 -12.79
C ILE A 223 -16.24 -10.47 -13.05
N PRO A 224 -17.50 -10.42 -13.48
CA PRO A 224 -18.27 -11.60 -13.81
C PRO A 224 -17.65 -12.40 -14.95
N LYS A 225 -17.86 -13.71 -14.99
CA LYS A 225 -17.19 -14.58 -15.96
C LYS A 225 -17.70 -14.46 -17.40
N LYS A 226 -18.88 -13.91 -17.62
CA LYS A 226 -19.55 -13.69 -18.92
C LYS A 226 -20.02 -12.24 -19.05
N SER A 227 -20.00 -11.68 -20.25
CA SER A 227 -20.53 -10.33 -20.52
C SER A 227 -22.03 -10.15 -20.31
N MET A 228 -22.79 -11.20 -20.10
CA MET A 228 -24.24 -11.12 -19.88
C MET A 228 -24.61 -10.28 -18.65
N PHE A 229 -23.68 -10.11 -17.71
CA PHE A 229 -23.87 -9.48 -16.41
C PHE A 229 -23.12 -8.15 -16.23
N TRP A 230 -22.44 -7.65 -17.26
CA TRP A 230 -21.53 -6.51 -17.17
C TRP A 230 -22.21 -5.13 -17.18
N GLU A 231 -23.22 -4.91 -16.35
CA GLU A 231 -23.81 -3.58 -16.13
C GLU A 231 -22.77 -2.59 -15.60
N GLY A 232 -22.95 -1.29 -15.82
CA GLY A 232 -21.99 -0.24 -15.47
C GLY A 232 -22.41 0.58 -14.26
N ASN A 233 -21.48 1.21 -13.57
CA ASN A 233 -21.80 1.93 -12.33
C ASN A 233 -22.37 3.34 -12.52
N ARG A 234 -22.34 3.96 -13.70
CA ARG A 234 -22.85 5.33 -13.89
C ARG A 234 -24.35 5.36 -14.20
N LEU A 235 -24.83 4.68 -15.23
CA LEU A 235 -26.25 4.64 -15.66
C LEU A 235 -26.59 3.23 -16.16
N PRO A 236 -27.85 2.76 -16.09
CA PRO A 236 -28.21 1.38 -16.44
C PRO A 236 -28.05 1.07 -17.93
N GLY A 237 -27.68 -0.18 -18.25
CA GLY A 237 -27.74 -0.70 -19.62
C GLY A 237 -26.70 -1.76 -20.00
N GLU A 238 -26.98 -2.48 -21.09
CA GLU A 238 -26.16 -3.59 -21.57
C GLU A 238 -24.86 -3.12 -22.25
N PHE A 239 -23.75 -3.76 -21.88
CA PHE A 239 -22.36 -3.42 -22.17
C PHE A 239 -21.92 -3.48 -23.63
N LYS A 240 -21.18 -2.46 -24.10
CA LYS A 240 -20.73 -2.26 -25.49
C LYS A 240 -19.21 -2.17 -25.66
N GLY A 241 -18.41 -2.62 -24.69
CA GLY A 241 -16.94 -2.64 -24.77
C GLY A 241 -16.27 -1.56 -23.93
N PHE A 242 -15.13 -1.04 -24.37
CA PHE A 242 -14.26 -0.24 -23.53
C PHE A 242 -13.74 1.02 -24.25
N SER A 243 -13.18 1.95 -23.50
CA SER A 243 -12.42 3.09 -24.03
C SER A 243 -11.19 3.40 -23.19
N ILE A 244 -10.10 3.81 -23.82
CA ILE A 244 -8.85 4.24 -23.16
C ILE A 244 -8.87 5.75 -23.00
N LYS A 245 -8.42 6.31 -21.88
CA LYS A 245 -8.25 7.76 -21.71
C LYS A 245 -6.99 8.10 -20.90
N PRO A 246 -6.35 9.26 -21.11
CA PRO A 246 -5.16 9.66 -20.33
C PRO A 246 -5.46 9.88 -18.85
N LEU A 247 -6.70 10.26 -18.55
CA LEU A 247 -7.21 10.55 -17.22
C LEU A 247 -8.66 10.05 -17.12
N VAL A 248 -8.98 9.34 -16.03
CA VAL A 248 -10.28 8.70 -15.82
C VAL A 248 -10.79 9.08 -14.44
N PHE A 249 -12.05 9.46 -14.29
CA PHE A 249 -12.60 10.03 -13.06
C PHE A 249 -14.11 9.81 -12.92
N GLN A 250 -14.62 9.71 -11.70
CA GLN A 250 -16.05 9.51 -11.40
C GLN A 250 -16.24 9.63 -9.89
N ALA A 251 -17.26 10.32 -9.40
CA ALA A 251 -17.52 10.40 -7.97
C ALA A 251 -18.46 9.30 -7.50
N ASN A 252 -19.58 9.11 -8.20
CA ASN A 252 -20.68 8.27 -7.74
C ASN A 252 -20.55 6.79 -8.10
N ARG A 253 -21.08 5.91 -7.24
CA ARG A 253 -21.00 4.43 -7.32
C ARG A 253 -19.61 3.86 -7.56
N HIS A 254 -18.58 4.62 -7.21
CA HIS A 254 -17.20 4.21 -7.32
C HIS A 254 -16.66 3.88 -5.93
N PHE A 255 -16.15 2.66 -5.78
CA PHE A 255 -15.77 2.08 -4.50
C PHE A 255 -14.34 1.56 -4.52
N ASP A 256 -13.55 1.98 -3.55
CA ASP A 256 -12.18 1.70 -3.39
C ASP A 256 -11.97 0.34 -2.79
N CYS A 257 -10.76 -0.09 -2.64
CA CYS A 257 -10.37 -1.29 -2.01
C CYS A 257 -10.91 -1.40 -0.62
N LYS A 258 -10.97 -0.34 0.10
CA LYS A 258 -11.26 -0.21 1.47
C LYS A 258 -12.69 0.09 1.79
N ARG A 259 -13.61 -0.06 0.90
CA ARG A 259 -14.96 0.24 1.09
C ARG A 259 -15.23 1.72 1.24
N GLN A 260 -14.23 2.56 1.00
CA GLN A 260 -14.40 3.99 0.96
C GLN A 260 -15.01 4.34 -0.38
N THR A 261 -16.02 5.19 -0.36
CA THR A 261 -16.68 5.77 -1.47
C THR A 261 -16.94 7.24 -1.28
N PHE A 262 -16.42 8.10 -2.15
CA PHE A 262 -16.69 9.53 -2.07
C PHE A 262 -18.03 9.91 -2.71
N GLY A 263 -18.77 8.94 -3.21
CA GLY A 263 -19.98 9.12 -3.84
C GLY A 263 -21.15 9.35 -2.99
N TRP A 264 -22.36 9.11 -3.50
CA TRP A 264 -23.61 9.39 -2.80
C TRP A 264 -24.68 8.32 -3.04
N SER A 265 -24.26 7.13 -3.40
CA SER A 265 -25.10 6.07 -3.82
C SER A 265 -24.67 4.71 -3.39
N THR A 266 -25.54 3.83 -3.06
CA THR A 266 -25.36 2.46 -2.86
C THR A 266 -25.37 1.70 -4.17
N PRO A 267 -24.67 0.59 -4.30
CA PRO A 267 -24.64 -0.12 -5.56
C PRO A 267 -25.94 -0.55 -6.17
N GLU A 268 -27.05 -0.36 -5.54
CA GLU A 268 -28.32 -0.85 -5.91
C GLU A 268 -28.67 -0.49 -7.32
N HIS A 269 -28.47 0.78 -7.71
CA HIS A 269 -28.73 1.26 -9.06
C HIS A 269 -30.21 1.08 -9.50
N ALA A 270 -31.13 1.33 -8.57
CA ALA A 270 -32.53 1.14 -8.68
C ALA A 270 -33.37 2.36 -8.45
N GLY A 271 -32.92 3.53 -8.79
CA GLY A 271 -33.59 4.74 -8.71
C GLY A 271 -33.33 5.62 -7.54
N VAL A 272 -33.94 6.75 -7.46
CA VAL A 272 -33.89 7.76 -6.47
C VAL A 272 -35.18 7.87 -5.72
N LYS A 273 -35.12 7.68 -4.40
CA LYS A 273 -36.27 7.60 -3.50
C LYS A 273 -36.51 9.00 -2.97
N LEU A 274 -37.22 9.85 -3.68
CA LEU A 274 -37.32 11.28 -3.36
C LEU A 274 -38.74 11.67 -2.96
N ASN A 275 -38.86 12.84 -2.36
CA ASN A 275 -40.06 13.47 -1.93
C ASN A 275 -40.23 14.85 -2.47
N ILE A 276 -41.40 15.21 -2.99
CA ILE A 276 -41.70 16.49 -3.66
C ILE A 276 -42.60 17.36 -2.77
N GLN A 277 -42.23 18.62 -2.61
CA GLN A 277 -42.91 19.69 -1.98
C GLN A 277 -43.75 20.47 -2.96
N ARG A 278 -45.05 20.63 -2.67
CA ARG A 278 -46.06 21.14 -3.61
C ARG A 278 -45.73 22.47 -4.31
N GLN A 279 -44.90 23.33 -3.70
CA GLN A 279 -44.58 24.64 -4.12
C GLN A 279 -44.03 24.64 -5.53
N ASN A 280 -44.55 25.53 -6.40
CA ASN A 280 -44.15 25.60 -7.82
C ASN A 280 -42.94 26.52 -8.09
N LEU A 281 -42.42 27.13 -7.02
CA LEU A 281 -41.29 28.03 -6.95
C LEU A 281 -41.35 29.30 -7.85
N ASP A 282 -42.57 29.67 -8.35
CA ASP A 282 -42.95 30.92 -8.90
C ASP A 282 -42.02 31.37 -10.00
N THR A 283 -41.82 30.61 -11.01
CA THR A 283 -41.22 30.92 -12.25
C THR A 283 -42.20 31.71 -13.09
N GLU A 284 -41.92 31.98 -14.32
CA GLU A 284 -42.82 32.52 -15.28
C GLU A 284 -43.96 31.58 -15.52
N ASP A 285 -45.18 31.93 -15.27
CA ASP A 285 -46.36 31.16 -15.38
C ASP A 285 -46.48 30.42 -16.68
N LYS A 286 -45.76 30.78 -17.69
CA LYS A 286 -45.64 30.27 -18.99
C LYS A 286 -44.21 30.00 -19.36
N THR A 287 -43.93 29.38 -20.46
CA THR A 287 -42.66 29.33 -21.06
C THR A 287 -41.70 28.42 -20.33
N ASP A 288 -42.11 27.81 -19.26
CA ASP A 288 -41.42 26.90 -18.44
C ASP A 288 -42.33 26.07 -17.57
N ILE A 289 -41.95 24.84 -17.24
CA ILE A 289 -42.76 23.94 -16.40
C ILE A 289 -42.65 24.25 -14.91
N GLY A 290 -42.01 25.35 -14.58
CA GLY A 290 -41.58 25.62 -13.19
C GLY A 290 -40.67 24.53 -12.63
N VAL A 291 -40.43 24.57 -11.33
CA VAL A 291 -39.56 23.67 -10.58
C VAL A 291 -40.05 23.42 -9.15
N HIS A 292 -39.73 22.28 -8.59
CA HIS A 292 -40.00 21.95 -7.20
C HIS A 292 -38.62 21.74 -6.53
N LEU A 293 -38.45 22.21 -5.29
CA LEU A 293 -37.37 21.67 -4.46
C LEU A 293 -37.63 20.16 -4.18
N VAL A 294 -36.62 19.47 -3.71
CA VAL A 294 -36.62 18.02 -3.45
C VAL A 294 -36.06 17.74 -2.05
N THR A 295 -36.65 16.77 -1.34
CA THR A 295 -35.98 16.16 -0.17
C THR A 295 -35.83 14.67 -0.43
N GLY A 296 -34.63 14.13 -0.20
CA GLY A 296 -34.39 12.69 -0.36
C GLY A 296 -35.00 11.90 0.77
N LEU A 297 -35.62 10.78 0.49
CA LEU A 297 -36.12 9.91 1.57
C LEU A 297 -34.98 9.16 2.28
N LYS A 298 -33.83 8.99 1.60
CA LYS A 298 -32.70 8.25 2.00
C LYS A 298 -31.41 8.93 1.63
N THR A 299 -30.36 8.78 2.37
CA THR A 299 -29.08 9.36 2.25
C THR A 299 -27.97 8.53 2.80
N ILE A 300 -27.01 8.14 2.05
CA ILE A 300 -25.84 7.46 2.45
C ILE A 300 -24.83 8.38 3.10
N LYS A 301 -24.75 9.65 2.68
CA LYS A 301 -23.72 10.63 3.10
C LYS A 301 -24.37 11.86 3.78
N SER A 302 -23.87 13.07 3.53
CA SER A 302 -24.60 14.34 3.73
C SER A 302 -25.96 14.35 3.02
N GLN A 303 -26.73 15.43 3.14
CA GLN A 303 -28.16 15.51 2.78
C GLN A 303 -28.51 15.01 1.36
N VAL A 304 -27.53 14.94 0.46
CA VAL A 304 -27.62 14.18 -0.81
C VAL A 304 -28.49 12.90 -0.98
N PRO A 305 -29.57 13.05 -1.70
CA PRO A 305 -30.45 11.97 -2.08
C PRO A 305 -29.70 10.92 -2.85
N ASP A 306 -30.03 9.67 -2.62
CA ASP A 306 -29.44 8.54 -3.21
C ASP A 306 -29.65 8.50 -4.69
N GLY A 307 -28.70 8.80 -5.51
CA GLY A 307 -28.65 8.57 -6.87
C GLY A 307 -28.83 9.64 -7.87
N TRP A 308 -28.52 10.90 -7.52
CA TRP A 308 -28.45 11.95 -8.56
C TRP A 308 -27.48 11.56 -9.66
N PRO A 309 -27.75 11.90 -10.93
CA PRO A 309 -26.82 11.62 -12.00
C PRO A 309 -25.51 12.38 -11.78
N ASP A 310 -24.39 11.67 -11.92
CA ASP A 310 -23.03 12.22 -11.75
C ASP A 310 -22.68 13.20 -12.87
N TYR A 311 -23.34 13.15 -14.04
CA TYR A 311 -23.05 14.00 -15.20
C TYR A 311 -24.27 14.74 -15.70
N TYR A 312 -24.22 16.08 -15.80
CA TYR A 312 -25.11 16.88 -16.60
C TYR A 312 -24.61 18.31 -16.73
N GLY A 313 -25.12 19.08 -17.71
CA GLY A 313 -24.73 20.47 -17.91
C GLY A 313 -25.00 21.35 -16.69
N ARG A 314 -23.99 22.14 -16.29
CA ARG A 314 -24.21 23.33 -15.46
C ARG A 314 -25.01 24.37 -16.23
N ASN A 315 -25.58 25.36 -15.53
CA ASN A 315 -26.33 26.41 -16.10
C ASN A 315 -27.49 25.87 -16.90
N ILE A 316 -28.43 25.19 -16.22
CA ILE A 316 -29.64 24.63 -16.83
C ILE A 316 -30.69 25.74 -17.04
N ILE A 317 -30.75 26.26 -18.26
CA ILE A 317 -31.64 27.26 -18.72
C ILE A 317 -32.97 26.64 -19.03
N LEU A 318 -33.89 26.57 -18.08
CA LEU A 318 -35.25 26.10 -18.35
C LEU A 318 -36.16 27.25 -18.81
N ALA A 319 -36.49 27.25 -20.10
CA ALA A 319 -37.33 28.14 -20.81
C ALA A 319 -38.05 27.46 -21.94
N ASN A 320 -39.21 27.88 -22.31
CA ASN A 320 -40.02 27.31 -23.32
C ASN A 320 -40.31 25.86 -23.07
N THR A 321 -40.03 25.33 -21.94
CA THR A 321 -40.08 23.96 -21.57
C THR A 321 -41.47 23.43 -21.44
N THR A 322 -42.51 24.23 -21.64
CA THR A 322 -43.91 23.85 -21.41
C THR A 322 -44.40 22.84 -22.42
N ALA A 323 -43.93 22.94 -23.67
CA ALA A 323 -44.24 22.06 -24.73
C ALA A 323 -43.63 20.69 -24.51
N SER A 324 -42.37 20.60 -24.36
CA SER A 324 -41.55 19.46 -24.26
C SER A 324 -40.15 19.76 -23.83
N PHE A 325 -39.44 18.78 -23.28
CA PHE A 325 -38.08 18.90 -22.78
C PHE A 325 -37.11 19.01 -23.97
N GLY A 326 -37.14 20.16 -24.64
CA GLY A 326 -36.19 20.59 -25.65
C GLY A 326 -34.99 21.37 -25.09
N GLU A 327 -34.68 21.22 -23.80
CA GLU A 327 -33.58 21.95 -23.15
C GLU A 327 -32.22 21.59 -23.77
N VAL A 328 -31.31 22.57 -23.86
CA VAL A 328 -29.92 22.32 -24.25
C VAL A 328 -29.15 21.65 -23.11
N SER A 329 -28.01 21.01 -23.45
CA SER A 329 -27.00 20.48 -22.51
C SER A 329 -27.64 19.74 -21.32
N GLU A 330 -28.40 18.69 -21.62
CA GLU A 330 -29.45 18.20 -20.73
C GLU A 330 -28.96 17.76 -19.36
N ALA A 331 -29.83 17.96 -18.36
CA ALA A 331 -29.83 17.08 -17.21
C ALA A 331 -30.74 15.89 -17.48
N MET A 332 -30.54 14.78 -16.78
CA MET A 332 -31.27 13.57 -17.09
C MET A 332 -32.77 13.83 -17.05
N LEU A 333 -33.45 13.49 -18.12
CA LEU A 333 -34.88 13.28 -18.05
C LEU A 333 -35.09 11.95 -17.34
N GLY A 334 -36.07 11.86 -16.45
CA GLY A 334 -36.36 10.62 -15.76
C GLY A 334 -37.84 10.38 -15.55
N THR A 335 -38.26 9.16 -15.87
CA THR A 335 -39.65 8.73 -15.80
C THR A 335 -39.99 8.33 -14.36
N VAL A 336 -41.23 8.58 -13.91
CA VAL A 336 -41.59 8.67 -12.47
C VAL A 336 -42.67 7.69 -12.06
N VAL A 337 -42.59 7.12 -10.87
CA VAL A 337 -43.66 6.29 -10.28
C VAL A 337 -44.05 6.78 -8.88
N PRO A 338 -45.31 6.66 -8.47
CA PRO A 338 -45.72 6.85 -7.09
C PRO A 338 -45.02 5.84 -6.17
N TYR A 339 -44.53 6.28 -5.02
CA TYR A 339 -43.68 5.46 -4.14
C TYR A 339 -44.45 4.27 -3.55
N ARG A 340 -45.50 4.55 -2.79
CA ARG A 340 -46.56 3.63 -2.34
C ARG A 340 -47.62 4.45 -1.59
N VAL A 341 -48.87 4.03 -1.69
CA VAL A 341 -50.02 4.70 -1.09
C VAL A 341 -50.95 3.68 -0.42
N SER A 342 -51.80 4.12 0.50
CA SER A 342 -52.87 3.30 1.09
C SER A 342 -54.24 3.49 0.42
N GLY A 343 -54.42 4.57 -0.34
CA GLY A 343 -55.67 4.94 -1.00
C GLY A 343 -55.73 4.54 -2.48
N LYS A 344 -56.56 5.26 -3.24
CA LYS A 344 -56.68 5.15 -4.70
C LYS A 344 -55.39 5.54 -5.41
N LEU A 345 -55.14 6.84 -5.52
CA LEU A 345 -53.89 7.45 -5.94
C LEU A 345 -53.94 8.95 -5.62
N GLU A 346 -53.12 9.43 -4.70
CA GLU A 346 -53.09 10.85 -4.35
C GLU A 346 -52.51 11.73 -5.47
N TRP A 347 -51.56 11.18 -6.24
CA TRP A 347 -50.91 11.81 -7.37
C TRP A 347 -51.79 11.94 -8.61
N ARG A 348 -51.39 12.85 -9.51
CA ARG A 348 -52.04 13.07 -10.82
C ARG A 348 -51.01 13.17 -11.90
N HIS A 349 -51.31 12.53 -13.03
CA HIS A 349 -50.67 12.71 -14.34
C HIS A 349 -49.14 12.93 -14.30
N LEU A 350 -48.39 12.08 -13.57
CA LEU A 350 -46.96 12.31 -13.29
C LEU A 350 -46.18 12.45 -14.59
N PRO A 351 -45.60 13.62 -14.88
CA PRO A 351 -44.79 13.84 -16.05
C PRO A 351 -43.38 13.31 -15.90
N GLU A 352 -42.59 13.41 -16.97
CA GLU A 352 -41.18 13.16 -16.89
C GLU A 352 -40.51 14.27 -16.06
N ILE A 353 -39.60 13.90 -15.15
CA ILE A 353 -38.80 14.86 -14.39
C ILE A 353 -37.58 15.28 -15.23
N ALA A 354 -37.11 16.49 -15.05
CA ALA A 354 -35.70 16.83 -15.28
C ALA A 354 -34.98 17.14 -13.96
N PHE A 355 -33.81 16.56 -13.72
CA PHE A 355 -33.03 16.68 -12.48
C PHE A 355 -32.22 17.99 -12.39
N ALA A 356 -32.06 18.63 -11.22
CA ALA A 356 -31.16 19.78 -11.06
C ALA A 356 -30.70 20.01 -9.62
N ASN A 357 -29.52 20.62 -9.42
CA ASN A 357 -28.91 20.83 -8.10
C ASN A 357 -28.23 22.21 -8.05
N GLY A 358 -28.17 22.87 -6.90
CA GLY A 358 -27.58 24.19 -6.76
C GLY A 358 -28.48 25.19 -6.06
N THR A 359 -28.75 26.34 -6.68
CA THR A 359 -29.75 27.29 -6.16
C THR A 359 -30.61 27.87 -7.28
N ALA A 360 -31.91 27.94 -7.10
CA ALA A 360 -32.84 28.59 -8.01
C ALA A 360 -32.80 30.13 -7.80
N LYS A 361 -31.74 30.78 -8.28
CA LYS A 361 -31.56 32.17 -8.37
C LYS A 361 -32.64 32.82 -9.18
N ASN A 362 -33.16 32.17 -10.16
CA ASN A 362 -34.12 32.55 -11.11
C ASN A 362 -35.02 31.41 -11.48
N SER A 363 -35.82 31.51 -12.48
CA SER A 363 -36.52 30.48 -13.13
C SER A 363 -35.59 29.37 -13.58
N THR A 364 -34.43 29.70 -14.05
CA THR A 364 -33.35 28.86 -14.39
C THR A 364 -32.55 28.50 -13.16
N ILE A 365 -32.11 27.25 -13.04
CA ILE A 365 -31.35 26.83 -11.88
C ILE A 365 -29.87 26.92 -12.17
N VAL A 366 -29.19 27.66 -11.30
CA VAL A 366 -27.79 27.83 -11.27
C VAL A 366 -27.15 26.61 -10.68
N CYS A 367 -26.57 25.74 -11.49
CA CYS A 367 -25.96 24.48 -11.07
C CYS A 367 -24.45 24.60 -11.01
N GLY A 368 -23.85 24.24 -9.89
CA GLY A 368 -22.39 24.23 -9.73
C GLY A 368 -21.74 22.90 -10.07
N LYS A 369 -20.39 22.86 -10.08
CA LYS A 369 -19.63 21.59 -10.20
C LYS A 369 -19.81 20.69 -8.97
N TYR A 370 -20.21 21.27 -7.85
CA TYR A 370 -20.31 20.61 -6.55
C TYR A 370 -21.76 20.34 -6.13
N LEU A 371 -22.12 19.15 -5.63
CA LEU A 371 -23.48 18.87 -5.15
C LEU A 371 -23.77 19.40 -3.74
N THR A 372 -23.16 20.53 -3.32
CA THR A 372 -23.45 21.12 -2.00
C THR A 372 -24.81 21.80 -1.87
N GLY A 373 -25.33 22.35 -2.98
CA GLY A 373 -26.55 23.18 -2.96
C GLY A 373 -27.86 22.44 -2.67
N ASN A 374 -29.01 23.12 -2.63
CA ASN A 374 -30.29 22.41 -2.62
C ASN A 374 -30.57 21.65 -3.94
N PHE A 375 -31.52 20.73 -3.87
CA PHE A 375 -31.90 19.83 -4.97
C PHE A 375 -33.29 20.14 -5.46
N TYR A 376 -33.47 20.10 -6.78
CA TYR A 376 -34.63 20.61 -7.45
C TYR A 376 -34.98 19.68 -8.62
N VAL A 377 -36.26 19.57 -8.97
CA VAL A 377 -36.71 18.87 -10.19
C VAL A 377 -37.65 19.73 -10.98
N GLY A 378 -37.43 19.77 -12.27
CA GLY A 378 -38.37 20.29 -13.24
C GLY A 378 -39.46 19.30 -13.55
N GLY A 379 -40.72 19.67 -13.32
CA GLY A 379 -41.85 18.79 -13.55
C GLY A 379 -43.15 19.45 -13.14
N ASN A 380 -44.21 19.18 -13.91
CA ASN A 380 -45.57 19.67 -13.65
C ASN A 380 -46.27 18.96 -12.46
N PHE A 381 -45.66 18.93 -11.28
CA PHE A 381 -46.31 18.44 -10.06
C PHE A 381 -47.18 19.52 -9.43
N THR A 382 -48.17 19.13 -8.64
CA THR A 382 -48.96 20.03 -7.76
C THR A 382 -49.28 19.41 -6.42
N GLN A 383 -49.35 18.08 -6.34
CA GLN A 383 -49.50 17.41 -5.05
C GLN A 383 -48.17 17.26 -4.30
N GLN A 384 -48.23 16.93 -3.01
CA GLN A 384 -47.07 16.49 -2.24
C GLN A 384 -47.17 14.99 -1.98
N GLY A 385 -46.07 14.29 -2.13
CA GLY A 385 -45.92 12.93 -1.93
C GLY A 385 -44.64 12.32 -2.28
N ASN A 386 -44.42 11.08 -1.86
CA ASN A 386 -43.20 10.36 -2.18
C ASN A 386 -43.29 9.81 -3.61
N VAL A 387 -42.20 9.89 -4.36
CA VAL A 387 -42.08 9.29 -5.70
C VAL A 387 -40.73 8.64 -5.88
N VAL A 388 -40.64 7.68 -6.80
CA VAL A 388 -39.35 7.17 -7.27
C VAL A 388 -39.18 7.59 -8.71
N VAL A 389 -38.02 8.12 -9.08
CA VAL A 389 -37.70 8.48 -10.45
C VAL A 389 -36.49 7.73 -10.93
N TYR A 390 -36.50 7.36 -12.21
CA TYR A 390 -35.42 6.63 -12.87
C TYR A 390 -34.77 7.52 -13.92
N PRO A 391 -33.47 7.77 -13.89
CA PRO A 391 -32.82 8.53 -14.94
C PRO A 391 -32.89 7.74 -16.25
N ALA A 392 -33.41 8.35 -17.30
CA ALA A 392 -33.96 7.62 -18.43
C ALA A 392 -33.71 8.24 -19.81
N PHE A 393 -33.33 9.52 -19.95
CA PHE A 393 -32.95 10.08 -21.25
C PHE A 393 -31.95 11.24 -21.17
N TRP A 394 -31.16 11.46 -22.23
CA TRP A 394 -30.20 12.56 -22.31
C TRP A 394 -29.99 13.12 -23.75
N THR A 395 -29.56 14.38 -23.87
CA THR A 395 -28.98 14.97 -25.09
C THR A 395 -28.06 16.15 -24.76
N SER A 396 -27.19 16.53 -25.68
CA SER A 396 -26.45 17.80 -25.66
C SER A 396 -26.80 18.63 -26.91
N LYS A 397 -26.19 19.80 -27.11
CA LYS A 397 -26.39 20.57 -28.35
C LYS A 397 -25.89 19.76 -29.55
N HIS A 398 -26.44 20.01 -30.75
CA HIS A 398 -26.19 19.33 -31.97
C HIS A 398 -24.74 19.26 -32.32
N GLY A 399 -23.92 20.16 -31.88
CA GLY A 399 -22.56 20.17 -32.13
C GLY A 399 -21.70 19.21 -31.43
N ASP A 400 -22.23 18.47 -30.52
CA ASP A 400 -21.61 17.57 -29.63
C ASP A 400 -21.60 16.14 -30.11
N THR A 401 -20.60 15.38 -29.84
CA THR A 401 -20.45 13.99 -30.00
C THR A 401 -19.80 13.25 -28.86
N LYS A 402 -19.70 13.81 -27.70
CA LYS A 402 -19.03 13.36 -26.54
C LYS A 402 -19.90 12.44 -25.70
N CYS A 403 -19.46 11.31 -25.30
CA CYS A 403 -20.13 10.34 -24.53
C CYS A 403 -20.31 10.77 -23.10
N ILE A 404 -21.36 10.28 -22.44
CA ILE A 404 -21.72 10.70 -21.08
C ILE A 404 -20.57 10.37 -20.13
N GLY A 405 -20.10 11.37 -19.37
CA GLY A 405 -18.96 11.22 -18.45
C GLY A 405 -17.61 11.72 -19.01
N GLU A 406 -17.53 12.21 -20.25
CA GLU A 406 -16.28 12.68 -20.86
C GLU A 406 -15.73 13.98 -20.23
N ASP A 407 -16.54 14.95 -19.83
CA ASP A 407 -16.17 16.26 -19.41
C ASP A 407 -15.92 16.33 -17.93
N GLU A 408 -14.79 16.78 -17.48
CA GLU A 408 -14.45 17.00 -16.13
C GLU A 408 -15.48 17.83 -15.43
N ASP A 409 -15.77 18.98 -15.94
CA ASP A 409 -16.62 19.96 -15.41
C ASP A 409 -17.99 19.43 -15.09
N MET A 410 -18.56 18.65 -16.01
CA MET A 410 -19.92 18.15 -15.85
C MET A 410 -20.03 17.00 -14.86
N VAL A 411 -18.91 16.35 -14.50
CA VAL A 411 -18.84 15.35 -13.44
C VAL A 411 -18.98 16.07 -12.12
N LYS A 412 -20.10 15.83 -11.45
CA LYS A 412 -20.46 16.48 -10.19
C LYS A 412 -19.78 15.82 -9.01
N ARG A 413 -19.44 16.61 -8.00
CA ARG A 413 -18.52 16.21 -6.91
C ARG A 413 -19.11 16.65 -5.58
N ILE A 414 -19.06 15.84 -4.53
CA ILE A 414 -19.31 16.34 -3.18
C ILE A 414 -18.03 16.75 -2.49
N ASP A 415 -16.97 16.09 -2.91
CA ASP A 415 -15.73 15.89 -2.17
C ASP A 415 -14.61 15.86 -3.22
N VAL A 416 -13.45 15.39 -2.82
CA VAL A 416 -12.38 14.98 -3.73
C VAL A 416 -12.95 14.03 -4.79
N LEU A 417 -12.66 14.34 -6.05
CA LEU A 417 -13.00 13.63 -7.22
C LEU A 417 -11.95 12.60 -7.56
N PRO A 418 -12.13 11.32 -7.29
CA PRO A 418 -11.08 10.36 -7.54
C PRO A 418 -10.73 10.25 -8.98
N GLN A 419 -9.52 10.06 -9.36
CA GLN A 419 -8.99 10.18 -10.67
C GLN A 419 -7.76 9.35 -10.90
N ALA A 420 -7.64 8.63 -11.96
CA ALA A 420 -6.58 7.80 -12.36
C ALA A 420 -5.81 8.36 -13.53
N GLN A 421 -4.57 8.63 -13.44
CA GLN A 421 -3.67 9.09 -14.42
C GLN A 421 -3.03 7.95 -15.14
N THR A 422 -2.46 8.14 -16.28
CA THR A 422 -1.62 7.23 -16.94
C THR A 422 -0.55 6.76 -16.00
N THR A 423 -0.59 5.58 -15.50
CA THR A 423 0.14 5.01 -14.43
C THR A 423 1.13 3.98 -14.87
N GLY A 424 2.39 4.24 -14.94
CA GLY A 424 3.38 3.30 -15.14
C GLY A 424 3.27 2.39 -16.28
N GLY A 425 3.01 2.86 -17.43
CA GLY A 425 2.76 2.15 -18.58
C GLY A 425 1.41 1.63 -18.81
N ASN A 426 0.47 1.96 -17.99
CA ASN A 426 -0.88 1.58 -17.95
C ASN A 426 -1.80 2.74 -18.09
N TYR A 427 -2.82 2.64 -18.91
CA TYR A 427 -3.77 3.69 -19.17
C TYR A 427 -5.07 3.23 -18.53
N PRO A 428 -5.68 4.07 -17.68
CA PRO A 428 -6.95 3.72 -17.10
C PRO A 428 -8.03 3.69 -18.18
N ILE A 429 -9.07 2.90 -17.94
CA ILE A 429 -10.15 2.66 -18.89
C ILE A 429 -11.52 2.94 -18.32
N TYR A 430 -12.44 3.32 -19.19
CA TYR A 430 -13.86 3.37 -18.91
C TYR A 430 -14.54 2.21 -19.61
N TYR A 431 -15.38 1.47 -18.90
CA TYR A 431 -16.34 0.56 -19.51
C TYR A 431 -17.42 1.39 -20.19
N VAL A 432 -17.78 1.09 -21.45
CA VAL A 432 -18.85 1.81 -22.14
C VAL A 432 -20.11 0.96 -22.22
N THR A 433 -21.24 1.52 -21.81
CA THR A 433 -22.54 0.88 -21.97
C THR A 433 -23.52 1.85 -22.63
N GLU A 434 -24.58 1.37 -23.29
CA GLU A 434 -25.54 2.26 -23.93
C GLU A 434 -26.58 2.81 -22.93
N PHE A 435 -27.01 4.04 -23.14
CA PHE A 435 -28.08 4.71 -22.41
C PHE A 435 -29.02 5.40 -23.40
N PRO A 436 -30.33 5.49 -23.18
CA PRO A 436 -31.21 6.18 -24.11
C PRO A 436 -30.86 7.67 -24.18
N ALA A 437 -30.54 8.13 -25.39
CA ALA A 437 -30.18 9.51 -25.68
C ALA A 437 -30.39 9.80 -27.16
N ALA A 438 -30.45 11.07 -27.55
CA ALA A 438 -30.76 11.45 -28.93
C ALA A 438 -29.79 12.44 -29.57
N TYR A 439 -29.73 12.36 -30.90
CA TYR A 439 -28.79 13.05 -31.81
C TYR A 439 -27.34 13.07 -31.30
N LEU A 440 -26.99 12.02 -30.56
CA LEU A 440 -25.73 11.61 -30.07
C LEU A 440 -25.41 10.28 -30.65
N PRO A 441 -24.84 10.19 -31.85
CA PRO A 441 -24.78 8.92 -32.56
C PRO A 441 -24.29 7.77 -31.72
N ALA A 442 -24.99 6.68 -31.64
CA ALA A 442 -24.65 5.56 -30.87
C ALA A 442 -24.41 5.97 -29.45
N PRO A 443 -25.41 6.38 -28.68
CA PRO A 443 -25.19 6.89 -27.36
C PRO A 443 -24.48 5.94 -26.44
N ARG A 444 -23.48 6.41 -25.72
CA ARG A 444 -22.74 5.64 -24.73
C ARG A 444 -22.61 6.43 -23.44
N VAL A 445 -22.50 5.70 -22.34
CA VAL A 445 -22.10 6.22 -21.05
C VAL A 445 -20.82 5.53 -20.58
N TYR A 446 -19.90 6.31 -20.05
CA TYR A 446 -18.62 5.84 -19.53
C TYR A 446 -18.76 5.49 -18.04
N ASN A 447 -18.13 4.40 -17.61
CA ASN A 447 -18.22 3.90 -16.24
C ASN A 447 -16.83 3.53 -15.73
N SER A 448 -16.50 3.94 -14.51
CA SER A 448 -15.25 3.60 -13.86
C SER A 448 -15.19 2.14 -13.44
N GLN A 449 -16.34 1.52 -13.22
CA GLN A 449 -16.48 0.17 -12.74
C GLN A 449 -17.66 -0.51 -13.38
N LEU A 450 -17.59 -1.83 -13.47
CA LEU A 450 -18.78 -2.63 -13.59
C LEU A 450 -19.62 -2.55 -12.31
N LEU A 451 -20.90 -2.88 -12.41
CA LEU A 451 -21.81 -2.92 -11.28
C LEU A 451 -21.41 -4.02 -10.29
N TRP A 452 -20.91 -5.15 -10.77
CA TRP A 452 -20.44 -6.23 -9.89
C TRP A 452 -19.25 -5.79 -9.06
N THR A 453 -18.33 -5.03 -9.65
CA THR A 453 -17.23 -4.39 -8.94
C THR A 453 -17.66 -3.18 -8.11
N SER A 454 -18.93 -2.77 -8.16
CA SER A 454 -19.47 -1.81 -7.22
C SER A 454 -20.19 -2.47 -6.04
N ARG A 455 -20.96 -3.55 -6.23
CA ARG A 455 -21.60 -4.29 -5.22
C ARG A 455 -20.58 -4.81 -4.25
N LEU A 456 -19.66 -5.56 -4.71
CA LEU A 456 -18.45 -5.89 -4.11
C LEU A 456 -17.60 -4.66 -3.97
N LEU A 457 -16.65 -4.63 -3.13
CA LEU A 457 -15.91 -3.48 -2.81
C LEU A 457 -16.74 -2.53 -1.99
N ALA A 458 -17.96 -2.87 -1.70
CA ALA A 458 -18.86 -2.29 -0.80
C ALA A 458 -19.15 -3.14 0.40
N GLN A 459 -19.36 -4.40 0.20
CA GLN A 459 -19.67 -5.39 1.14
C GLN A 459 -18.49 -6.07 1.78
N ASP A 460 -17.37 -6.08 1.17
CA ASP A 460 -16.17 -6.68 1.58
C ASP A 460 -14.95 -5.84 1.34
N VAL A 461 -13.97 -5.91 2.14
CA VAL A 461 -12.67 -5.37 2.01
C VAL A 461 -11.84 -6.27 1.16
N TYR A 462 -10.91 -5.82 0.40
CA TYR A 462 -10.04 -6.53 -0.44
C TYR A 462 -8.59 -6.27 -0.18
N ASP A 463 -7.71 -7.08 -0.69
CA ASP A 463 -6.32 -7.15 -0.53
C ASP A 463 -5.53 -6.49 -1.59
N ILE A 464 -6.13 -5.84 -2.53
CA ILE A 464 -5.52 -5.14 -3.59
C ILE A 464 -4.43 -4.28 -3.04
N GLY A 465 -3.21 -4.50 -3.33
CA GLY A 465 -2.13 -3.89 -2.76
C GLY A 465 -1.93 -2.47 -3.01
N PRO A 466 -1.19 -1.75 -2.18
CA PRO A 466 -0.95 -0.34 -2.44
C PRO A 466 -0.36 -0.04 -3.76
N GLU A 467 0.45 -0.95 -4.28
CA GLU A 467 1.05 -0.82 -5.60
C GLU A 467 0.87 -2.11 -6.37
N ALA A 468 -0.18 -2.83 -6.18
CA ALA A 468 -0.58 -4.03 -6.77
C ALA A 468 -1.87 -3.93 -7.51
N LEU A 469 -2.08 -4.66 -8.54
CA LEU A 469 -3.19 -4.77 -9.39
C LEU A 469 -3.67 -6.19 -9.52
N ALA A 470 -4.91 -6.46 -9.56
CA ALA A 470 -5.54 -7.71 -9.79
C ALA A 470 -5.90 -7.89 -11.24
N VAL A 471 -5.09 -8.43 -12.07
CA VAL A 471 -5.13 -8.49 -13.47
C VAL A 471 -6.06 -9.58 -13.93
N PHE A 472 -6.98 -9.32 -14.84
CA PHE A 472 -7.93 -10.27 -15.39
C PHE A 472 -7.75 -10.36 -16.89
N LYS A 473 -7.72 -11.57 -17.42
CA LYS A 473 -7.61 -11.93 -18.78
C LYS A 473 -8.96 -11.96 -19.42
N ILE A 474 -9.29 -10.94 -20.21
CA ILE A 474 -10.57 -10.85 -20.90
C ILE A 474 -10.38 -11.30 -22.34
N LYS A 475 -11.25 -12.20 -22.81
CA LYS A 475 -11.13 -13.00 -23.96
C LYS A 475 -12.28 -12.92 -24.92
N ASP A 476 -12.10 -12.51 -26.12
CA ASP A 476 -12.95 -12.57 -27.23
C ASP A 476 -13.36 -13.99 -27.50
N SER A 477 -14.16 -14.25 -28.46
CA SER A 477 -14.34 -15.49 -29.11
C SER A 477 -13.26 -15.78 -30.11
N ALA A 478 -12.84 -14.80 -30.82
CA ALA A 478 -11.92 -14.82 -31.89
C ALA A 478 -10.48 -14.96 -31.45
N GLY A 479 -10.23 -15.28 -30.23
CA GLY A 479 -9.00 -15.50 -29.66
C GLY A 479 -8.22 -14.39 -29.08
N ASN A 480 -8.56 -13.19 -29.35
CA ASN A 480 -7.98 -12.01 -28.85
C ASN A 480 -8.05 -11.98 -27.35
N TRP A 481 -7.21 -11.29 -26.68
CA TRP A 481 -7.19 -11.09 -25.30
C TRP A 481 -6.43 -9.89 -24.85
N PHE A 482 -6.74 -9.38 -23.68
CA PHE A 482 -5.98 -8.33 -23.03
C PHE A 482 -6.27 -8.36 -21.53
N ASP A 483 -5.41 -7.71 -20.76
CA ASP A 483 -5.38 -7.67 -19.36
C ASP A 483 -5.90 -6.39 -18.76
N ILE A 484 -6.94 -6.49 -17.93
CA ILE A 484 -7.51 -5.40 -17.17
C ILE A 484 -7.21 -5.62 -15.70
N GLY A 485 -6.59 -4.67 -15.00
CA GLY A 485 -6.27 -4.68 -13.66
C GLY A 485 -6.94 -3.68 -12.79
N ILE A 486 -7.48 -4.13 -11.66
CA ILE A 486 -8.19 -3.28 -10.70
C ILE A 486 -7.19 -2.82 -9.66
N SER A 487 -7.03 -1.51 -9.49
CA SER A 487 -6.18 -0.85 -8.58
C SER A 487 -6.80 -0.73 -7.22
N CYS A 488 -6.07 -0.34 -6.23
CA CYS A 488 -6.50 -0.09 -4.92
C CYS A 488 -7.60 0.93 -4.90
N GLU A 489 -7.61 1.82 -5.82
CA GLU A 489 -8.54 2.85 -6.06
C GLU A 489 -9.76 2.40 -6.80
N GLY A 490 -9.82 1.20 -7.23
CA GLY A 490 -10.84 0.62 -7.94
C GLY A 490 -10.94 0.82 -9.39
N PHE A 491 -10.02 1.49 -9.98
CA PHE A 491 -9.95 1.83 -11.33
C PHE A 491 -9.32 0.76 -12.17
N SER A 492 -9.82 0.58 -13.37
CA SER A 492 -9.37 -0.43 -14.31
C SER A 492 -8.27 0.14 -15.22
N PHE A 493 -7.25 -0.63 -15.54
CA PHE A 493 -6.12 -0.32 -16.32
C PHE A 493 -5.78 -1.32 -17.38
N VAL A 494 -5.29 -0.87 -18.52
CA VAL A 494 -4.74 -1.72 -19.58
C VAL A 494 -3.43 -1.15 -20.06
N GLY A 495 -2.58 -1.97 -20.62
CA GLY A 495 -1.28 -1.70 -20.98
C GLY A 495 -0.92 -1.24 -22.32
N ALA A 496 -1.75 -0.36 -22.89
CA ALA A 496 -1.50 0.34 -24.15
C ALA A 496 -2.18 1.72 -24.19
N PRO A 497 -1.60 2.73 -24.87
CA PRO A 497 -2.26 4.02 -25.07
C PRO A 497 -3.46 3.92 -26.00
N THR A 498 -3.45 2.92 -26.87
CA THR A 498 -4.50 2.65 -27.86
C THR A 498 -4.31 1.25 -28.40
N LEU A 499 -5.42 0.53 -28.57
CA LEU A 499 -5.47 -0.78 -29.21
C LEU A 499 -6.87 -0.93 -29.82
N PRO A 500 -7.07 -1.73 -30.89
CA PRO A 500 -8.32 -1.78 -31.61
C PRO A 500 -9.43 -2.51 -30.91
N PHE A 501 -10.00 -1.94 -29.85
CA PHE A 501 -11.17 -2.51 -29.20
C PHE A 501 -12.35 -2.65 -30.15
N SER A 502 -12.35 -1.96 -31.30
CA SER A 502 -13.32 -2.02 -32.31
C SER A 502 -13.54 -3.41 -32.82
N SER A 503 -12.53 -4.21 -32.89
CA SER A 503 -12.53 -5.55 -33.32
C SER A 503 -13.17 -6.50 -32.36
N LEU A 504 -13.32 -6.09 -31.09
CA LEU A 504 -13.74 -6.99 -30.02
C LEU A 504 -15.11 -7.56 -30.28
N GLN A 505 -15.22 -8.89 -30.32
CA GLN A 505 -16.42 -9.61 -30.33
C GLN A 505 -17.17 -9.43 -29.04
N PHE A 506 -18.45 -9.09 -29.07
CA PHE A 506 -19.23 -8.73 -27.89
C PHE A 506 -19.33 -9.78 -26.78
N PRO A 507 -19.39 -11.12 -27.04
CA PRO A 507 -19.59 -12.11 -25.99
C PRO A 507 -18.28 -12.49 -25.31
N LEU A 508 -17.72 -11.59 -24.52
CA LEU A 508 -16.46 -11.81 -23.82
C LEU A 508 -16.64 -12.78 -22.65
N GLU A 509 -15.51 -13.30 -22.19
CA GLU A 509 -15.35 -13.98 -20.91
C GLU A 509 -14.12 -13.43 -20.20
N ALA A 510 -14.07 -13.51 -18.88
CA ALA A 510 -12.94 -13.11 -18.05
C ALA A 510 -12.39 -14.28 -17.23
N SER A 511 -11.08 -14.33 -17.05
CA SER A 511 -10.40 -15.24 -16.11
C SER A 511 -9.45 -14.44 -15.24
N TYR A 512 -9.39 -14.70 -13.94
CA TYR A 512 -8.48 -14.02 -13.03
C TYR A 512 -7.07 -14.58 -13.17
N VAL A 513 -6.07 -13.72 -13.35
CA VAL A 513 -4.73 -13.99 -13.71
C VAL A 513 -3.81 -13.91 -12.53
N GLY A 514 -4.19 -13.22 -11.52
CA GLY A 514 -3.53 -13.06 -10.32
C GLY A 514 -3.08 -11.72 -9.94
N MET A 515 -2.37 -11.50 -8.90
CA MET A 515 -1.84 -10.28 -8.45
C MET A 515 -0.54 -9.94 -9.11
N ALA A 516 -0.43 -8.84 -9.77
CA ALA A 516 0.67 -8.29 -10.45
C ALA A 516 0.98 -6.88 -10.04
N SER A 517 2.26 -6.54 -9.91
CA SER A 517 2.62 -5.23 -9.41
C SER A 517 2.08 -4.16 -10.32
N ALA A 518 1.61 -3.08 -9.79
CA ALA A 518 1.02 -2.01 -10.48
C ALA A 518 1.89 -1.49 -11.58
N TYR A 519 3.14 -1.22 -11.24
CA TYR A 519 3.96 -0.43 -12.13
C TYR A 519 4.82 -1.28 -13.05
N ASN A 520 4.49 -2.50 -13.28
CA ASN A 520 4.81 -3.31 -14.39
C ASN A 520 3.79 -3.21 -15.48
N LYS A 521 4.13 -3.17 -16.72
CA LYS A 521 3.28 -3.03 -17.83
C LYS A 521 2.33 -4.19 -17.93
N LEU A 522 1.21 -4.07 -18.56
CA LEU A 522 0.26 -5.06 -18.86
C LEU A 522 0.37 -5.56 -20.27
N GLN A 523 -0.17 -6.68 -20.61
CA GLN A 523 -0.06 -7.41 -21.82
C GLN A 523 -1.35 -7.44 -22.61
N HIS A 524 -1.32 -7.66 -23.87
CA HIS A 524 -2.37 -7.51 -24.79
C HIS A 524 -2.09 -8.10 -26.14
N ASN A 525 -3.01 -8.73 -26.78
CA ASN A 525 -2.92 -9.47 -27.98
C ASN A 525 -4.19 -9.40 -28.79
N ILE A 526 -4.38 -8.45 -29.62
CA ILE A 526 -5.50 -8.18 -30.42
C ILE A 526 -5.15 -8.01 -31.87
N ALA A 527 -5.76 -8.70 -32.77
CA ALA A 527 -5.59 -8.66 -34.17
C ALA A 527 -5.33 -7.27 -34.67
N PRO B 27 38.51 -34.68 -36.81
CA PRO B 27 39.05 -33.33 -36.88
C PRO B 27 39.53 -32.84 -35.52
N SER B 28 38.77 -33.02 -34.51
CA SER B 28 38.99 -32.74 -33.15
C SER B 28 39.65 -33.88 -32.43
N ALA B 29 39.73 -33.83 -31.15
CA ALA B 29 40.09 -34.83 -30.23
C ALA B 29 39.95 -34.40 -28.80
N PRO B 30 39.75 -35.30 -27.83
CA PRO B 30 39.99 -34.95 -26.46
C PRO B 30 41.39 -34.52 -26.15
N ALA B 31 42.34 -34.94 -26.91
CA ALA B 31 43.73 -34.73 -26.74
C ALA B 31 44.07 -33.28 -26.59
N MET B 32 43.63 -32.46 -27.49
CA MET B 32 43.82 -31.06 -27.49
C MET B 32 43.35 -30.41 -26.23
N ALA B 33 42.17 -30.84 -25.73
CA ALA B 33 41.65 -30.36 -24.46
C ALA B 33 42.61 -30.80 -23.33
N THR B 34 43.07 -32.03 -23.35
CA THR B 34 44.08 -32.51 -22.37
C THR B 34 45.34 -31.66 -22.36
N LEU B 35 45.90 -31.35 -23.52
CA LEU B 35 47.09 -30.50 -23.63
C LEU B 35 46.84 -29.11 -23.03
N ALA B 36 45.68 -28.52 -23.25
CA ALA B 36 45.39 -27.20 -22.67
C ALA B 36 45.30 -27.28 -21.15
N THR B 37 44.72 -28.33 -20.58
CA THR B 37 44.70 -28.49 -19.12
C THR B 37 46.11 -28.58 -18.52
N ALA B 38 47.02 -29.27 -19.22
CA ALA B 38 48.42 -29.35 -18.80
C ALA B 38 49.10 -27.99 -18.79
N ALA B 39 48.87 -27.19 -19.83
CA ALA B 39 49.56 -25.93 -19.97
C ALA B 39 49.08 -24.91 -18.93
N THR B 40 47.84 -25.00 -18.46
CA THR B 40 47.10 -23.87 -17.84
C THR B 40 46.52 -24.21 -16.47
N GLY B 41 46.33 -25.49 -16.08
CA GLY B 41 46.11 -25.92 -14.69
C GLY B 41 44.69 -25.73 -14.16
N THR B 42 43.76 -25.17 -14.97
CA THR B 42 42.40 -24.87 -14.57
C THR B 42 41.65 -26.07 -14.02
N MET B 43 41.12 -26.00 -12.79
CA MET B 43 40.11 -26.92 -12.29
C MET B 43 38.75 -26.30 -12.60
N PRO B 44 37.75 -27.01 -13.12
CA PRO B 44 36.71 -26.39 -13.95
C PRO B 44 35.76 -25.37 -13.32
N GLU B 45 35.75 -25.23 -11.99
CA GLU B 45 34.91 -24.27 -11.28
C GLU B 45 35.61 -23.62 -10.07
N GLU B 46 36.91 -23.37 -10.22
CA GLU B 46 37.81 -23.01 -9.11
C GLU B 46 37.55 -21.68 -8.44
N TRP B 47 36.61 -20.83 -8.86
CA TRP B 47 36.23 -19.66 -8.08
C TRP B 47 35.71 -19.99 -6.67
N LYS B 48 35.25 -21.22 -6.44
CA LYS B 48 34.79 -21.64 -5.11
C LYS B 48 35.89 -21.96 -4.11
N THR B 49 37.18 -22.04 -4.52
CA THR B 49 38.22 -22.51 -3.61
C THR B 49 38.88 -21.42 -2.78
N PHE B 50 39.33 -20.32 -3.37
CA PHE B 50 40.04 -19.23 -2.68
C PHE B 50 39.12 -18.16 -2.09
N PHE B 51 39.62 -17.40 -1.14
CA PHE B 51 38.93 -16.23 -0.61
C PHE B 51 39.26 -14.99 -1.45
N SER B 52 38.31 -14.07 -1.64
CA SER B 52 38.47 -12.83 -2.41
C SER B 52 38.19 -11.60 -1.52
N TYR B 53 38.87 -10.47 -1.75
CA TYR B 53 38.82 -9.27 -1.03
C TYR B 53 37.43 -8.68 -1.02
N TYR B 54 36.94 -8.14 0.06
CA TYR B 54 35.70 -7.50 0.24
C TYR B 54 35.72 -6.12 0.81
N THR B 55 36.51 -5.85 1.78
CA THR B 55 36.65 -4.60 2.43
C THR B 55 37.80 -4.51 3.39
N THR B 56 38.17 -3.34 3.85
CA THR B 56 38.96 -3.21 5.05
C THR B 56 38.32 -2.17 5.93
N VAL B 57 38.10 -2.52 7.18
CA VAL B 57 37.50 -1.84 8.25
C VAL B 57 38.52 -1.41 9.26
N ASN B 58 38.72 -0.18 9.52
CA ASN B 58 39.66 0.39 10.40
C ASN B 58 39.18 0.25 11.81
N TRP B 59 40.00 -0.26 12.72
CA TRP B 59 39.66 -0.34 14.13
C TRP B 59 40.55 0.68 14.83
N SER B 60 39.94 1.68 15.42
CA SER B 60 40.62 2.84 15.97
C SER B 60 40.87 2.65 17.44
N THR B 61 41.97 3.14 17.98
CA THR B 61 42.23 3.16 19.43
C THR B 61 41.25 4.05 20.20
N THR B 62 40.36 4.72 19.48
CA THR B 62 39.32 5.63 19.93
C THR B 62 37.92 5.09 19.65
N ASP B 63 37.76 3.85 19.22
CA ASP B 63 36.43 3.25 19.04
C ASP B 63 35.83 2.70 20.34
N GLU B 64 34.80 3.37 20.81
CA GLU B 64 34.08 3.08 22.04
C GLU B 64 33.45 1.67 22.04
N THR B 65 33.39 1.02 23.20
CA THR B 65 32.85 -0.34 23.35
C THR B 65 31.48 -0.47 22.68
N GLY B 66 31.22 -1.60 22.01
CA GLY B 66 30.06 -1.85 21.34
C GLY B 66 29.88 -1.32 19.99
N LYS B 67 30.59 -0.32 19.61
CA LYS B 67 30.60 0.24 18.32
C LYS B 67 30.67 -0.84 17.28
N VAL B 68 29.83 -0.89 16.32
CA VAL B 68 29.70 -1.83 15.28
C VAL B 68 30.77 -1.60 14.26
N LEU B 69 31.73 -2.43 14.10
CA LEU B 69 32.69 -2.41 13.07
C LEU B 69 32.14 -2.77 11.73
N PHE B 70 31.42 -3.83 11.65
CA PHE B 70 31.09 -4.60 10.52
C PHE B 70 29.76 -5.28 10.59
N VAL B 71 28.80 -4.92 9.83
CA VAL B 71 27.55 -5.54 9.57
C VAL B 71 27.48 -6.02 8.16
N GLN B 72 27.03 -7.18 7.86
CA GLN B 72 26.89 -7.73 6.57
C GLN B 72 25.93 -8.87 6.48
N GLY B 73 24.80 -8.74 5.91
CA GLY B 73 23.91 -9.74 5.68
C GLY B 73 24.24 -10.67 4.59
N LEU B 74 23.88 -11.89 4.65
CA LEU B 74 24.10 -12.90 3.70
C LEU B 74 23.53 -12.47 2.38
N SER B 75 24.28 -12.15 1.40
CA SER B 75 23.97 -11.89 0.05
C SER B 75 25.05 -12.36 -0.85
N PRO B 76 24.79 -13.14 -1.90
CA PRO B 76 25.84 -13.53 -2.79
C PRO B 76 26.68 -12.43 -3.34
N ARG B 77 26.19 -11.25 -3.38
CA ARG B 77 26.73 -10.12 -4.02
C ARG B 77 28.05 -9.66 -3.49
N MET B 78 28.62 -10.26 -2.50
CA MET B 78 29.88 -9.91 -1.96
C MET B 78 31.02 -10.36 -2.82
N ASN B 79 31.21 -11.68 -2.89
CA ASN B 79 32.33 -12.26 -3.59
C ASN B 79 32.27 -11.84 -5.04
N PRO B 80 33.26 -11.09 -5.59
CA PRO B 80 33.14 -10.58 -6.93
C PRO B 80 32.76 -11.57 -7.95
N PHE B 81 33.32 -12.78 -7.84
CA PHE B 81 33.00 -13.86 -8.77
C PHE B 81 31.57 -14.30 -8.69
N LEU B 82 30.99 -14.49 -7.51
CA LEU B 82 29.57 -14.79 -7.38
C LEU B 82 28.76 -13.58 -7.85
N ASP B 83 29.30 -12.36 -7.74
CA ASP B 83 28.72 -11.17 -8.22
C ASP B 83 28.50 -11.21 -9.70
N HIS B 84 29.42 -11.68 -10.44
CA HIS B 84 29.36 -11.94 -11.82
C HIS B 84 28.39 -13.03 -12.16
N LEU B 85 28.56 -14.20 -11.55
CA LEU B 85 27.73 -15.36 -11.87
C LEU B 85 26.26 -15.14 -11.56
N ALA B 86 25.93 -14.29 -10.60
CA ALA B 86 24.63 -14.05 -10.15
C ALA B 86 23.77 -13.42 -11.20
N LYS B 87 24.32 -12.59 -12.02
CA LYS B 87 23.67 -11.92 -13.06
C LYS B 87 23.08 -12.86 -14.07
N MET B 88 23.29 -14.12 -13.96
CA MET B 88 22.94 -15.20 -14.79
C MET B 88 22.05 -16.24 -14.15
N TYR B 89 21.60 -16.02 -12.96
CA TYR B 89 20.81 -16.83 -12.12
C TYR B 89 19.70 -16.06 -11.45
N THR B 90 18.64 -16.66 -11.06
CA THR B 90 17.49 -16.13 -10.45
C THR B 90 17.38 -16.31 -8.97
N GLY B 91 18.06 -17.22 -8.39
CA GLY B 91 18.03 -17.60 -7.07
C GLY B 91 19.27 -18.10 -6.47
N TRP B 92 19.29 -18.45 -5.24
CA TRP B 92 20.38 -18.90 -4.48
C TRP B 92 20.04 -19.52 -3.17
N SER B 93 20.91 -20.25 -2.56
CA SER B 93 20.82 -20.97 -1.37
C SER B 93 22.14 -21.11 -0.69
N GLY B 94 22.25 -21.88 0.33
CA GLY B 94 23.41 -22.19 0.99
C GLY B 94 24.06 -21.11 1.75
N SER B 95 25.11 -21.36 2.46
CA SER B 95 25.86 -20.49 3.28
C SER B 95 27.04 -19.88 2.58
N MET B 96 27.71 -18.96 3.17
CA MET B 96 28.88 -18.30 2.77
C MET B 96 29.86 -18.11 3.89
N GLU B 97 31.11 -17.93 3.63
CA GLU B 97 32.22 -17.85 4.50
C GLU B 97 32.88 -16.51 4.48
N ILE B 98 33.25 -15.93 5.56
CA ILE B 98 33.87 -14.69 5.81
C ILE B 98 35.20 -14.90 6.48
N ARG B 99 36.29 -14.47 5.96
CA ARG B 99 37.63 -14.62 6.38
C ARG B 99 38.23 -13.32 6.82
N PHE B 100 38.35 -13.03 8.07
CA PHE B 100 38.91 -11.90 8.70
C PHE B 100 40.40 -12.05 8.84
N THR B 101 41.15 -10.99 8.59
CA THR B 101 42.59 -10.97 8.81
C THR B 101 42.92 -9.77 9.68
N ILE B 102 43.04 -9.98 10.99
CA ILE B 102 43.34 -9.04 11.98
C ILE B 102 44.82 -8.87 12.04
N SER B 103 45.35 -7.71 11.63
CA SER B 103 46.79 -7.59 11.34
C SER B 103 47.54 -6.68 12.28
N GLY B 104 47.11 -6.63 13.53
CA GLY B 104 47.77 -5.85 14.58
C GLY B 104 49.18 -6.35 14.91
N SER B 105 49.96 -5.50 15.54
CA SER B 105 51.19 -5.89 16.22
C SER B 105 50.92 -6.91 17.32
N GLY B 106 51.95 -7.64 17.79
CA GLY B 106 51.86 -8.37 18.94
C GLY B 106 51.64 -7.65 20.20
N VAL B 107 51.89 -6.33 20.21
CA VAL B 107 51.76 -5.50 21.39
C VAL B 107 50.31 -5.10 21.68
N PHE B 108 49.50 -4.85 20.66
CA PHE B 108 48.15 -4.32 20.84
C PHE B 108 47.27 -5.25 21.68
N GLY B 109 46.60 -4.69 22.69
CA GLY B 109 45.55 -5.37 23.43
C GLY B 109 44.20 -5.04 22.82
N GLY B 110 43.23 -5.93 22.87
CA GLY B 110 41.90 -5.67 22.35
C GLY B 110 41.13 -6.94 22.06
N LYS B 111 39.80 -6.88 22.13
CA LYS B 111 38.93 -8.02 21.86
C LYS B 111 37.78 -7.59 20.98
N LEU B 112 37.52 -8.36 19.94
CA LEU B 112 36.53 -8.12 18.91
C LEU B 112 35.50 -9.26 18.96
N ALA B 113 34.24 -8.95 19.17
CA ALA B 113 33.10 -9.76 19.27
C ALA B 113 32.49 -10.07 17.93
N ALA B 114 31.97 -11.22 17.69
CA ALA B 114 31.35 -11.71 16.53
C ALA B 114 30.00 -12.29 16.83
N VAL B 115 28.93 -11.74 16.40
CA VAL B 115 27.58 -12.05 16.66
C VAL B 115 26.81 -12.32 15.42
N MET B 116 26.20 -13.43 15.24
CA MET B 116 25.27 -13.79 14.25
C MET B 116 23.89 -13.47 14.71
N VAL B 117 23.14 -12.66 14.05
CA VAL B 117 21.84 -12.19 14.33
C VAL B 117 20.82 -13.08 13.69
N PRO B 118 19.86 -13.65 14.41
CA PRO B 118 18.82 -14.39 13.76
C PRO B 118 18.10 -13.59 12.73
N PRO B 119 17.70 -14.16 11.60
CA PRO B 119 17.15 -13.37 10.52
C PRO B 119 15.96 -12.55 10.90
N GLY B 120 16.03 -11.23 10.68
CA GLY B 120 14.93 -10.28 10.85
C GLY B 120 15.01 -9.39 12.09
N ILE B 121 15.90 -9.65 13.02
CA ILE B 121 16.25 -8.91 14.17
C ILE B 121 17.29 -7.88 13.83
N GLY B 122 17.10 -6.64 14.07
CA GLY B 122 17.90 -5.61 13.67
C GLY B 122 19.14 -5.36 14.42
N THR B 123 20.16 -4.83 13.82
CA THR B 123 21.41 -4.45 14.35
C THR B 123 21.40 -3.10 14.99
N GLU B 124 20.43 -2.74 15.76
CA GLU B 124 20.10 -1.42 16.15
C GLU B 124 21.24 -0.71 16.83
N GLY B 125 21.78 -1.35 17.85
CA GLY B 125 22.74 -0.67 18.70
C GLY B 125 23.70 -1.65 19.33
N GLY B 126 24.96 -1.44 19.17
CA GLY B 126 25.92 -2.41 19.39
C GLY B 126 25.93 -3.07 20.69
N THR B 127 25.85 -2.35 21.74
CA THR B 127 25.96 -2.80 23.08
C THR B 127 25.00 -3.90 23.40
N SER B 128 23.81 -3.83 22.94
CA SER B 128 22.77 -4.75 23.21
C SER B 128 23.04 -6.10 22.63
N LEU B 129 23.38 -6.19 21.40
CA LEU B 129 23.59 -7.37 20.66
C LEU B 129 24.39 -8.36 21.42
N LEU B 130 25.27 -7.94 22.26
CA LEU B 130 26.23 -8.68 22.96
C LEU B 130 25.61 -9.71 23.85
N GLN B 131 24.33 -9.74 23.99
CA GLN B 131 23.55 -10.69 24.69
C GLN B 131 23.03 -11.80 23.84
N PHE B 132 23.43 -11.94 22.64
CA PHE B 132 23.38 -13.07 21.82
C PHE B 132 24.48 -14.01 22.20
N PRO B 133 24.51 -15.21 21.64
CA PRO B 133 25.72 -16.01 21.69
C PRO B 133 26.79 -15.44 20.82
N HIS B 134 28.00 -15.32 21.24
CA HIS B 134 29.03 -14.58 20.62
C HIS B 134 30.43 -15.08 20.83
N VAL B 135 31.21 -15.26 19.82
CA VAL B 135 32.58 -15.61 19.78
C VAL B 135 33.45 -14.41 19.98
N LEU B 136 34.55 -14.53 20.70
CA LEU B 136 35.52 -13.46 20.90
C LEU B 136 36.78 -13.70 20.09
N VAL B 137 37.23 -12.68 19.36
CA VAL B 137 38.35 -12.62 18.51
C VAL B 137 39.38 -11.66 18.99
N ASP B 138 40.55 -12.03 19.32
CA ASP B 138 41.60 -11.30 19.88
C ASP B 138 42.38 -10.50 18.88
N ALA B 139 42.84 -9.32 19.29
CA ALA B 139 43.51 -8.37 18.40
C ALA B 139 44.87 -8.83 17.87
N ARG B 140 45.45 -9.90 18.43
CA ARG B 140 46.72 -10.45 18.20
C ARG B 140 46.72 -11.85 17.67
N GLN B 141 45.87 -12.21 16.77
CA GLN B 141 45.70 -13.49 16.21
C GLN B 141 46.65 -13.75 15.06
N THR B 142 47.34 -14.82 15.01
CA THR B 142 48.29 -15.21 14.04
C THR B 142 47.73 -15.88 12.83
N GLU B 143 46.49 -16.27 12.82
CA GLU B 143 45.77 -16.92 11.83
C GLU B 143 44.48 -16.21 11.53
N PRO B 144 43.98 -16.22 10.31
CA PRO B 144 42.69 -15.65 10.01
C PRO B 144 41.55 -16.48 10.53
N VAL B 145 40.40 -15.94 10.71
CA VAL B 145 39.20 -16.48 11.24
C VAL B 145 38.13 -16.60 10.19
N ILE B 146 37.52 -17.71 9.98
CA ILE B 146 36.59 -18.08 8.99
C ILE B 146 35.23 -18.29 9.57
N PHE B 147 34.28 -17.46 9.37
CA PHE B 147 32.94 -17.44 9.82
C PHE B 147 32.01 -17.90 8.74
N ASN B 148 31.19 -18.87 8.92
CA ASN B 148 30.18 -19.36 8.06
C ASN B 148 28.84 -18.78 8.44
N ILE B 149 28.44 -17.67 7.92
CA ILE B 149 27.21 -17.02 8.10
C ILE B 149 26.12 -18.01 7.77
N PRO B 150 25.26 -18.42 8.69
CA PRO B 150 24.29 -19.46 8.40
C PRO B 150 23.22 -19.02 7.45
N ASP B 151 22.67 -19.87 6.65
CA ASP B 151 21.59 -19.70 5.75
C ASP B 151 20.28 -20.18 6.32
N ILE B 152 19.73 -19.51 7.27
CA ILE B 152 18.45 -19.66 7.84
C ILE B 152 17.42 -19.14 6.87
N ARG B 153 16.48 -19.89 6.43
CA ARG B 153 15.47 -19.55 5.51
C ARG B 153 14.13 -20.17 5.76
N THR B 154 13.07 -19.53 5.46
CA THR B 154 11.73 -19.98 5.49
C THR B 154 11.24 -20.57 4.20
N VAL B 155 11.86 -20.29 3.11
CA VAL B 155 11.60 -20.68 1.78
C VAL B 155 12.69 -21.55 1.22
N LEU B 156 12.37 -22.39 0.25
CA LEU B 156 13.35 -23.36 -0.24
C LEU B 156 14.54 -22.68 -0.90
N TRP B 157 14.38 -21.65 -1.67
CA TRP B 157 15.38 -20.91 -2.30
C TRP B 157 15.11 -19.45 -2.39
N HIS B 158 16.01 -18.60 -2.03
CA HIS B 158 15.96 -17.20 -2.02
C HIS B 158 15.87 -16.64 -3.40
N ASP B 159 15.61 -15.40 -3.57
CA ASP B 159 15.63 -14.64 -4.74
C ASP B 159 16.60 -13.50 -4.71
N MET B 160 17.14 -13.08 -5.78
CA MET B 160 18.27 -12.23 -5.89
C MET B 160 18.15 -10.94 -5.15
N HIS B 161 17.02 -10.58 -4.64
CA HIS B 161 16.69 -9.37 -3.99
C HIS B 161 16.27 -9.48 -2.55
N ASP B 162 16.06 -10.63 -2.02
CA ASP B 162 15.60 -10.89 -0.71
C ASP B 162 16.61 -10.45 0.32
N THR B 163 16.26 -9.57 1.28
CA THR B 163 17.14 -9.06 2.34
C THR B 163 16.95 -9.71 3.72
N LEU B 164 15.81 -10.34 4.00
CA LEU B 164 15.44 -11.01 5.25
C LEU B 164 16.27 -12.27 5.43
N THR B 165 17.52 -12.07 5.80
CA THR B 165 18.59 -12.97 5.95
C THR B 165 19.37 -12.77 7.20
N ALA B 166 20.05 -13.75 7.69
CA ALA B 166 20.92 -13.70 8.80
C ALA B 166 21.99 -12.69 8.60
N HIS B 167 22.42 -11.98 9.59
CA HIS B 167 23.42 -11.01 9.65
C HIS B 167 24.63 -11.47 10.40
N LEU B 168 25.75 -10.89 10.23
CA LEU B 168 26.95 -10.99 10.94
C LEU B 168 27.42 -9.66 11.42
N VAL B 169 27.52 -9.38 12.67
CA VAL B 169 27.91 -8.19 13.30
C VAL B 169 29.18 -8.36 14.07
N ILE B 170 30.20 -7.63 13.84
CA ILE B 170 31.44 -7.58 14.49
C ILE B 170 31.51 -6.38 15.38
N LEU B 171 31.22 -6.45 16.62
CA LEU B 171 31.27 -5.47 17.62
C LEU B 171 32.62 -5.39 18.24
N VAL B 172 33.00 -4.22 18.76
CA VAL B 172 34.22 -4.07 19.56
C VAL B 172 33.84 -4.36 21.00
N TYR B 173 34.52 -5.29 21.65
CA TYR B 173 34.13 -5.78 22.97
C TYR B 173 35.01 -5.22 24.07
N ASN B 174 36.33 -5.28 23.91
CA ASN B 174 37.27 -4.50 24.68
C ASN B 174 38.09 -3.66 23.71
N ASP B 175 38.19 -2.37 24.00
CA ASP B 175 38.80 -1.36 23.16
C ASP B 175 40.26 -1.69 22.80
N LEU B 176 40.71 -1.27 21.63
CA LEU B 176 42.05 -1.48 21.11
C LEU B 176 43.07 -0.64 21.90
N LEU B 177 43.62 -1.22 22.95
CA LEU B 177 44.70 -0.65 23.73
C LEU B 177 45.98 -0.60 22.90
N ASN B 178 46.54 0.59 22.75
CA ASN B 178 47.93 0.76 22.37
C ASN B 178 48.69 1.38 23.55
N PRO B 179 49.74 0.75 24.09
CA PRO B 179 50.55 1.34 25.14
C PRO B 179 51.13 2.69 24.78
N TYR B 180 51.41 2.93 23.51
CA TYR B 180 52.06 4.12 23.01
C TYR B 180 51.09 5.27 22.78
N GLN B 181 51.39 6.42 23.38
CA GLN B 181 50.60 7.63 23.24
C GLN B 181 51.48 8.88 23.05
N ASN B 182 52.70 8.73 22.50
CA ASN B 182 53.55 9.88 22.20
C ASN B 182 52.98 10.70 21.02
N THR B 183 52.57 10.02 19.94
CA THR B 183 51.51 10.55 19.07
C THR B 183 50.20 10.30 19.82
N THR B 184 49.55 11.35 20.34
CA THR B 184 48.55 11.18 21.40
C THR B 184 47.25 10.53 20.93
N THR B 185 46.88 10.71 19.68
CA THR B 185 45.53 10.38 19.18
C THR B 185 45.55 10.05 17.69
N GLY B 186 44.53 9.33 17.24
CA GLY B 186 44.34 8.92 15.84
C GLY B 186 45.00 7.61 15.43
N THR B 187 45.54 6.84 16.37
CA THR B 187 46.19 5.54 16.11
C THR B 187 45.19 4.45 15.76
N SER B 188 45.59 3.45 14.97
CA SER B 188 44.63 2.54 14.33
C SER B 188 45.21 1.18 13.91
N CYS B 189 44.31 0.25 13.61
CA CYS B 189 44.56 -1.13 13.18
C CYS B 189 43.61 -1.47 12.02
N THR B 190 43.92 -2.51 11.25
CA THR B 190 43.27 -2.79 9.96
C THR B 190 42.73 -4.21 9.96
N VAL B 191 41.45 -4.38 9.60
CA VAL B 191 40.73 -5.58 9.53
C VAL B 191 40.22 -5.83 8.15
N THR B 192 40.85 -6.72 7.41
CA THR B 192 40.48 -6.99 6.01
C THR B 192 39.59 -8.21 5.94
N VAL B 193 38.55 -8.11 5.13
CA VAL B 193 37.49 -9.01 4.92
C VAL B 193 37.58 -9.69 3.60
N GLU B 194 37.50 -10.96 3.48
CA GLU B 194 37.45 -11.76 2.33
C GLU B 194 36.27 -12.67 2.34
N THR B 195 35.75 -12.99 1.16
CA THR B 195 34.54 -13.82 1.06
C THR B 195 34.75 -15.05 0.19
N ARG B 196 33.96 -16.10 0.43
CA ARG B 196 33.89 -17.29 -0.41
C ARG B 196 32.50 -17.90 -0.35
N GLY B 197 32.07 -18.58 -1.43
CA GLY B 197 30.92 -19.46 -1.34
C GLY B 197 31.17 -20.51 -0.26
N GLY B 198 30.17 -20.87 0.54
CA GLY B 198 30.32 -22.00 1.45
C GLY B 198 30.40 -23.29 0.68
N THR B 199 30.59 -24.40 1.35
CA THR B 199 30.57 -25.74 0.74
C THR B 199 29.26 -26.06 0.01
N ASP B 200 28.19 -25.32 0.32
CA ASP B 200 26.86 -25.57 -0.06
C ASP B 200 26.14 -24.47 -0.78
N PHE B 201 26.78 -23.44 -1.19
CA PHE B 201 26.28 -22.38 -1.99
C PHE B 201 26.09 -22.84 -3.40
N GLU B 202 24.97 -22.67 -4.00
CA GLU B 202 24.62 -23.11 -5.27
C GLU B 202 23.51 -22.32 -5.88
N PHE B 203 23.76 -21.59 -6.96
CA PHE B 203 22.72 -20.89 -7.67
C PHE B 203 21.78 -21.91 -8.33
N HIS B 204 20.54 -21.48 -8.59
CA HIS B 204 19.42 -22.28 -8.85
C HIS B 204 18.80 -22.30 -10.23
N LEU B 205 18.29 -21.23 -10.72
CA LEU B 205 17.59 -21.09 -11.93
C LEU B 205 18.31 -20.27 -12.97
N LEU B 206 18.63 -20.83 -14.14
CA LEU B 206 19.41 -20.12 -15.16
C LEU B 206 18.58 -19.07 -15.88
N LYS B 207 19.14 -17.88 -16.08
CA LYS B 207 18.51 -16.70 -16.68
C LYS B 207 19.47 -16.07 -17.68
N PRO B 208 19.01 -15.51 -18.79
CA PRO B 208 19.87 -14.76 -19.67
C PRO B 208 20.48 -13.58 -18.96
N PRO B 209 21.77 -13.29 -19.13
CA PRO B 209 22.30 -12.00 -18.79
C PRO B 209 21.45 -10.90 -19.43
N SER B 210 21.38 -9.73 -18.81
CA SER B 210 20.54 -8.58 -19.19
C SER B 210 19.03 -8.76 -19.01
N ARG B 211 18.55 -9.96 -18.68
CA ARG B 211 17.10 -10.17 -18.48
C ARG B 211 16.59 -9.60 -17.17
N LYS B 212 15.58 -8.74 -17.27
CA LYS B 212 14.82 -8.14 -16.15
C LYS B 212 14.10 -9.21 -15.34
N MET B 213 14.31 -9.31 -14.04
CA MET B 213 13.52 -10.07 -13.15
C MET B 213 12.22 -9.38 -12.90
N ILE B 214 11.17 -10.07 -12.62
CA ILE B 214 9.94 -9.58 -12.14
C ILE B 214 10.23 -8.70 -10.97
N PHE B 215 9.50 -7.67 -10.73
CA PHE B 215 9.79 -6.64 -9.80
C PHE B 215 11.25 -6.30 -9.84
N GLY B 216 11.80 -5.87 -10.92
CA GLY B 216 12.94 -5.12 -11.04
C GLY B 216 14.05 -5.62 -11.86
N ALA B 217 14.87 -4.78 -12.38
CA ALA B 217 16.10 -5.00 -13.03
C ALA B 217 17.25 -5.07 -12.05
N ASP B 218 18.36 -5.60 -12.41
CA ASP B 218 19.52 -5.73 -11.65
C ASP B 218 20.07 -4.38 -11.29
N PRO B 219 20.08 -3.95 -10.03
CA PRO B 219 20.54 -2.60 -9.70
C PRO B 219 22.01 -2.36 -9.78
N SER B 220 22.81 -3.21 -10.32
CA SER B 220 24.20 -3.06 -10.49
C SER B 220 24.55 -1.89 -11.37
N ARG B 221 23.92 -1.74 -12.47
CA ARG B 221 24.04 -0.74 -13.45
C ARG B 221 23.31 0.50 -13.03
N LEU B 222 23.74 1.20 -12.05
CA LEU B 222 23.20 2.40 -11.56
C LEU B 222 24.14 3.57 -11.49
N ILE B 223 25.32 3.35 -11.00
CA ILE B 223 26.44 4.20 -10.92
C ILE B 223 27.50 3.77 -11.88
N PRO B 224 27.98 4.58 -12.81
CA PRO B 224 29.09 4.20 -13.62
C PRO B 224 30.25 3.67 -12.85
N LYS B 225 31.17 3.00 -13.46
CA LYS B 225 32.33 2.42 -12.92
C LYS B 225 33.40 3.43 -12.59
N LYS B 226 33.51 4.47 -13.31
CA LYS B 226 34.49 5.48 -13.29
C LYS B 226 33.93 6.86 -13.09
N SER B 227 34.55 7.71 -12.36
CA SER B 227 34.19 9.05 -12.08
C SER B 227 34.07 9.89 -13.32
N MET B 228 34.79 9.59 -14.34
CA MET B 228 34.86 10.28 -15.56
C MET B 228 33.50 10.52 -16.15
N PHE B 229 32.58 9.66 -15.94
CA PHE B 229 31.31 9.53 -16.53
C PHE B 229 30.17 10.03 -15.67
N TRP B 230 30.41 10.76 -14.64
CA TRP B 230 29.53 11.23 -13.64
C TRP B 230 29.01 12.59 -13.98
N GLU B 231 27.83 12.76 -14.45
CA GLU B 231 27.08 13.93 -14.59
C GLU B 231 26.01 14.03 -13.55
N GLY B 232 25.72 15.23 -13.09
CA GLY B 232 24.62 15.51 -12.18
C GLY B 232 23.31 15.71 -12.92
N ASN B 233 22.19 15.41 -12.29
CA ASN B 233 20.90 15.46 -12.83
C ASN B 233 20.24 16.81 -12.79
N ARG B 234 20.73 17.77 -12.08
CA ARG B 234 20.22 19.08 -12.00
C ARG B 234 20.65 19.96 -13.15
N LEU B 235 21.94 20.08 -13.37
CA LEU B 235 22.56 20.96 -14.38
C LEU B 235 23.86 20.31 -14.91
N PRO B 236 24.24 20.54 -16.17
CA PRO B 236 25.42 19.93 -16.75
C PRO B 236 26.70 20.52 -16.14
N GLY B 237 27.68 19.65 -15.89
CA GLY B 237 28.95 20.03 -15.29
C GLY B 237 29.82 18.82 -14.98
N GLU B 238 31.11 19.04 -14.71
CA GLU B 238 32.00 17.98 -14.24
C GLU B 238 31.79 17.74 -12.74
N PHE B 239 31.79 16.48 -12.31
CA PHE B 239 31.68 16.13 -10.90
C PHE B 239 32.86 16.67 -10.08
N LYS B 240 32.61 17.28 -8.91
CA LYS B 240 33.63 17.94 -8.08
C LYS B 240 33.65 17.47 -6.62
N GLY B 241 32.72 16.61 -6.20
CA GLY B 241 32.69 16.07 -4.83
C GLY B 241 31.28 15.74 -4.35
N PHE B 242 31.13 15.52 -3.06
CA PHE B 242 29.86 15.20 -2.42
C PHE B 242 29.55 16.16 -1.28
N SER B 243 28.27 16.38 -1.01
CA SER B 243 27.77 17.13 0.13
C SER B 243 26.76 16.27 0.86
N ILE B 244 26.68 16.46 2.17
CA ILE B 244 25.84 15.86 3.13
C ILE B 244 24.93 16.85 3.78
N LYS B 245 23.70 16.58 3.95
CA LYS B 245 22.67 17.36 4.53
C LYS B 245 21.77 16.54 5.41
N PRO B 246 21.19 17.11 6.47
CA PRO B 246 20.14 16.42 7.18
C PRO B 246 18.92 16.15 6.37
N LEU B 247 18.58 16.95 5.42
CA LEU B 247 17.47 16.90 4.55
C LEU B 247 17.86 16.90 3.11
N VAL B 248 17.03 16.54 2.19
CA VAL B 248 17.22 16.45 0.79
C VAL B 248 15.94 16.56 0.03
N PHE B 249 15.91 17.16 -1.12
CA PHE B 249 14.79 17.52 -1.89
C PHE B 249 15.10 17.88 -3.33
N GLN B 250 14.56 17.25 -4.31
CA GLN B 250 14.64 17.49 -5.69
C GLN B 250 13.52 16.85 -6.45
N ALA B 251 12.90 17.46 -7.40
CA ALA B 251 11.81 17.02 -8.16
C ALA B 251 12.11 16.77 -9.61
N ASN B 252 12.61 17.75 -10.28
CA ASN B 252 13.03 17.71 -11.62
C ASN B 252 14.01 16.61 -11.87
N ARG B 253 13.93 15.87 -12.90
CA ARG B 253 14.88 14.95 -13.37
C ARG B 253 15.32 13.96 -12.33
N HIS B 254 14.62 13.77 -11.28
CA HIS B 254 14.77 12.83 -10.24
C HIS B 254 13.80 11.71 -10.41
N PHE B 255 14.26 10.47 -10.54
CA PHE B 255 13.39 9.35 -10.84
C PHE B 255 13.53 8.30 -9.76
N ASP B 256 12.42 7.73 -9.33
CA ASP B 256 12.47 6.74 -8.28
C ASP B 256 12.96 5.42 -8.84
N CYS B 257 13.15 4.44 -8.01
CA CYS B 257 13.50 3.14 -8.40
C CYS B 257 12.45 2.47 -9.22
N LYS B 258 11.22 2.98 -9.19
CA LYS B 258 10.09 2.26 -9.73
C LYS B 258 9.51 3.01 -10.93
N ARG B 259 10.25 3.85 -11.58
CA ARG B 259 9.99 4.65 -12.72
C ARG B 259 9.17 5.89 -12.51
N GLN B 260 8.57 6.05 -11.35
CA GLN B 260 7.82 7.27 -11.11
C GLN B 260 8.78 8.45 -11.10
N THR B 261 8.30 9.61 -11.51
CA THR B 261 9.11 10.81 -11.48
C THR B 261 8.21 12.01 -11.37
N PHE B 262 8.49 12.86 -10.40
CA PHE B 262 7.65 13.99 -10.11
C PHE B 262 8.13 15.23 -10.82
N GLY B 263 9.29 15.18 -11.45
CA GLY B 263 9.77 16.26 -12.26
C GLY B 263 8.94 16.39 -13.51
N TRP B 264 9.49 16.93 -14.55
CA TRP B 264 8.88 17.21 -15.78
C TRP B 264 9.66 16.94 -17.02
N SER B 265 10.84 16.46 -16.97
CA SER B 265 11.80 16.35 -17.99
C SER B 265 12.30 14.95 -18.24
N THR B 266 12.47 14.53 -19.43
CA THR B 266 13.29 13.48 -19.87
C THR B 266 14.72 13.75 -19.48
N PRO B 267 15.52 12.76 -19.13
CA PRO B 267 16.81 12.99 -18.51
C PRO B 267 18.00 13.39 -19.34
N GLU B 268 17.91 13.87 -20.52
CA GLU B 268 18.94 13.98 -21.49
C GLU B 268 19.75 15.26 -21.51
N HIS B 269 19.55 16.20 -20.65
CA HIS B 269 20.22 17.46 -20.64
C HIS B 269 20.25 18.11 -21.99
N ALA B 270 19.26 18.02 -22.80
CA ALA B 270 19.17 18.55 -24.10
C ALA B 270 18.83 20.00 -24.08
N GLY B 271 18.51 20.55 -22.97
CA GLY B 271 17.97 21.79 -22.86
C GLY B 271 16.53 21.85 -23.17
N VAL B 272 15.88 22.95 -23.00
CA VAL B 272 14.50 23.21 -23.14
C VAL B 272 14.24 24.02 -24.37
N LYS B 273 13.41 23.53 -25.29
CA LYS B 273 13.17 24.17 -26.58
C LYS B 273 11.71 24.58 -26.72
N LEU B 274 11.51 25.85 -26.99
CA LEU B 274 10.40 26.69 -26.74
C LEU B 274 9.85 27.37 -27.97
N ASN B 275 8.62 27.75 -28.00
CA ASN B 275 7.99 28.65 -28.88
C ASN B 275 7.88 30.02 -28.28
N ILE B 276 8.42 31.04 -28.82
CA ILE B 276 8.50 32.39 -28.37
C ILE B 276 7.36 33.20 -28.93
N GLN B 277 6.46 33.70 -28.16
CA GLN B 277 5.45 34.61 -28.48
C GLN B 277 5.92 36.03 -28.39
N ARG B 278 5.45 36.93 -29.18
CA ARG B 278 5.80 38.30 -29.26
C ARG B 278 5.34 39.05 -28.03
N GLN B 279 5.47 40.33 -27.94
CA GLN B 279 5.30 41.16 -26.82
C GLN B 279 3.87 41.36 -26.40
N ASN B 280 2.97 40.54 -26.94
CA ASN B 280 1.54 40.77 -26.71
C ASN B 280 1.22 40.89 -25.22
N LEU B 281 1.92 40.13 -24.36
CA LEU B 281 1.72 40.21 -22.91
C LEU B 281 2.99 40.67 -22.19
N ASP B 282 3.99 41.12 -22.86
CA ASP B 282 5.10 41.82 -22.36
C ASP B 282 4.66 43.09 -21.66
N THR B 283 5.48 43.60 -20.75
CA THR B 283 5.17 44.86 -20.09
C THR B 283 4.97 45.96 -21.12
N GLU B 284 3.91 46.75 -20.95
CA GLU B 284 3.60 47.83 -21.88
C GLU B 284 4.21 49.15 -21.45
N ASP B 285 4.49 49.33 -20.17
CA ASP B 285 5.15 50.51 -19.64
C ASP B 285 6.58 50.20 -19.23
N LYS B 286 7.30 49.45 -20.00
CA LYS B 286 8.59 48.94 -19.76
C LYS B 286 9.63 50.01 -19.62
N THR B 287 10.69 49.77 -18.92
CA THR B 287 11.92 50.44 -18.84
C THR B 287 13.14 49.58 -19.06
N ASP B 288 12.99 48.31 -19.24
CA ASP B 288 13.97 47.29 -19.34
C ASP B 288 13.55 46.16 -20.24
N ILE B 289 14.46 45.42 -20.78
CA ILE B 289 14.28 44.40 -21.75
C ILE B 289 13.07 43.59 -21.42
N GLY B 290 12.22 43.29 -22.34
CA GLY B 290 10.97 42.76 -22.14
C GLY B 290 10.89 41.33 -21.79
N VAL B 291 9.79 40.86 -21.31
CA VAL B 291 9.42 39.54 -20.94
C VAL B 291 8.43 38.98 -21.91
N HIS B 292 8.59 37.84 -22.47
CA HIS B 292 7.84 37.19 -23.47
C HIS B 292 7.29 35.85 -23.04
N LEU B 293 6.02 35.63 -23.01
CA LEU B 293 5.37 34.42 -22.77
C LEU B 293 5.70 33.41 -23.84
N VAL B 294 5.91 32.17 -23.55
CA VAL B 294 6.33 31.11 -24.37
C VAL B 294 5.50 29.86 -24.25
N THR B 295 5.60 28.94 -25.13
CA THR B 295 5.00 27.66 -25.23
C THR B 295 5.99 26.54 -25.24
N GLY B 296 5.86 25.53 -24.44
CA GLY B 296 6.75 24.49 -24.30
C GLY B 296 7.04 23.64 -25.47
N LEU B 297 6.03 23.35 -26.28
CA LEU B 297 6.11 22.56 -27.52
C LEU B 297 6.32 21.04 -27.34
N LYS B 298 7.18 20.60 -26.40
CA LYS B 298 7.20 19.22 -25.86
C LYS B 298 6.92 19.22 -24.36
N THR B 299 6.07 18.33 -23.85
CA THR B 299 5.71 18.17 -22.50
C THR B 299 5.65 16.75 -22.03
N ILE B 300 6.20 16.41 -20.92
CA ILE B 300 6.00 15.27 -20.12
C ILE B 300 4.82 15.39 -19.20
N LYS B 301 4.69 16.49 -18.53
CA LYS B 301 3.65 16.95 -17.70
C LYS B 301 2.95 18.13 -18.32
N SER B 302 1.68 18.26 -18.23
CA SER B 302 0.88 19.21 -18.88
C SER B 302 1.42 20.61 -18.69
N GLN B 303 1.61 21.35 -19.72
CA GLN B 303 1.85 22.74 -19.69
C GLN B 303 3.24 23.12 -19.28
N VAL B 304 4.04 22.25 -18.82
CA VAL B 304 5.38 22.44 -18.36
C VAL B 304 6.36 22.21 -19.47
N PRO B 305 7.10 23.19 -19.98
CA PRO B 305 8.14 22.91 -20.93
C PRO B 305 9.12 21.91 -20.44
N ASP B 306 9.53 20.96 -21.20
CA ASP B 306 10.46 19.91 -20.95
C ASP B 306 11.82 20.49 -20.76
N GLY B 307 12.27 20.72 -19.58
CA GLY B 307 13.48 21.24 -19.21
C GLY B 307 13.57 22.58 -18.62
N TRP B 308 12.59 22.95 -17.86
CA TRP B 308 12.49 24.16 -17.17
C TRP B 308 13.41 24.19 -15.99
N PRO B 309 14.36 25.13 -15.85
CA PRO B 309 15.30 25.05 -14.73
C PRO B 309 14.54 25.18 -13.42
N ASP B 310 14.69 24.23 -12.49
CA ASP B 310 14.04 23.89 -11.29
C ASP B 310 14.31 24.86 -10.19
N TYR B 311 15.48 25.52 -10.19
CA TYR B 311 15.90 26.38 -9.09
C TYR B 311 16.11 27.78 -9.61
N TYR B 312 15.28 28.72 -9.15
CA TYR B 312 15.50 30.14 -9.32
C TYR B 312 14.71 30.93 -8.29
N GLY B 313 15.07 32.20 -8.08
CA GLY B 313 14.43 33.03 -7.09
C GLY B 313 12.98 33.33 -7.44
N ARG B 314 12.12 33.44 -6.43
CA ARG B 314 10.83 33.99 -6.46
C ARG B 314 10.89 35.48 -6.64
N ASN B 315 9.83 36.12 -6.98
CA ASN B 315 9.66 37.51 -6.93
C ASN B 315 10.83 38.24 -7.55
N ILE B 316 11.30 37.81 -8.74
CA ILE B 316 12.38 38.49 -9.43
C ILE B 316 11.93 39.82 -10.05
N ILE B 317 12.83 40.80 -9.98
CA ILE B 317 12.63 42.13 -10.53
C ILE B 317 13.56 42.29 -11.72
N LEU B 318 13.00 42.51 -12.90
CA LEU B 318 13.63 42.82 -14.12
C LEU B 318 13.83 44.28 -14.39
N ALA B 319 13.50 45.15 -13.50
CA ALA B 319 13.80 46.53 -13.51
C ALA B 319 15.29 46.73 -13.68
N ASN B 320 15.74 47.80 -14.21
CA ASN B 320 17.10 48.13 -14.39
C ASN B 320 17.85 47.15 -15.24
N THR B 321 17.21 46.21 -15.86
CA THR B 321 17.70 45.25 -16.77
C THR B 321 17.85 45.82 -18.16
N THR B 322 18.60 46.86 -18.32
CA THR B 322 18.81 47.55 -19.53
C THR B 322 19.43 46.66 -20.57
N ALA B 323 20.62 46.22 -20.37
CA ALA B 323 21.36 45.30 -21.13
C ALA B 323 22.09 44.22 -20.37
N SER B 324 22.51 44.52 -19.14
CA SER B 324 23.59 43.77 -18.48
C SER B 324 23.17 42.46 -17.80
N PHE B 325 21.92 42.32 -17.37
CA PHE B 325 21.37 41.25 -16.49
C PHE B 325 22.08 41.01 -15.14
N GLY B 326 23.32 41.44 -14.91
CA GLY B 326 24.04 41.27 -13.65
C GLY B 326 23.36 41.93 -12.43
N GLU B 327 22.43 42.84 -12.65
CA GLU B 327 21.57 43.41 -11.60
C GLU B 327 20.54 42.41 -11.06
N VAL B 328 20.15 41.40 -11.84
CA VAL B 328 19.16 40.38 -11.43
C VAL B 328 19.72 39.54 -10.29
N SER B 329 18.89 39.18 -9.32
CA SER B 329 19.32 38.40 -8.16
C SER B 329 19.59 36.92 -8.53
N GLU B 330 18.57 36.12 -8.85
CA GLU B 330 18.71 34.66 -9.05
C GLU B 330 18.17 34.21 -10.41
N ALA B 331 18.91 34.48 -11.48
CA ALA B 331 18.35 34.48 -12.84
C ALA B 331 18.14 33.10 -13.49
N MET B 332 19.07 32.14 -13.34
CA MET B 332 19.28 31.07 -14.34
C MET B 332 19.32 31.66 -15.77
N LEU B 333 20.38 32.39 -16.11
CA LEU B 333 20.52 32.88 -17.47
C LEU B 333 20.72 31.69 -18.41
N GLY B 334 20.06 31.73 -19.56
CA GLY B 334 20.19 30.72 -20.59
C GLY B 334 20.73 31.26 -21.91
N THR B 335 21.63 30.49 -22.53
CA THR B 335 22.06 30.69 -23.90
C THR B 335 21.00 30.22 -24.87
N VAL B 336 20.90 30.89 -26.01
CA VAL B 336 19.82 30.72 -26.99
C VAL B 336 20.38 30.23 -28.32
N VAL B 337 19.64 29.41 -29.06
CA VAL B 337 19.98 29.03 -30.45
C VAL B 337 18.73 28.67 -31.25
N PRO B 338 18.62 28.98 -32.54
CA PRO B 338 17.45 28.63 -33.35
C PRO B 338 17.22 27.12 -33.53
N TYR B 339 16.01 26.75 -33.90
CA TYR B 339 15.59 25.35 -34.08
C TYR B 339 15.23 25.02 -35.54
N ARG B 340 14.10 24.37 -35.83
CA ARG B 340 13.65 23.93 -37.18
C ARG B 340 13.18 25.10 -38.07
N VAL B 341 14.04 26.09 -38.29
CA VAL B 341 13.66 27.35 -38.97
C VAL B 341 13.58 27.23 -40.50
N SER B 342 14.29 26.27 -41.11
CA SER B 342 14.20 25.91 -42.54
C SER B 342 14.38 27.06 -43.55
N GLY B 343 15.05 28.15 -43.15
CA GLY B 343 15.15 29.38 -43.94
C GLY B 343 16.23 30.34 -43.45
N LYS B 344 16.13 31.59 -43.83
CA LYS B 344 17.05 32.67 -43.89
C LYS B 344 17.49 33.20 -42.54
N LEU B 345 17.09 32.60 -41.42
CA LEU B 345 17.37 33.11 -40.06
C LEU B 345 16.87 34.56 -39.90
N GLU B 346 15.56 34.77 -40.02
CA GLU B 346 14.94 36.00 -39.78
C GLU B 346 15.07 36.49 -38.35
N TRP B 347 15.38 35.61 -37.40
CA TRP B 347 15.61 36.04 -36.02
C TRP B 347 16.60 37.20 -36.03
N ARG B 348 16.58 38.03 -35.02
CA ARG B 348 17.50 38.97 -34.52
C ARG B 348 18.65 38.27 -33.85
N HIS B 349 19.57 38.99 -33.29
CA HIS B 349 20.66 38.57 -32.51
C HIS B 349 20.18 38.05 -31.18
N LEU B 350 19.97 36.74 -31.05
CA LEU B 350 19.50 36.12 -29.81
C LEU B 350 20.62 36.15 -28.77
N PRO B 351 20.49 36.89 -27.65
CA PRO B 351 21.62 37.13 -26.76
C PRO B 351 21.66 36.12 -25.60
N GLU B 352 20.95 36.41 -24.52
CA GLU B 352 20.71 35.53 -23.39
C GLU B 352 19.25 35.69 -22.94
N ILE B 353 18.74 34.66 -22.27
CA ILE B 353 17.39 34.57 -21.73
C ILE B 353 17.47 34.57 -20.21
N ALA B 354 16.54 35.24 -19.54
CA ALA B 354 16.20 34.93 -18.16
C ALA B 354 14.92 34.08 -18.12
N PHE B 355 14.92 32.95 -17.41
CA PHE B 355 13.69 32.19 -17.14
C PHE B 355 12.88 32.83 -16.01
N ALA B 356 11.56 32.65 -16.01
CA ALA B 356 10.63 33.08 -15.04
C ALA B 356 9.31 32.38 -15.12
N ASN B 357 8.40 32.66 -14.24
CA ASN B 357 7.12 32.10 -14.05
C ASN B 357 6.19 32.94 -13.22
N GLY B 358 5.01 33.25 -13.64
CA GLY B 358 4.05 33.99 -12.99
C GLY B 358 3.66 35.33 -13.49
N THR B 359 2.40 35.48 -13.92
CA THR B 359 1.98 36.73 -14.53
C THR B 359 2.15 37.88 -13.54
N ALA B 360 2.52 39.05 -13.99
CA ALA B 360 2.75 40.24 -13.28
C ALA B 360 2.16 41.44 -13.96
N LYS B 361 1.99 42.53 -13.21
CA LYS B 361 1.44 43.77 -13.77
C LYS B 361 2.51 44.68 -14.34
N ASN B 362 3.76 44.40 -14.25
CA ASN B 362 4.88 45.18 -14.60
C ASN B 362 6.04 44.33 -15.04
N SER B 363 7.22 44.87 -15.15
CA SER B 363 8.44 44.23 -15.44
C SER B 363 8.94 43.44 -14.26
N THR B 364 8.18 42.59 -13.68
CA THR B 364 8.41 41.73 -12.59
C THR B 364 7.79 40.38 -12.80
N ILE B 365 8.16 39.38 -12.07
CA ILE B 365 7.68 38.06 -12.03
C ILE B 365 7.42 37.67 -10.60
N VAL B 366 6.21 37.64 -10.11
CA VAL B 366 5.83 37.55 -8.77
C VAL B 366 5.68 36.12 -8.28
N CYS B 367 5.01 35.29 -8.98
CA CYS B 367 4.59 34.00 -8.61
C CYS B 367 5.75 33.07 -8.38
N GLY B 368 5.59 32.01 -7.69
CA GLY B 368 6.50 31.03 -7.36
C GLY B 368 6.07 29.90 -6.54
N LYS B 369 6.93 29.01 -6.15
CA LYS B 369 6.67 27.89 -5.36
C LYS B 369 5.99 26.78 -6.10
N TYR B 370 5.51 26.99 -7.27
CA TYR B 370 4.76 26.15 -8.10
C TYR B 370 4.81 26.48 -9.55
N LEU B 371 4.78 25.55 -10.45
CA LEU B 371 4.76 25.69 -11.85
C LEU B 371 3.37 25.76 -12.41
N THR B 372 2.53 26.63 -11.99
CA THR B 372 1.21 26.86 -12.44
C THR B 372 1.07 28.02 -13.38
N GLY B 373 1.71 29.10 -13.15
CA GLY B 373 1.67 30.24 -13.92
C GLY B 373 2.29 30.15 -15.25
N ASN B 374 2.01 31.02 -16.15
CA ASN B 374 2.53 31.09 -17.45
C ASN B 374 4.01 31.32 -17.44
N PHE B 375 4.76 30.85 -18.37
CA PHE B 375 6.15 30.85 -18.53
C PHE B 375 6.63 31.98 -19.42
N TYR B 376 7.59 32.75 -19.05
CA TYR B 376 8.07 33.93 -19.63
C TYR B 376 9.56 33.95 -19.79
N VAL B 377 10.09 34.69 -20.68
CA VAL B 377 11.41 34.72 -21.21
C VAL B 377 11.97 36.11 -21.23
N GLY B 378 13.01 36.43 -20.54
CA GLY B 378 13.62 37.65 -20.52
C GLY B 378 14.64 37.95 -21.53
N GLY B 379 14.35 38.61 -22.58
CA GLY B 379 15.14 38.91 -23.67
C GLY B 379 14.70 39.82 -24.75
N ASN B 380 15.52 40.59 -25.35
CA ASN B 380 15.27 41.54 -26.36
C ASN B 380 14.81 40.86 -27.61
N PHE B 381 13.64 40.23 -27.63
CA PHE B 381 13.11 39.45 -28.73
C PHE B 381 12.00 40.22 -29.41
N THR B 382 12.00 40.13 -30.74
CA THR B 382 11.12 40.77 -31.63
C THR B 382 10.35 39.92 -32.59
N GLN B 383 10.80 38.78 -32.95
CA GLN B 383 10.31 37.87 -33.90
C GLN B 383 9.67 36.67 -33.26
N GLN B 384 8.52 36.24 -33.66
CA GLN B 384 7.77 35.14 -33.22
C GLN B 384 8.28 33.86 -33.82
N GLY B 385 8.60 32.85 -33.09
CA GLY B 385 9.06 31.62 -33.48
C GLY B 385 9.50 30.64 -32.48
N ASN B 386 10.16 29.56 -32.91
CA ASN B 386 10.61 28.45 -32.06
C ASN B 386 12.15 28.31 -32.01
N VAL B 387 12.67 27.98 -30.83
CA VAL B 387 14.06 28.21 -30.43
C VAL B 387 14.46 27.24 -29.31
N VAL B 388 15.75 26.97 -29.14
CA VAL B 388 16.30 26.16 -28.05
C VAL B 388 16.97 27.08 -27.04
N VAL B 389 16.82 26.81 -25.73
CA VAL B 389 17.55 27.51 -24.68
C VAL B 389 18.14 26.53 -23.68
N TYR B 390 19.39 26.77 -23.30
CA TYR B 390 20.13 25.94 -22.36
C TYR B 390 20.35 26.73 -21.07
N PRO B 391 20.09 26.20 -19.87
CA PRO B 391 20.55 26.87 -18.66
C PRO B 391 22.06 26.97 -18.70
N ALA B 392 22.60 28.17 -18.50
CA ALA B 392 23.96 28.48 -18.93
C ALA B 392 24.79 29.24 -17.89
N PHE B 393 24.18 30.09 -17.06
CA PHE B 393 24.89 30.82 -16.02
C PHE B 393 23.96 31.18 -14.86
N TRP B 394 24.47 31.26 -13.63
CA TRP B 394 23.66 31.63 -12.47
C TRP B 394 24.11 32.98 -11.92
N THR B 395 23.25 34.00 -11.99
CA THR B 395 23.44 35.19 -11.15
C THR B 395 23.12 34.83 -9.71
N SER B 396 23.64 35.62 -8.78
CA SER B 396 23.36 35.45 -7.35
C SER B 396 23.46 36.79 -6.60
N LYS B 397 22.93 36.83 -5.38
CA LYS B 397 23.15 37.97 -4.47
C LYS B 397 24.60 38.01 -4.03
N HIS B 398 25.15 39.21 -3.81
CA HIS B 398 26.56 39.42 -3.45
C HIS B 398 27.02 38.65 -2.20
N GLY B 399 26.08 38.25 -1.34
CA GLY B 399 26.28 37.56 -0.17
C GLY B 399 26.20 36.10 -0.18
N ASP B 400 25.94 35.45 -1.32
CA ASP B 400 25.84 33.99 -1.38
C ASP B 400 27.04 33.21 -0.78
N THR B 401 26.73 32.21 0.05
CA THR B 401 27.70 31.24 0.61
C THR B 401 27.15 29.80 0.50
N LYS B 402 26.19 29.60 -0.41
CA LYS B 402 25.28 28.46 -0.47
C LYS B 402 25.19 27.91 -1.89
N CYS B 403 25.37 26.60 -2.03
CA CYS B 403 25.33 25.92 -3.32
C CYS B 403 23.96 26.07 -3.97
N ILE B 404 23.90 25.98 -5.30
CA ILE B 404 22.61 26.01 -6.01
C ILE B 404 21.80 24.80 -5.54
N GLY B 405 20.71 25.07 -4.82
CA GLY B 405 19.81 24.18 -4.26
C GLY B 405 19.78 23.93 -2.82
N GLU B 406 20.28 24.81 -2.02
CA GLU B 406 20.29 24.75 -0.61
C GLU B 406 18.95 25.00 0.01
N ASP B 407 18.07 25.69 -0.63
CA ASP B 407 16.85 26.26 -0.20
C ASP B 407 15.65 25.47 -0.62
N GLU B 408 14.78 25.07 0.24
CA GLU B 408 13.49 24.56 -0.02
C GLU B 408 12.61 25.57 -0.69
N ASP B 409 12.67 26.78 -0.29
CA ASP B 409 11.91 27.89 -0.68
C ASP B 409 12.12 28.28 -2.11
N MET B 410 13.20 27.83 -2.76
CA MET B 410 13.57 28.21 -4.14
C MET B 410 13.49 27.07 -5.16
N VAL B 411 13.56 25.80 -4.74
CA VAL B 411 13.22 24.67 -5.52
C VAL B 411 11.81 24.83 -5.99
N LYS B 412 11.45 24.40 -7.14
CA LYS B 412 10.20 24.53 -7.77
C LYS B 412 9.47 23.22 -7.91
N ARG B 413 8.26 23.08 -7.47
CA ARG B 413 7.43 21.95 -7.42
C ARG B 413 6.33 22.00 -8.43
N ILE B 414 5.96 20.86 -9.00
CA ILE B 414 4.70 20.79 -9.72
C ILE B 414 3.55 20.61 -8.75
N ASP B 415 3.53 19.50 -8.06
CA ASP B 415 2.57 19.31 -6.99
C ASP B 415 3.16 18.58 -5.78
N VAL B 416 4.35 18.11 -5.77
CA VAL B 416 4.98 17.32 -4.79
C VAL B 416 6.48 17.30 -4.88
N LEU B 417 7.19 17.53 -3.84
CA LEU B 417 8.55 17.41 -3.62
C LEU B 417 8.88 16.11 -2.95
N PRO B 418 9.61 15.19 -3.53
CA PRO B 418 10.12 14.08 -2.77
C PRO B 418 11.20 14.51 -1.85
N GLN B 419 11.64 13.71 -0.96
CA GLN B 419 12.64 14.00 -0.01
C GLN B 419 13.17 12.79 0.70
N ALA B 420 14.12 12.94 1.55
CA ALA B 420 14.63 12.00 2.46
C ALA B 420 15.27 12.65 3.65
N GLN B 421 15.13 12.04 4.82
CA GLN B 421 15.85 12.47 5.99
C GLN B 421 16.66 11.29 6.53
N THR B 422 17.33 11.42 7.60
CA THR B 422 18.14 10.45 8.23
C THR B 422 17.39 9.16 8.33
N THR B 423 17.68 8.14 7.59
CA THR B 423 17.06 6.89 7.47
C THR B 423 17.72 5.89 8.39
N GLY B 424 17.41 5.83 9.64
CA GLY B 424 18.03 5.01 10.56
C GLY B 424 19.46 5.19 10.78
N GLY B 425 19.92 6.37 10.99
CA GLY B 425 21.24 6.73 11.09
C GLY B 425 22.05 6.92 9.87
N ASN B 426 21.46 6.82 8.72
CA ASN B 426 21.97 6.98 7.42
C ASN B 426 21.55 8.26 6.79
N TYR B 427 22.38 9.04 6.28
CA TYR B 427 22.17 10.36 5.86
C TYR B 427 22.07 10.53 4.37
N PRO B 428 21.27 11.45 3.86
CA PRO B 428 21.20 11.69 2.45
C PRO B 428 22.29 12.56 1.94
N ILE B 429 22.92 12.27 0.86
CA ILE B 429 23.93 12.99 0.18
C ILE B 429 23.40 13.66 -1.05
N TYR B 430 23.94 14.81 -1.40
CA TYR B 430 23.91 15.40 -2.73
C TYR B 430 25.27 15.22 -3.41
N TYR B 431 25.28 14.81 -4.67
CA TYR B 431 26.45 14.91 -5.52
C TYR B 431 26.67 16.40 -5.88
N VAL B 432 27.92 16.88 -5.99
CA VAL B 432 28.20 18.28 -6.36
C VAL B 432 28.99 18.38 -7.66
N THR B 433 28.65 19.36 -8.47
CA THR B 433 29.24 19.61 -9.79
C THR B 433 29.41 21.09 -10.06
N GLU B 434 30.37 21.46 -10.90
CA GLU B 434 30.61 22.86 -11.26
C GLU B 434 29.61 23.36 -12.29
N PHE B 435 29.19 24.61 -12.14
CA PHE B 435 28.38 25.36 -13.10
C PHE B 435 28.71 26.84 -12.87
N PRO B 436 28.82 27.69 -13.91
CA PRO B 436 29.31 29.04 -13.71
C PRO B 436 28.24 29.91 -13.06
N ALA B 437 28.58 30.59 -11.96
CA ALA B 437 27.57 30.98 -10.99
C ALA B 437 27.87 32.29 -10.22
N ALA B 438 28.30 33.33 -10.94
CA ALA B 438 28.49 34.67 -10.37
C ALA B 438 29.34 34.67 -9.08
N TYR B 439 28.89 35.37 -8.02
CA TYR B 439 29.70 35.68 -6.87
C TYR B 439 30.31 34.47 -6.15
N LEU B 440 29.63 33.33 -6.08
CA LEU B 440 30.02 32.15 -5.30
C LEU B 440 31.45 31.68 -5.63
N PRO B 441 32.45 31.89 -4.76
CA PRO B 441 33.78 31.35 -4.99
C PRO B 441 33.72 29.82 -4.89
N ALA B 442 34.43 29.12 -5.79
CA ALA B 442 34.25 27.68 -6.04
C ALA B 442 32.76 27.32 -6.27
N PRO B 443 32.18 27.68 -7.41
CA PRO B 443 30.74 27.57 -7.66
C PRO B 443 30.27 26.13 -7.83
N ARG B 444 29.22 25.73 -7.12
CA ARG B 444 28.67 24.36 -7.13
C ARG B 444 27.14 24.32 -7.23
N VAL B 445 26.62 23.31 -7.89
CA VAL B 445 25.20 22.91 -7.85
C VAL B 445 25.05 21.53 -7.26
N TYR B 446 24.09 21.39 -6.34
CA TYR B 446 23.70 20.12 -5.74
C TYR B 446 22.84 19.29 -6.70
N ASN B 447 23.17 18.02 -6.84
CA ASN B 447 22.45 17.05 -7.64
C ASN B 447 22.07 15.87 -6.78
N SER B 448 20.80 15.53 -6.75
CA SER B 448 20.23 14.40 -6.12
C SER B 448 20.72 13.11 -6.70
N GLN B 449 20.61 12.94 -7.97
CA GLN B 449 20.90 11.82 -8.75
C GLN B 449 21.96 12.08 -9.78
N LEU B 450 22.88 11.23 -9.99
CA LEU B 450 23.77 11.18 -11.07
C LEU B 450 23.00 11.00 -12.34
N LEU B 451 23.37 11.63 -13.41
CA LEU B 451 22.73 11.60 -14.66
C LEU B 451 22.52 10.19 -15.15
N TRP B 452 23.49 9.35 -15.04
CA TRP B 452 23.41 7.97 -15.32
C TRP B 452 22.24 7.33 -14.65
N THR B 453 22.19 7.41 -13.37
CA THR B 453 21.21 6.87 -12.53
C THR B 453 19.84 7.33 -12.89
N SER B 454 19.71 8.44 -13.52
CA SER B 454 18.55 9.05 -14.00
C SER B 454 18.09 8.57 -15.34
N ARG B 455 19.02 8.43 -16.27
CA ARG B 455 18.64 7.89 -17.56
C ARG B 455 18.07 6.50 -17.39
N LEU B 456 18.83 5.64 -16.72
CA LEU B 456 18.24 4.45 -16.14
C LEU B 456 17.34 4.88 -15.01
N LEU B 457 16.49 3.97 -14.56
CA LEU B 457 15.46 4.30 -13.58
C LEU B 457 14.38 5.15 -14.22
N ALA B 458 14.59 5.53 -15.47
CA ALA B 458 13.52 6.13 -16.25
C ALA B 458 12.90 5.10 -17.17
N GLN B 459 13.66 4.25 -17.76
CA GLN B 459 13.32 3.24 -18.69
C GLN B 459 13.14 1.88 -18.12
N ASP B 460 13.33 1.64 -16.87
CA ASP B 460 13.31 0.39 -16.24
C ASP B 460 13.08 0.41 -14.75
N VAL B 461 12.43 -0.51 -14.20
CA VAL B 461 12.16 -0.74 -12.83
C VAL B 461 13.32 -1.44 -12.20
N TYR B 462 13.62 -1.27 -10.97
CA TYR B 462 14.75 -1.74 -10.28
C TYR B 462 14.49 -2.38 -8.94
N ASP B 463 15.26 -3.33 -8.53
CA ASP B 463 15.06 -4.25 -7.48
C ASP B 463 14.91 -3.64 -6.13
N ILE B 464 15.33 -2.44 -5.92
CA ILE B 464 15.42 -1.80 -4.67
C ILE B 464 14.10 -1.95 -3.98
N GLY B 465 13.96 -2.73 -2.98
CA GLY B 465 12.80 -2.96 -2.29
C GLY B 465 12.26 -1.82 -1.55
N PRO B 466 11.03 -1.88 -1.06
CA PRO B 466 10.52 -0.82 -0.21
C PRO B 466 11.32 -0.54 1.00
N GLU B 467 11.91 -1.57 1.59
CA GLU B 467 12.74 -1.49 2.80
C GLU B 467 14.23 -1.71 2.52
N ALA B 468 14.67 -1.56 1.27
CA ALA B 468 15.96 -1.85 0.78
C ALA B 468 16.84 -0.64 0.63
N LEU B 469 18.10 -0.82 0.39
CA LEU B 469 19.12 0.11 0.14
C LEU B 469 20.23 -0.52 -0.66
N ALA B 470 20.27 -0.43 -1.94
CA ALA B 470 21.26 -0.93 -2.82
C ALA B 470 22.52 -0.14 -2.64
N VAL B 471 23.66 -0.77 -2.38
CA VAL B 471 24.84 -0.09 -1.88
C VAL B 471 25.98 -0.22 -2.87
N PHE B 472 26.76 0.78 -3.04
CA PHE B 472 27.89 0.96 -3.86
C PHE B 472 29.08 1.37 -3.06
N LYS B 473 30.27 1.26 -3.55
CA LYS B 473 31.51 1.42 -2.92
C LYS B 473 32.42 2.33 -3.69
N ILE B 474 32.80 3.47 -3.21
CA ILE B 474 33.44 4.56 -3.84
C ILE B 474 34.90 4.62 -3.50
N LYS B 475 35.80 4.34 -4.36
CA LYS B 475 37.20 4.23 -4.27
C LYS B 475 37.93 5.37 -4.92
N ASP B 476 38.94 5.92 -4.36
CA ASP B 476 39.88 6.79 -4.97
C ASP B 476 41.31 6.33 -4.95
N SER B 477 41.85 6.18 -3.81
CA SER B 477 43.21 5.98 -3.51
C SER B 477 43.47 5.97 -2.03
N ALA B 478 44.64 5.71 -1.59
CA ALA B 478 45.07 5.82 -0.26
C ALA B 478 44.19 5.05 0.71
N GLY B 479 43.40 4.13 0.27
CA GLY B 479 42.47 3.42 0.99
C GLY B 479 41.19 4.03 1.35
N ASN B 480 40.89 5.17 0.86
CA ASN B 480 39.69 5.88 1.02
C ASN B 480 38.54 5.12 0.43
N TRP B 481 37.49 4.84 1.10
CA TRP B 481 36.24 4.39 0.62
C TRP B 481 35.08 4.73 1.48
N PHE B 482 33.90 4.80 0.97
CA PHE B 482 32.68 5.13 1.58
C PHE B 482 31.48 4.65 0.83
N ASP B 483 30.59 3.91 1.46
CA ASP B 483 29.43 3.37 0.77
C ASP B 483 28.43 4.47 0.49
N ILE B 484 27.95 4.58 -0.69
CA ILE B 484 26.79 5.24 -1.16
C ILE B 484 25.71 4.24 -1.45
N GLY B 485 24.56 4.34 -0.92
CA GLY B 485 23.44 3.57 -1.12
C GLY B 485 22.26 4.23 -1.70
N ILE B 486 21.52 3.64 -2.57
CA ILE B 486 20.37 4.09 -3.26
C ILE B 486 19.14 3.47 -2.67
N SER B 487 18.14 4.20 -2.29
CA SER B 487 16.93 3.80 -1.71
C SER B 487 15.87 3.52 -2.72
N CYS B 488 14.69 3.18 -2.32
CA CYS B 488 13.52 3.06 -3.11
C CYS B 488 13.23 4.33 -3.85
N GLU B 489 13.21 5.43 -3.19
CA GLU B 489 12.96 6.72 -3.67
C GLU B 489 14.04 7.26 -4.54
N GLY B 490 15.19 6.69 -4.57
CA GLY B 490 16.26 7.07 -5.34
C GLY B 490 17.17 8.12 -4.88
N PHE B 491 17.31 8.31 -3.62
CA PHE B 491 18.20 9.18 -2.97
C PHE B 491 19.41 8.49 -2.44
N SER B 492 20.56 9.05 -2.54
CA SER B 492 21.83 8.58 -2.18
C SER B 492 22.07 8.76 -0.71
N PHE B 493 22.39 7.76 0.04
CA PHE B 493 22.62 7.69 1.43
C PHE B 493 24.04 7.37 1.81
N VAL B 494 24.46 7.67 2.99
CA VAL B 494 25.71 7.45 3.60
C VAL B 494 25.58 7.07 5.05
N GLY B 495 26.57 6.38 5.60
CA GLY B 495 26.54 6.01 7.00
C GLY B 495 26.66 7.17 7.97
N ALA B 496 27.83 7.78 8.06
CA ALA B 496 28.04 8.83 9.03
C ALA B 496 27.79 10.19 8.40
N PRO B 497 27.56 11.23 9.20
CA PRO B 497 27.15 12.52 8.71
C PRO B 497 28.20 13.54 8.44
N THR B 498 29.43 13.35 8.75
CA THR B 498 30.48 14.28 8.68
C THR B 498 31.79 13.79 8.14
N LEU B 499 31.84 12.75 7.41
CA LEU B 499 33.00 12.17 6.86
C LEU B 499 33.74 13.21 6.05
N PRO B 500 35.06 13.32 6.13
CA PRO B 500 35.79 14.35 5.41
C PRO B 500 35.89 14.16 3.93
N PHE B 501 34.93 14.49 3.14
CA PHE B 501 34.92 14.39 1.74
C PHE B 501 36.07 15.13 1.13
N SER B 502 36.55 16.16 1.73
CA SER B 502 37.62 16.97 1.31
C SER B 502 38.89 16.20 1.12
N SER B 503 39.05 15.07 1.72
CA SER B 503 40.19 14.24 1.74
C SER B 503 40.35 13.34 0.55
N LEU B 504 39.38 13.16 -0.28
CA LEU B 504 39.32 12.25 -1.35
C LEU B 504 40.17 12.66 -2.52
N GLN B 505 40.50 11.78 -3.39
CA GLN B 505 41.06 11.90 -4.68
C GLN B 505 40.03 11.75 -5.77
N PHE B 506 40.05 12.50 -6.80
CA PHE B 506 39.11 12.64 -7.85
C PHE B 506 38.78 11.35 -8.55
N PRO B 507 39.79 10.53 -8.89
CA PRO B 507 39.56 9.40 -9.76
C PRO B 507 38.64 8.34 -9.25
N LEU B 508 37.51 8.66 -8.73
CA LEU B 508 36.61 7.85 -8.02
C LEU B 508 36.16 6.68 -8.84
N GLU B 509 35.92 5.54 -8.29
CA GLU B 509 35.46 4.34 -8.85
C GLU B 509 34.40 3.67 -8.03
N ALA B 510 33.29 3.29 -8.57
CA ALA B 510 32.18 2.65 -7.99
C ALA B 510 32.24 1.17 -8.19
N SER B 511 31.76 0.37 -7.30
CA SER B 511 31.72 -1.04 -7.31
C SER B 511 30.57 -1.58 -6.53
N TYR B 512 29.51 -2.02 -7.10
CA TYR B 512 28.38 -2.57 -6.49
C TYR B 512 28.77 -3.47 -5.35
N VAL B 513 28.02 -3.58 -4.33
CA VAL B 513 28.17 -4.41 -3.19
C VAL B 513 27.09 -5.41 -2.96
N GLY B 514 25.88 -5.02 -2.85
CA GLY B 514 24.76 -5.75 -2.53
C GLY B 514 23.58 -5.00 -2.07
N MET B 515 22.58 -5.60 -1.54
CA MET B 515 21.42 -5.05 -0.95
C MET B 515 21.50 -5.09 0.55
N ALA B 516 21.79 -4.05 1.22
CA ALA B 516 21.82 -3.86 2.61
C ALA B 516 20.48 -3.46 3.16
N SER B 517 20.08 -3.91 4.29
CA SER B 517 18.89 -3.58 4.97
C SER B 517 18.83 -2.10 5.23
N ALA B 518 17.82 -1.40 4.82
CA ALA B 518 17.67 -0.01 4.92
C ALA B 518 18.07 0.51 6.27
N TYR B 519 17.70 -0.21 7.32
CA TYR B 519 17.82 0.18 8.72
C TYR B 519 19.21 -0.01 9.34
N ASN B 520 20.14 -0.71 8.66
CA ASN B 520 21.50 -0.84 8.99
C ASN B 520 22.18 0.49 8.93
N LYS B 521 23.42 0.58 9.27
CA LYS B 521 24.33 1.63 9.04
C LYS B 521 25.28 1.31 7.93
N LEU B 522 25.41 2.10 6.92
CA LEU B 522 26.39 2.04 5.90
C LEU B 522 27.75 2.34 6.45
N GLN B 523 28.79 1.71 6.01
CA GLN B 523 30.11 1.83 6.46
C GLN B 523 30.85 2.92 5.74
N HIS B 524 31.99 3.30 6.18
CA HIS B 524 32.82 4.33 5.70
C HIS B 524 34.21 4.26 6.23
N ASN B 525 35.21 4.38 5.43
CA ASN B 525 36.57 4.23 5.73
C ASN B 525 37.43 5.20 4.95
N ILE B 526 37.70 6.35 5.42
CA ILE B 526 38.46 7.39 4.85
C ILE B 526 39.35 8.06 5.85
N ALA B 527 40.57 8.36 5.54
CA ALA B 527 41.53 9.01 6.33
C ALA B 527 40.96 10.25 6.97
N ILE C 12 43.94 -16.73 20.70
CA ILE C 12 43.19 -17.86 20.47
C ILE C 12 41.73 -17.54 20.65
N THR C 13 40.88 -17.73 19.70
CA THR C 13 39.52 -17.40 19.70
C THR C 13 38.81 -18.00 20.88
N GLY C 14 38.12 -17.26 21.67
CA GLY C 14 37.36 -17.67 22.74
C GLY C 14 35.97 -18.06 22.49
N GLU C 15 35.55 -19.23 22.83
CA GLU C 15 34.31 -19.83 22.53
C GLU C 15 33.17 -19.05 23.10
N GLU C 16 31.96 -19.26 22.67
CA GLU C 16 30.74 -18.81 23.24
C GLU C 16 30.48 -19.46 24.56
N GLN C 17 30.28 -20.74 24.56
CA GLN C 17 29.99 -21.60 25.65
C GLN C 17 30.89 -21.38 26.82
N GLY C 18 31.97 -20.72 26.65
CA GLY C 18 32.92 -20.41 27.59
C GLY C 18 34.06 -21.29 27.63
N VAL C 19 35.16 -20.94 27.06
CA VAL C 19 36.39 -21.62 27.11
C VAL C 19 37.15 -21.35 28.37
N ALA C 20 36.65 -20.56 29.24
CA ALA C 20 37.29 -19.82 30.25
C ALA C 20 37.68 -20.64 31.45
N VAL C 21 38.45 -20.12 32.35
CA VAL C 21 39.03 -20.69 33.49
C VAL C 21 38.05 -20.68 34.63
N ALA C 22 38.10 -21.65 35.52
CA ALA C 22 37.22 -21.63 36.69
C ALA C 22 38.00 -21.21 37.93
N THR C 23 37.32 -20.52 38.83
CA THR C 23 37.94 -20.09 40.07
C THR C 23 36.87 -19.99 41.16
N GLY C 24 37.32 -20.03 42.40
CA GLY C 24 36.44 -19.90 43.54
C GLY C 24 37.23 -19.69 44.80
N THR C 25 36.52 -19.65 45.93
CA THR C 25 37.18 -19.58 47.23
C THR C 25 36.21 -19.88 48.37
N GLN C 26 36.43 -21.01 49.05
CA GLN C 26 35.66 -21.40 50.24
C GLN C 26 34.17 -21.62 49.95
N PRO C 27 33.81 -22.49 49.02
CA PRO C 27 32.43 -22.57 48.56
C PRO C 27 31.58 -23.42 49.48
N SER C 28 30.30 -23.44 49.16
CA SER C 28 29.31 -24.25 49.86
C SER C 28 29.18 -25.60 49.16
N ALA C 29 28.10 -26.32 49.46
CA ALA C 29 27.92 -27.63 48.85
C ALA C 29 26.86 -27.58 47.74
N PRO C 30 26.79 -28.62 46.89
CA PRO C 30 25.66 -28.75 45.96
C PRO C 30 24.47 -29.47 46.55
N ALA C 31 24.66 -30.20 47.65
CA ALA C 31 23.55 -30.88 48.29
C ALA C 31 22.49 -29.90 48.76
N MET C 32 22.85 -28.64 48.94
CA MET C 32 21.83 -27.64 49.22
C MET C 32 20.87 -27.48 48.05
N ALA C 33 21.34 -27.70 46.83
CA ALA C 33 20.43 -27.73 45.70
C ALA C 33 19.42 -28.85 45.84
N THR C 34 19.86 -30.02 46.30
CA THR C 34 18.94 -31.12 46.53
C THR C 34 17.96 -30.77 47.63
N LEU C 35 18.46 -30.11 48.67
CA LEU C 35 17.57 -29.65 49.72
C LEU C 35 16.47 -28.76 49.16
N ALA C 36 16.85 -27.80 48.32
CA ALA C 36 15.86 -26.93 47.72
C ALA C 36 14.89 -27.71 46.86
N THR C 37 15.40 -28.62 46.04
CA THR C 37 14.53 -29.40 45.18
C THR C 37 13.54 -30.20 45.99
N ALA C 38 13.95 -30.66 47.17
CA ALA C 38 12.99 -31.29 48.06
C ALA C 38 11.96 -30.29 48.55
N ALA C 39 12.41 -29.10 48.91
CA ALA C 39 11.48 -28.12 49.46
C ALA C 39 10.28 -27.93 48.52
N THR C 40 10.54 -27.84 47.22
CA THR C 40 9.49 -27.64 46.23
C THR C 40 9.76 -28.55 45.06
N GLY C 41 8.80 -29.42 44.76
CA GLY C 41 9.02 -30.44 43.77
C GLY C 41 8.90 -29.94 42.35
N THR C 42 9.86 -29.12 41.92
CA THR C 42 9.78 -28.48 40.62
C THR C 42 10.59 -29.26 39.59
N MET C 43 9.91 -30.18 38.93
CA MET C 43 10.45 -30.87 37.77
C MET C 43 10.74 -29.84 36.70
N PRO C 44 11.75 -30.03 35.85
CA PRO C 44 12.28 -28.92 35.06
C PRO C 44 11.30 -28.17 34.17
N GLU C 45 10.51 -28.87 33.35
CA GLU C 45 9.83 -28.22 32.23
C GLU C 45 8.32 -28.26 32.37
N GLU C 46 7.80 -27.96 33.56
CA GLU C 46 6.45 -28.36 33.90
C GLU C 46 5.42 -27.85 32.91
N TRP C 47 5.58 -26.63 32.39
CA TRP C 47 4.45 -25.99 31.74
C TRP C 47 3.98 -26.76 30.52
N LYS C 48 4.77 -27.67 29.99
CA LYS C 48 4.34 -28.46 28.87
C LYS C 48 3.60 -29.73 29.28
N THR C 49 3.00 -29.75 30.47
CA THR C 49 2.40 -30.97 30.97
C THR C 49 0.91 -30.84 31.25
N PHE C 50 0.40 -29.64 31.42
CA PHE C 50 -0.96 -29.47 31.89
C PHE C 50 -1.69 -28.41 31.08
N PHE C 51 -2.91 -28.73 30.69
CA PHE C 51 -3.71 -27.80 29.94
C PHE C 51 -3.92 -26.54 30.76
N SER C 52 -4.52 -25.53 30.15
CA SER C 52 -4.73 -24.25 30.80
C SER C 52 -5.90 -23.52 30.17
N TYR C 53 -6.80 -23.02 31.02
CA TYR C 53 -8.08 -22.52 30.57
C TYR C 53 -7.91 -21.38 29.59
N TYR C 54 -8.76 -21.30 28.62
CA TYR C 54 -8.74 -20.43 27.51
C TYR C 54 -10.00 -19.65 27.27
N THR C 55 -11.12 -20.32 27.42
CA THR C 55 -12.41 -19.68 27.18
C THR C 55 -13.53 -20.68 27.43
N THR C 56 -14.73 -20.27 27.34
CA THR C 56 -15.94 -20.98 27.43
C THR C 56 -16.97 -20.51 26.44
N VAL C 57 -17.86 -21.32 26.00
CA VAL C 57 -18.90 -21.10 25.08
C VAL C 57 -20.22 -21.58 25.61
N ASN C 58 -21.31 -21.07 25.18
CA ASN C 58 -22.64 -21.39 25.52
C ASN C 58 -23.31 -22.16 24.42
N TRP C 59 -23.71 -23.40 24.67
CA TRP C 59 -24.51 -24.20 23.74
C TRP C 59 -25.90 -24.19 24.30
N SER C 60 -26.88 -23.74 23.55
CA SER C 60 -28.24 -23.48 24.04
C SER C 60 -29.31 -24.12 23.18
N THR C 61 -30.50 -24.33 23.71
CA THR C 61 -31.64 -24.81 22.94
C THR C 61 -32.13 -23.82 21.89
N THR C 62 -31.62 -22.58 21.90
CA THR C 62 -31.89 -21.55 20.88
C THR C 62 -31.03 -21.74 19.62
N ASP C 63 -30.00 -22.59 19.71
CA ASP C 63 -29.08 -22.85 18.62
C ASP C 63 -29.64 -23.75 17.52
N GLU C 64 -28.93 -23.80 16.39
CA GLU C 64 -29.33 -24.40 15.11
C GLU C 64 -28.34 -25.50 14.73
N THR C 65 -28.80 -26.60 14.13
CA THR C 65 -27.93 -27.53 13.39
C THR C 65 -27.08 -26.75 12.41
N GLY C 66 -25.81 -26.56 12.77
CA GLY C 66 -24.81 -25.87 12.11
C GLY C 66 -24.24 -24.63 12.66
N LYS C 67 -24.82 -24.06 13.65
CA LYS C 67 -24.37 -22.94 14.37
C LYS C 67 -22.98 -23.20 14.90
N VAL C 68 -22.05 -22.32 14.76
CA VAL C 68 -20.67 -22.40 15.10
C VAL C 68 -20.42 -21.88 16.48
N LEU C 69 -20.11 -22.67 17.44
CA LEU C 69 -19.83 -22.36 18.79
C LEU C 69 -18.43 -21.93 19.06
N PHE C 70 -17.48 -22.28 18.27
CA PHE C 70 -16.11 -22.06 18.45
C PHE C 70 -15.29 -22.12 17.20
N VAL C 71 -14.52 -21.08 16.92
CA VAL C 71 -13.64 -21.02 15.77
C VAL C 71 -12.26 -20.63 16.26
N GLN C 72 -11.24 -21.34 15.94
CA GLN C 72 -9.95 -21.28 16.50
C GLN C 72 -8.86 -21.70 15.59
N GLY C 73 -7.86 -20.94 15.36
CA GLY C 73 -6.71 -21.26 14.69
C GLY C 73 -5.54 -21.65 15.46
N LEU C 74 -4.48 -22.04 14.86
CA LEU C 74 -3.24 -22.38 15.40
C LEU C 74 -2.46 -21.15 15.76
N SER C 75 -2.14 -20.90 16.98
CA SER C 75 -1.45 -19.77 17.49
C SER C 75 -0.78 -20.03 18.81
N PRO C 76 0.52 -19.83 18.96
CA PRO C 76 1.13 -19.98 20.26
C PRO C 76 0.56 -19.15 21.34
N ARG C 77 0.02 -17.98 20.98
CA ARG C 77 -0.37 -16.91 21.90
C ARG C 77 -1.63 -17.25 22.73
N MET C 78 -2.26 -18.39 22.52
CA MET C 78 -3.40 -18.82 23.21
C MET C 78 -3.09 -19.41 24.55
N ASN C 79 -2.06 -20.10 24.70
CA ASN C 79 -1.56 -20.72 25.86
C ASN C 79 -0.90 -19.72 26.76
N PRO C 80 -1.35 -19.48 27.99
CA PRO C 80 -0.80 -18.43 28.79
C PRO C 80 0.67 -18.50 29.03
N PHE C 81 1.27 -19.63 29.03
CA PHE C 81 2.64 -19.89 29.20
C PHE C 81 3.46 -19.71 27.95
N LEU C 82 3.18 -20.43 26.92
CA LEU C 82 3.81 -20.34 25.67
C LEU C 82 3.80 -18.93 25.15
N ASP C 83 2.80 -18.19 25.45
CA ASP C 83 2.70 -16.81 25.19
C ASP C 83 3.90 -16.06 25.68
N HIS C 84 4.45 -16.47 26.75
CA HIS C 84 5.52 -15.86 27.43
C HIS C 84 6.85 -16.17 26.81
N LEU C 85 7.13 -17.41 26.60
CA LEU C 85 8.21 -17.90 25.84
C LEU C 85 8.32 -17.19 24.53
N ALA C 86 7.24 -17.00 23.87
CA ALA C 86 7.13 -16.46 22.57
C ALA C 86 7.90 -15.19 22.41
N LYS C 87 7.93 -14.34 23.45
CA LYS C 87 8.67 -13.08 23.39
C LYS C 87 10.16 -13.32 23.18
N MET C 88 10.65 -14.54 23.40
CA MET C 88 11.98 -14.95 23.41
C MET C 88 12.44 -15.69 22.20
N TYR C 89 11.58 -16.06 21.32
CA TYR C 89 11.74 -16.79 20.13
C TYR C 89 11.22 -16.06 18.93
N THR C 90 11.56 -16.44 17.75
CA THR C 90 11.23 -15.86 16.51
C THR C 90 10.33 -16.63 15.61
N GLY C 91 10.13 -17.88 15.83
CA GLY C 91 9.32 -18.72 15.13
C GLY C 91 8.86 -19.96 15.77
N TRP C 92 7.93 -20.65 15.24
CA TRP C 92 7.33 -21.82 15.73
C TRP C 92 6.95 -22.80 14.67
N SER C 93 6.52 -23.98 15.08
CA SER C 93 6.06 -24.98 14.15
C SER C 93 5.26 -26.00 14.93
N GLY C 94 4.56 -26.86 14.20
CA GLY C 94 3.83 -27.95 14.82
C GLY C 94 2.47 -27.51 15.34
N SER C 95 1.76 -28.47 15.91
CA SER C 95 0.39 -28.26 16.32
C SER C 95 0.31 -27.95 17.81
N MET C 96 -0.85 -27.75 18.33
CA MET C 96 -1.19 -27.56 19.68
C MET C 96 -2.58 -28.02 20.03
N GLU C 97 -2.73 -28.65 21.19
CA GLU C 97 -3.92 -29.42 21.52
C GLU C 97 -4.94 -28.56 22.22
N ILE C 98 -6.19 -29.01 22.19
CA ILE C 98 -7.30 -28.34 22.83
C ILE C 98 -8.16 -29.41 23.49
N ARG C 99 -8.67 -29.12 24.67
CA ARG C 99 -9.46 -30.08 25.41
C ARG C 99 -10.81 -29.47 25.75
N PHE C 100 -11.86 -29.94 25.18
CA PHE C 100 -13.22 -29.62 25.38
C PHE C 100 -13.80 -30.46 26.48
N THR C 101 -14.62 -29.94 27.34
CA THR C 101 -15.16 -30.47 28.52
C THR C 101 -16.65 -30.33 28.66
N ILE C 102 -17.42 -30.63 27.67
CA ILE C 102 -18.83 -30.69 27.69
C ILE C 102 -19.24 -31.43 28.92
N SER C 103 -20.06 -30.94 29.78
CA SER C 103 -20.51 -31.46 31.01
C SER C 103 -21.99 -31.41 31.22
N GLY C 104 -22.75 -31.80 30.20
CA GLY C 104 -24.20 -31.84 30.27
C GLY C 104 -24.67 -32.97 31.21
N SER C 105 -25.92 -32.89 31.65
CA SER C 105 -26.63 -33.84 32.39
C SER C 105 -26.71 -35.15 31.67
N GLY C 106 -27.12 -36.19 32.29
CA GLY C 106 -27.33 -37.43 31.73
C GLY C 106 -28.50 -37.66 30.91
N VAL C 107 -29.52 -36.82 31.09
CA VAL C 107 -30.78 -36.85 30.32
C VAL C 107 -30.73 -35.97 29.09
N PHE C 108 -29.74 -35.08 28.96
CA PHE C 108 -29.62 -34.21 27.79
C PHE C 108 -29.28 -35.01 26.54
N GLY C 109 -30.07 -34.89 25.48
CA GLY C 109 -29.71 -35.33 24.14
C GLY C 109 -28.92 -34.25 23.40
N GLY C 110 -28.69 -34.48 22.12
CA GLY C 110 -27.92 -33.57 21.25
C GLY C 110 -26.52 -34.08 20.95
N LYS C 111 -25.85 -33.51 19.94
CA LYS C 111 -24.48 -33.82 19.54
C LYS C 111 -23.80 -32.58 18.98
N LEU C 112 -22.47 -32.51 19.16
CA LEU C 112 -21.68 -31.38 18.80
C LEU C 112 -20.53 -31.86 17.93
N ALA C 113 -20.20 -31.17 16.87
CA ALA C 113 -19.36 -31.57 15.80
C ALA C 113 -18.05 -30.85 15.75
N ALA C 114 -16.97 -31.47 15.43
CA ALA C 114 -15.63 -31.02 15.34
C ALA C 114 -15.07 -31.10 13.95
N VAL C 115 -14.64 -30.06 13.34
CA VAL C 115 -14.19 -29.86 12.02
C VAL C 115 -12.84 -29.22 11.96
N MET C 116 -12.03 -29.56 10.95
CA MET C 116 -10.80 -28.82 10.67
C MET C 116 -10.87 -28.27 9.26
N VAL C 117 -10.67 -26.97 9.11
CA VAL C 117 -10.89 -26.26 7.85
C VAL C 117 -9.53 -25.95 7.24
N PRO C 118 -9.24 -26.40 6.02
CA PRO C 118 -7.94 -26.17 5.45
C PRO C 118 -7.63 -24.69 5.41
N PRO C 119 -6.35 -24.32 5.55
CA PRO C 119 -6.01 -22.90 5.58
C PRO C 119 -6.57 -22.16 4.38
N GLY C 120 -7.15 -21.00 4.65
CA GLY C 120 -7.83 -20.23 3.66
C GLY C 120 -9.33 -20.42 3.66
N ILE C 121 -9.81 -21.65 3.56
CA ILE C 121 -11.22 -21.88 3.31
C ILE C 121 -12.04 -21.23 4.41
N GLY C 122 -12.97 -20.38 4.01
CA GLY C 122 -13.66 -19.54 4.98
C GLY C 122 -14.49 -20.35 5.94
N THR C 123 -14.91 -19.69 7.02
CA THR C 123 -15.73 -20.30 8.05
C THR C 123 -16.97 -19.43 8.21
N GLU C 124 -18.01 -19.77 7.45
CA GLU C 124 -19.24 -19.00 7.50
C GLU C 124 -20.18 -19.53 8.56
N GLY C 125 -20.31 -20.79 8.75
CA GLY C 125 -21.11 -21.41 9.67
C GLY C 125 -22.45 -21.87 9.30
N GLY C 126 -22.64 -22.25 8.09
CA GLY C 126 -23.72 -22.92 7.61
C GLY C 126 -23.68 -24.39 7.74
N THR C 127 -24.73 -25.09 7.54
CA THR C 127 -24.76 -26.50 7.45
C THR C 127 -23.82 -27.02 6.40
N SER C 128 -23.34 -26.20 5.51
CA SER C 128 -22.38 -26.50 4.53
C SER C 128 -21.06 -26.93 5.10
N LEU C 129 -20.76 -26.60 6.30
CA LEU C 129 -19.61 -26.98 7.01
C LEU C 129 -19.62 -28.42 7.43
N LEU C 130 -20.70 -28.94 7.86
CA LEU C 130 -20.85 -30.26 8.31
C LEU C 130 -20.48 -31.28 7.27
N GLN C 131 -20.19 -30.93 6.07
CA GLN C 131 -19.79 -31.75 5.01
C GLN C 131 -18.32 -31.87 4.82
N PHE C 132 -17.51 -31.27 5.61
CA PHE C 132 -16.18 -31.57 5.85
C PHE C 132 -16.12 -32.90 6.53
N PRO C 133 -14.98 -33.59 6.53
CA PRO C 133 -14.85 -34.70 7.45
C PRO C 133 -15.01 -34.20 8.87
N HIS C 134 -15.67 -34.91 9.73
CA HIS C 134 -16.02 -34.55 11.04
C HIS C 134 -16.25 -35.67 12.00
N VAL C 135 -15.57 -35.74 13.06
CA VAL C 135 -15.88 -36.42 14.25
C VAL C 135 -17.06 -35.75 14.88
N LEU C 136 -17.68 -36.28 15.86
CA LEU C 136 -18.71 -35.71 16.62
C LEU C 136 -18.87 -36.28 18.00
N VAL C 137 -19.13 -35.50 19.00
CA VAL C 137 -19.20 -35.75 20.38
C VAL C 137 -20.60 -35.82 20.88
N ASP C 138 -20.94 -36.69 21.77
CA ASP C 138 -22.17 -36.82 22.44
C ASP C 138 -22.43 -35.66 23.35
N ALA C 139 -23.67 -35.30 23.62
CA ALA C 139 -23.95 -34.27 24.62
C ALA C 139 -23.73 -34.79 26.03
N ARG C 140 -23.72 -36.10 26.22
CA ARG C 140 -23.51 -36.80 27.43
C ARG C 140 -22.16 -37.43 27.58
N GLN C 141 -21.12 -36.93 27.02
CA GLN C 141 -19.79 -37.36 27.14
C GLN C 141 -19.19 -36.92 28.45
N THR C 142 -18.48 -37.73 29.16
CA THR C 142 -17.89 -37.52 30.42
C THR C 142 -16.45 -37.09 30.36
N GLU C 143 -15.64 -37.98 29.83
CA GLU C 143 -14.22 -37.71 29.70
C GLU C 143 -14.02 -36.57 28.72
N PRO C 144 -13.16 -35.60 29.03
CA PRO C 144 -12.91 -34.54 28.06
C PRO C 144 -12.38 -35.11 26.76
N VAL C 145 -12.24 -34.33 25.75
CA VAL C 145 -11.88 -34.61 24.42
C VAL C 145 -10.65 -33.87 24.00
N ILE C 146 -9.58 -34.56 23.62
CA ILE C 146 -8.36 -33.91 23.17
C ILE C 146 -8.40 -33.85 21.65
N PHE C 147 -8.37 -32.70 21.07
CA PHE C 147 -8.27 -32.37 19.70
C PHE C 147 -6.87 -31.96 19.35
N ASN C 148 -6.47 -32.16 18.12
CA ASN C 148 -5.19 -31.67 17.63
C ASN C 148 -5.44 -30.80 16.40
N ILE C 149 -4.94 -29.56 16.44
CA ILE C 149 -5.06 -28.67 15.30
C ILE C 149 -3.79 -28.82 14.48
N PRO C 150 -3.79 -29.62 13.42
CA PRO C 150 -2.54 -29.87 12.71
C PRO C 150 -2.02 -28.60 12.08
N ASP C 151 -0.69 -28.50 12.04
CA ASP C 151 -0.03 -27.35 11.43
C ASP C 151 0.19 -27.66 9.96
N ILE C 152 -0.82 -27.34 9.16
CA ILE C 152 -0.63 -27.23 7.72
C ILE C 152 0.21 -26.00 7.47
N ARG C 153 1.27 -26.14 6.69
CA ARG C 153 2.05 -24.96 6.39
C ARG C 153 2.76 -25.12 5.06
N THR C 154 2.89 -23.99 4.37
CA THR C 154 3.63 -23.89 3.13
C THR C 154 5.05 -23.40 3.35
N VAL C 155 5.28 -22.69 4.41
CA VAL C 155 6.63 -22.33 4.82
C VAL C 155 7.19 -23.45 5.65
N LEU C 156 8.49 -23.39 5.91
CA LEU C 156 9.11 -24.38 6.78
C LEU C 156 8.80 -24.08 8.25
N TRP C 157 8.82 -22.89 8.69
CA TRP C 157 8.53 -22.44 9.99
C TRP C 157 7.91 -21.09 10.03
N HIS C 158 6.97 -20.83 10.85
CA HIS C 158 6.18 -19.67 10.99
C HIS C 158 6.93 -18.53 11.61
N ASP C 159 6.70 -17.33 11.23
CA ASP C 159 6.98 -16.14 11.92
C ASP C 159 5.93 -15.85 12.96
N MET C 160 6.22 -15.18 14.01
CA MET C 160 5.36 -14.85 15.07
C MET C 160 4.01 -14.35 14.65
N HIS C 161 3.94 -13.65 13.53
CA HIS C 161 2.76 -12.88 13.10
C HIS C 161 2.02 -13.45 11.88
N ASP C 162 2.39 -14.62 11.34
CA ASP C 162 1.67 -15.31 10.33
C ASP C 162 0.33 -15.71 10.84
N THR C 163 -0.71 -15.68 10.09
CA THR C 163 -2.06 -15.92 10.40
C THR C 163 -2.77 -17.03 9.69
N LEU C 164 -2.51 -17.29 8.46
CA LEU C 164 -3.05 -18.30 7.64
C LEU C 164 -2.76 -19.64 8.22
N THR C 165 -3.66 -20.32 8.85
CA THR C 165 -3.56 -21.61 9.42
C THR C 165 -4.88 -22.31 9.52
N ALA C 166 -4.85 -23.61 9.78
CA ALA C 166 -6.09 -24.37 9.86
C ALA C 166 -6.90 -23.92 11.05
N HIS C 167 -8.17 -24.07 11.03
CA HIS C 167 -9.15 -23.74 11.98
C HIS C 167 -9.92 -24.94 12.46
N LEU C 168 -9.94 -25.27 13.70
CA LEU C 168 -10.79 -26.18 14.36
C LEU C 168 -12.10 -25.55 14.69
N VAL C 169 -13.19 -25.91 14.14
CA VAL C 169 -14.48 -25.38 14.27
C VAL C 169 -15.43 -26.31 14.95
N ILE C 170 -16.17 -25.92 15.93
CA ILE C 170 -17.16 -26.60 16.66
C ILE C 170 -18.53 -26.18 16.23
N LEU C 171 -19.26 -26.97 15.51
CA LEU C 171 -20.54 -26.80 14.97
C LEU C 171 -21.55 -27.59 15.76
N VAL C 172 -22.80 -27.16 15.84
CA VAL C 172 -23.88 -27.98 16.42
C VAL C 172 -24.33 -28.99 15.38
N TYR C 173 -24.22 -30.27 15.68
CA TYR C 173 -24.75 -31.31 14.83
C TYR C 173 -26.26 -31.41 15.04
N ASN C 174 -26.72 -31.76 16.23
CA ASN C 174 -28.12 -31.87 16.59
C ASN C 174 -28.36 -31.16 17.92
N ASP C 175 -29.47 -30.44 17.99
CA ASP C 175 -29.82 -29.54 19.10
C ASP C 175 -29.78 -30.21 20.49
N LEU C 176 -29.61 -29.44 21.56
CA LEU C 176 -29.45 -29.87 22.95
C LEU C 176 -30.82 -30.28 23.55
N LEU C 177 -31.38 -31.38 23.06
CA LEU C 177 -32.73 -31.82 23.41
C LEU C 177 -32.88 -32.10 24.92
N ASN C 178 -33.60 -31.24 25.63
CA ASN C 178 -34.01 -31.56 27.01
C ASN C 178 -35.34 -32.30 26.95
N PRO C 179 -35.51 -33.46 27.60
CA PRO C 179 -36.81 -34.10 27.67
C PRO C 179 -37.83 -33.23 28.36
N TYR C 180 -37.43 -32.45 29.36
CA TYR C 180 -38.23 -31.45 30.04
C TYR C 180 -38.19 -30.13 29.24
N GLN C 181 -39.34 -29.48 29.16
CA GLN C 181 -39.41 -28.10 28.75
C GLN C 181 -40.36 -27.33 29.67
N ASN C 182 -39.99 -26.11 30.04
CA ASN C 182 -40.62 -25.37 31.13
C ASN C 182 -40.82 -23.88 30.82
N THR C 183 -41.66 -23.22 31.61
CA THR C 183 -41.87 -21.76 31.64
C THR C 183 -40.53 -21.02 31.88
N THR C 184 -40.38 -19.85 31.27
CA THR C 184 -39.03 -19.26 31.05
C THR C 184 -38.16 -20.23 30.25
N THR C 185 -38.68 -20.66 29.09
CA THR C 185 -38.01 -21.59 28.16
C THR C 185 -36.61 -21.12 27.75
N GLY C 186 -35.65 -22.04 27.77
CA GLY C 186 -34.28 -21.86 27.28
C GLY C 186 -33.27 -22.37 28.30
N THR C 187 -32.45 -23.35 27.92
CA THR C 187 -31.41 -23.95 28.76
C THR C 187 -30.13 -24.19 27.98
N SER C 188 -29.00 -24.27 28.65
CA SER C 188 -27.68 -24.28 27.98
C SER C 188 -26.61 -25.06 28.73
N CYS C 189 -25.73 -25.71 27.96
CA CYS C 189 -24.58 -26.46 28.45
C CYS C 189 -23.31 -25.65 28.21
N THR C 190 -22.40 -25.62 29.16
CA THR C 190 -21.17 -24.94 29.13
C THR C 190 -20.09 -25.80 28.58
N VAL C 191 -19.52 -25.51 27.47
CA VAL C 191 -18.39 -26.05 26.82
C VAL C 191 -17.19 -25.27 27.23
N THR C 192 -16.20 -25.81 27.83
CA THR C 192 -15.00 -25.22 28.28
C THR C 192 -13.85 -25.59 27.40
N VAL C 193 -13.08 -24.69 26.93
CA VAL C 193 -11.97 -24.79 26.06
C VAL C 193 -10.69 -24.57 26.81
N GLU C 194 -9.73 -25.46 26.69
CA GLU C 194 -8.45 -25.24 27.32
C GLU C 194 -7.36 -25.88 26.48
N THR C 195 -6.23 -25.27 26.40
CA THR C 195 -5.17 -25.44 25.49
C THR C 195 -3.94 -26.03 26.09
N ARG C 196 -3.03 -26.46 25.24
CA ARG C 196 -1.74 -26.98 25.65
C ARG C 196 -0.84 -27.02 24.43
N GLY C 197 0.46 -27.01 24.65
CA GLY C 197 1.37 -27.22 23.55
C GLY C 197 1.31 -28.66 23.08
N GLY C 198 1.24 -28.85 21.78
CA GLY C 198 1.16 -30.17 21.24
C GLY C 198 2.37 -30.98 21.59
N THR C 199 2.44 -32.19 21.03
CA THR C 199 3.62 -33.00 21.22
C THR C 199 4.80 -32.51 20.38
N ASP C 200 4.53 -31.93 19.22
CA ASP C 200 5.57 -31.52 18.30
C ASP C 200 5.76 -30.03 18.23
N PHE C 201 5.54 -29.27 19.25
CA PHE C 201 5.58 -27.87 19.32
C PHE C 201 6.91 -27.36 19.72
N GLU C 202 7.71 -26.84 18.80
CA GLU C 202 9.04 -26.35 19.09
C GLU C 202 9.14 -24.91 18.66
N PHE C 203 9.79 -24.08 19.41
CA PHE C 203 10.18 -22.77 19.12
C PHE C 203 11.49 -22.72 18.39
N HIS C 204 11.79 -21.67 17.70
CA HIS C 204 12.91 -21.39 16.90
C HIS C 204 13.73 -20.20 17.34
N LEU C 205 14.66 -19.74 16.58
CA LEU C 205 15.80 -18.98 16.92
C LEU C 205 15.57 -18.08 18.11
N LEU C 206 16.44 -18.01 19.07
CA LEU C 206 16.48 -17.14 20.18
C LEU C 206 16.56 -15.69 19.78
N LYS C 207 15.87 -14.83 20.50
CA LYS C 207 16.07 -13.38 20.47
C LYS C 207 16.01 -12.89 21.91
N PRO C 208 16.91 -12.03 22.36
CA PRO C 208 16.73 -11.36 23.59
C PRO C 208 15.44 -10.60 23.66
N PRO C 209 14.61 -10.77 24.69
CA PRO C 209 13.32 -10.14 24.70
C PRO C 209 13.28 -8.67 24.41
N SER C 210 14.35 -7.97 24.43
CA SER C 210 14.50 -6.58 24.24
C SER C 210 14.76 -6.15 22.83
N ARG C 211 14.83 -7.01 21.88
CA ARG C 211 15.17 -6.82 20.53
C ARG C 211 14.00 -6.98 19.62
N LYS C 212 13.74 -6.01 18.73
CA LYS C 212 12.55 -5.94 17.89
C LYS C 212 12.81 -6.30 16.44
N MET C 213 11.83 -6.89 15.77
CA MET C 213 11.94 -7.27 14.36
C MET C 213 11.95 -6.04 13.44
N ILE C 214 12.62 -6.13 12.29
CA ILE C 214 12.68 -5.04 11.32
C ILE C 214 11.29 -4.82 10.70
N PHE C 215 10.53 -5.90 10.49
CA PHE C 215 9.25 -5.89 9.79
C PHE C 215 8.04 -6.15 10.70
N GLY C 216 8.17 -5.89 12.00
CA GLY C 216 7.09 -6.16 12.96
C GLY C 216 7.35 -5.64 14.37
N ALA C 217 6.41 -5.91 15.27
CA ALA C 217 6.47 -5.59 16.69
C ALA C 217 5.33 -6.32 17.40
N ASP C 218 5.61 -6.98 18.52
CA ASP C 218 4.65 -7.85 19.20
C ASP C 218 3.37 -7.11 19.60
N PRO C 219 2.19 -7.47 19.07
CA PRO C 219 0.97 -6.72 19.32
C PRO C 219 0.52 -6.66 20.77
N SER C 220 1.02 -7.50 21.68
CA SER C 220 0.56 -7.48 23.08
C SER C 220 0.76 -6.12 23.74
N ARG C 221 1.76 -5.37 23.30
CA ARG C 221 2.04 -4.00 23.73
C ARG C 221 1.17 -2.98 22.96
N LEU C 222 -0.15 -3.16 22.93
CA LEU C 222 -1.09 -2.22 22.27
C LEU C 222 -2.34 -1.83 23.07
N ILE C 223 -2.78 -2.60 24.06
CA ILE C 223 -3.75 -2.11 25.06
C ILE C 223 -3.08 -2.16 26.44
N PRO C 224 -3.09 -1.09 27.26
CA PRO C 224 -2.54 -1.14 28.60
C PRO C 224 -3.28 -2.16 29.47
N LYS C 225 -2.56 -2.90 30.30
CA LYS C 225 -3.11 -4.02 31.08
C LYS C 225 -4.32 -3.64 31.92
N LYS C 226 -4.39 -2.43 32.47
CA LYS C 226 -5.45 -1.99 33.40
C LYS C 226 -6.08 -0.67 32.99
N SER C 227 -7.40 -0.58 33.03
CA SER C 227 -8.14 0.48 32.35
C SER C 227 -7.98 1.88 32.94
N MET C 228 -7.51 2.00 34.18
CA MET C 228 -7.15 3.28 34.78
C MET C 228 -6.06 4.03 33.98
N PHE C 229 -5.19 3.31 33.26
CA PHE C 229 -4.15 3.92 32.41
C PHE C 229 -4.69 4.43 31.08
N TRP C 230 -5.89 4.02 30.65
CA TRP C 230 -6.41 4.32 29.32
C TRP C 230 -6.81 5.78 29.18
N GLU C 231 -6.64 6.36 27.99
CA GLU C 231 -6.99 7.66 27.60
C GLU C 231 -7.52 7.72 26.20
N GLY C 232 -8.34 8.65 25.85
CA GLY C 232 -8.85 8.88 24.60
C GLY C 232 -7.98 9.59 23.65
N ASN C 233 -8.05 9.37 22.38
CA ASN C 233 -7.29 9.98 21.37
C ASN C 233 -7.91 11.18 20.72
N ARG C 234 -9.21 11.49 20.95
CA ARG C 234 -9.88 12.65 20.37
C ARG C 234 -9.63 13.87 21.22
N LEU C 235 -10.01 13.81 22.49
CA LEU C 235 -9.87 14.82 23.45
C LEU C 235 -9.84 14.25 24.83
N PRO C 236 -8.76 14.35 25.60
CA PRO C 236 -8.56 13.50 26.74
C PRO C 236 -9.65 13.51 27.76
N GLY C 237 -9.61 12.63 28.70
CA GLY C 237 -10.43 12.44 29.79
C GLY C 237 -10.28 11.22 30.57
N GLU C 238 -11.16 10.89 31.43
CA GLU C 238 -11.26 9.70 32.18
C GLU C 238 -12.06 8.66 31.46
N PHE C 239 -11.48 7.50 31.13
CA PHE C 239 -12.18 6.46 30.42
C PHE C 239 -13.49 6.12 31.12
N LYS C 240 -14.56 5.98 30.36
CA LYS C 240 -15.89 5.75 30.77
C LYS C 240 -16.63 4.75 29.93
N GLY C 241 -16.06 3.69 29.50
CA GLY C 241 -16.64 2.65 28.82
C GLY C 241 -16.63 2.64 27.35
N PHE C 242 -17.31 1.66 26.76
CA PHE C 242 -17.33 1.38 25.34
C PHE C 242 -18.68 1.71 24.71
N SER C 243 -18.73 1.74 23.38
CA SER C 243 -19.88 1.94 22.59
C SER C 243 -19.83 1.28 21.23
N ILE C 244 -20.86 0.68 20.76
CA ILE C 244 -21.04 0.02 19.53
C ILE C 244 -21.66 0.93 18.50
N LYS C 245 -21.11 1.12 17.36
CA LYS C 245 -21.58 1.84 16.25
C LYS C 245 -21.42 1.07 14.97
N PRO C 246 -22.40 1.02 14.05
CA PRO C 246 -22.27 0.25 12.80
C PRO C 246 -21.19 0.79 11.85
N LEU C 247 -20.76 2.04 12.05
CA LEU C 247 -19.72 2.70 11.28
C LEU C 247 -18.94 3.60 12.24
N VAL C 248 -17.63 3.53 12.20
CA VAL C 248 -16.72 4.30 13.05
C VAL C 248 -15.78 5.08 12.14
N PHE C 249 -15.44 6.30 12.52
CA PHE C 249 -14.93 7.31 11.61
C PHE C 249 -14.11 8.33 12.39
N GLN C 250 -12.84 8.54 12.03
CA GLN C 250 -11.99 9.51 12.72
C GLN C 250 -10.79 9.90 11.85
N ALA C 251 -10.54 11.20 11.69
CA ALA C 251 -9.35 11.68 11.01
C ALA C 251 -8.16 11.85 11.96
N ASN C 252 -8.23 12.72 12.97
CA ASN C 252 -7.05 13.13 13.71
C ASN C 252 -6.57 12.14 14.78
N ARG C 253 -5.28 12.17 15.13
CA ARG C 253 -4.64 11.36 16.19
C ARG C 253 -4.84 9.85 16.08
N HIS C 254 -5.23 9.35 14.91
CA HIS C 254 -5.46 7.93 14.62
C HIS C 254 -4.36 7.45 13.71
N PHE C 255 -3.80 6.30 14.04
CA PHE C 255 -2.64 5.74 13.49
C PHE C 255 -2.90 4.39 12.88
N ASP C 256 -2.62 4.23 11.59
CA ASP C 256 -2.70 2.91 10.95
C ASP C 256 -1.51 2.08 11.40
N CYS C 257 -1.60 0.76 11.31
CA CYS C 257 -0.61 -0.18 11.67
C CYS C 257 0.63 -0.11 10.82
N LYS C 258 0.71 0.75 9.87
CA LYS C 258 1.79 1.01 9.00
C LYS C 258 2.48 2.30 9.32
N ARG C 259 2.45 2.77 10.52
CA ARG C 259 3.05 3.97 10.97
C ARG C 259 2.48 5.21 10.38
N GLN C 260 1.44 5.17 9.63
CA GLN C 260 0.88 6.20 8.87
C GLN C 260 -0.21 6.94 9.61
N THR C 261 -0.62 8.07 9.15
CA THR C 261 -1.76 8.83 9.47
C THR C 261 -2.42 9.42 8.27
N PHE C 262 -3.74 9.59 8.33
CA PHE C 262 -4.45 10.59 7.52
C PHE C 262 -4.88 11.79 8.38
N GLY C 263 -4.71 11.70 9.70
CA GLY C 263 -4.68 12.84 10.61
C GLY C 263 -3.42 13.68 10.46
N TRP C 264 -3.25 14.65 11.36
CA TRP C 264 -2.26 15.71 11.24
C TRP C 264 -1.58 16.07 12.54
N SER C 265 -1.69 15.22 13.56
CA SER C 265 -1.26 15.45 14.88
C SER C 265 -0.42 14.36 15.48
N THR C 266 0.63 14.63 16.14
CA THR C 266 1.41 13.82 16.98
C THR C 266 0.51 13.30 18.06
N PRO C 267 0.70 12.09 18.61
CA PRO C 267 -0.28 11.53 19.51
C PRO C 267 -0.42 12.19 20.85
N GLU C 268 0.53 12.95 21.30
CA GLU C 268 0.71 13.42 22.62
C GLU C 268 -0.54 14.02 23.22
N HIS C 269 -1.23 14.83 22.51
CA HIS C 269 -2.19 15.74 23.00
C HIS C 269 -1.58 16.72 23.97
N ALA C 270 -0.64 17.51 23.57
CA ALA C 270 0.13 18.45 24.29
C ALA C 270 -0.26 19.89 24.09
N GLY C 271 -1.36 20.19 23.50
CA GLY C 271 -1.80 21.43 23.15
C GLY C 271 -1.45 21.94 21.81
N VAL C 272 -2.01 23.00 21.35
CA VAL C 272 -1.89 23.63 20.09
C VAL C 272 -1.02 24.84 20.19
N LYS C 273 0.03 24.97 19.47
CA LYS C 273 0.95 26.04 19.34
C LYS C 273 0.49 26.98 18.27
N LEU C 274 0.66 28.28 18.47
CA LEU C 274 0.14 29.25 17.52
C LEU C 274 0.63 30.66 17.85
N ASN C 275 0.43 31.57 16.91
CA ASN C 275 0.51 32.97 17.03
C ASN C 275 -0.84 33.63 16.99
N ILE C 276 -1.09 34.58 17.90
CA ILE C 276 -2.29 35.40 17.86
C ILE C 276 -1.88 36.71 17.20
N GLN C 277 -2.40 36.97 16.01
CA GLN C 277 -2.21 38.15 15.25
C GLN C 277 -3.08 39.27 15.74
N ARG C 278 -2.57 40.45 15.88
CA ARG C 278 -3.19 41.62 16.33
C ARG C 278 -4.30 42.09 15.43
N GLN C 279 -4.23 41.83 14.16
CA GLN C 279 -5.13 42.24 13.17
C GLN C 279 -6.54 41.95 13.61
N ASN C 280 -7.42 42.89 13.67
CA ASN C 280 -8.75 42.79 14.12
C ASN C 280 -9.65 42.15 13.10
N LEU C 281 -10.00 42.87 12.08
CA LEU C 281 -10.79 42.44 10.98
C LEU C 281 -12.00 41.65 11.44
N ASP C 282 -12.49 41.87 12.61
CA ASP C 282 -13.42 41.12 13.34
C ASP C 282 -14.62 41.85 13.88
N THR C 283 -14.42 42.98 14.46
CA THR C 283 -15.31 43.75 15.24
C THR C 283 -16.26 44.59 14.42
N GLU C 284 -16.95 44.03 13.47
CA GLU C 284 -17.94 44.63 12.67
C GLU C 284 -19.28 44.74 13.36
N ASP C 285 -19.51 43.95 14.43
CA ASP C 285 -20.70 44.04 15.30
C ASP C 285 -20.33 44.30 16.75
N LYS C 286 -21.05 45.19 17.44
CA LYS C 286 -20.88 45.46 18.89
C LYS C 286 -21.11 44.22 19.76
N THR C 287 -21.94 43.29 19.31
CA THR C 287 -22.27 42.04 20.00
C THR C 287 -21.17 40.95 19.88
N ASP C 288 -20.11 41.20 19.11
CA ASP C 288 -19.09 40.20 18.76
C ASP C 288 -17.77 40.35 19.55
N ILE C 289 -17.28 39.27 20.17
CA ILE C 289 -16.08 39.27 21.01
C ILE C 289 -14.80 39.53 20.21
N GLY C 290 -14.80 39.32 18.90
CA GLY C 290 -13.66 39.36 18.00
C GLY C 290 -13.22 37.98 17.49
N VAL C 291 -12.45 37.97 16.43
CA VAL C 291 -11.72 36.82 15.89
C VAL C 291 -10.39 37.31 15.29
N HIS C 292 -9.31 36.57 15.48
CA HIS C 292 -7.97 36.81 15.13
C HIS C 292 -7.38 35.76 14.23
N LEU C 293 -6.60 36.09 13.26
CA LEU C 293 -5.83 35.23 12.47
C LEU C 293 -4.89 34.42 13.31
N VAL C 294 -4.61 33.19 13.01
CA VAL C 294 -3.81 32.23 13.66
C VAL C 294 -2.75 31.67 12.76
N THR C 295 -1.53 31.59 13.13
CA THR C 295 -0.38 31.11 12.45
C THR C 295 0.15 29.83 13.04
N GLY C 296 0.31 28.78 12.33
CA GLY C 296 0.83 27.58 12.77
C GLY C 296 2.24 27.63 13.19
N LEU C 297 2.57 27.33 14.41
CA LEU C 297 3.87 27.23 14.94
C LEU C 297 4.59 26.01 14.44
N LYS C 298 3.95 24.89 14.38
CA LYS C 298 4.41 23.62 13.96
C LYS C 298 3.32 22.75 13.40
N THR C 299 3.60 21.93 12.44
CA THR C 299 2.73 21.12 11.68
C THR C 299 3.28 19.79 11.28
N ILE C 300 2.50 18.78 11.15
CA ILE C 300 2.76 17.53 10.57
C ILE C 300 2.65 17.58 9.07
N LYS C 301 1.55 18.14 8.57
CA LYS C 301 1.28 18.25 7.14
C LYS C 301 0.26 19.34 6.88
N SER C 302 0.30 19.88 5.66
CA SER C 302 -0.74 20.78 5.17
C SER C 302 -0.96 22.02 6.05
N GLN C 303 0.05 22.53 6.80
CA GLN C 303 0.02 23.77 7.46
C GLN C 303 -0.93 23.83 8.62
N VAL C 304 -1.62 22.71 8.95
CA VAL C 304 -2.59 22.60 10.04
C VAL C 304 -1.84 22.53 11.36
N PRO C 305 -2.20 23.31 12.38
CA PRO C 305 -1.47 23.30 13.63
C PRO C 305 -1.61 22.03 14.40
N ASP C 306 -0.58 21.51 14.97
CA ASP C 306 -0.56 20.33 15.73
C ASP C 306 -1.65 20.35 16.77
N GLY C 307 -2.46 19.36 16.89
CA GLY C 307 -3.47 19.25 17.82
C GLY C 307 -4.71 20.02 17.65
N TRP C 308 -4.94 20.58 16.47
CA TRP C 308 -6.18 21.31 16.18
C TRP C 308 -7.41 20.41 16.33
N PRO C 309 -8.55 20.91 16.83
CA PRO C 309 -9.72 20.08 17.06
C PRO C 309 -10.25 19.38 15.81
N ASP C 310 -10.63 18.12 15.99
CA ASP C 310 -11.15 17.22 14.95
C ASP C 310 -12.63 17.51 14.60
N TYR C 311 -13.33 18.30 15.41
CA TYR C 311 -14.79 18.32 15.45
C TYR C 311 -15.35 19.68 15.91
N TYR C 312 -16.02 20.41 15.02
CA TYR C 312 -16.86 21.59 15.35
C TYR C 312 -17.80 22.06 14.22
N GLY C 313 -17.68 21.53 12.99
CA GLY C 313 -18.70 21.70 11.93
C GLY C 313 -18.65 23.00 11.11
N ARG C 314 -19.77 23.28 10.43
CA ARG C 314 -19.88 24.19 9.28
C ARG C 314 -19.69 25.70 9.56
N ASN C 315 -20.03 26.18 10.74
CA ASN C 315 -20.04 27.61 11.06
C ASN C 315 -19.69 27.90 12.52
N ILE C 316 -19.25 29.14 12.74
CA ILE C 316 -19.24 29.82 14.04
C ILE C 316 -19.93 31.18 13.89
N ILE C 317 -20.85 31.47 14.82
CA ILE C 317 -21.66 32.68 14.84
C ILE C 317 -21.24 33.46 16.07
N LEU C 318 -20.69 34.65 15.87
CA LEU C 318 -20.19 35.46 16.98
C LEU C 318 -21.18 36.50 17.58
N ALA C 319 -22.42 36.50 17.08
CA ALA C 319 -23.52 37.26 17.62
C ALA C 319 -23.68 36.98 19.13
N ASN C 320 -23.82 38.03 19.95
CA ASN C 320 -23.92 38.00 21.42
C ASN C 320 -22.66 37.52 22.20
N THR C 321 -21.61 37.07 21.52
CA THR C 321 -20.45 36.51 22.22
C THR C 321 -19.65 37.53 23.01
N THR C 322 -19.84 38.82 22.74
CA THR C 322 -19.12 39.87 23.49
C THR C 322 -19.33 39.73 25.02
N ALA C 323 -20.47 39.17 25.44
CA ALA C 323 -20.77 38.93 26.84
C ALA C 323 -20.14 37.62 27.30
N SER C 324 -20.55 36.48 26.76
CA SER C 324 -20.21 35.17 27.32
C SER C 324 -20.24 34.10 26.22
N PHE C 325 -19.58 32.98 26.47
CA PHE C 325 -19.59 31.82 25.60
C PHE C 325 -20.94 31.07 25.72
N GLY C 326 -21.83 31.36 24.76
CA GLY C 326 -23.17 30.77 24.66
C GLY C 326 -23.67 30.64 23.22
N GLU C 327 -22.81 30.30 22.27
CA GLU C 327 -23.18 29.90 20.91
C GLU C 327 -22.80 28.43 20.65
N VAL C 328 -23.60 27.78 19.81
CA VAL C 328 -23.82 26.33 19.87
C VAL C 328 -23.08 25.43 18.91
N SER C 329 -22.77 24.22 19.37
CA SER C 329 -22.14 23.13 18.62
C SER C 329 -20.76 23.48 18.07
N GLU C 330 -19.89 24.14 18.84
CA GLU C 330 -18.73 24.84 18.24
C GLU C 330 -17.45 24.93 19.13
N ALA C 331 -17.24 23.99 20.06
CA ALA C 331 -15.93 23.83 20.77
C ALA C 331 -15.30 25.07 21.42
N MET C 332 -16.15 26.05 21.77
CA MET C 332 -15.74 27.46 21.85
C MET C 332 -14.87 27.83 23.08
N LEU C 333 -14.53 26.85 23.92
CA LEU C 333 -13.69 26.96 25.10
C LEU C 333 -12.36 26.20 24.91
N GLY C 334 -11.39 26.85 24.29
CA GLY C 334 -9.99 26.48 24.41
C GLY C 334 -9.31 27.37 25.44
N THR C 335 -8.48 26.82 26.34
CA THR C 335 -7.85 27.61 27.42
C THR C 335 -6.41 27.92 27.10
N VAL C 336 -6.00 29.17 27.27
CA VAL C 336 -4.73 29.71 26.75
C VAL C 336 -3.63 29.81 27.80
N VAL C 337 -2.41 29.42 27.44
CA VAL C 337 -1.22 29.44 28.26
C VAL C 337 -0.15 30.24 27.51
N PRO C 338 0.52 31.21 28.17
CA PRO C 338 1.56 32.01 27.54
C PRO C 338 2.83 31.18 27.26
N TYR C 339 3.38 31.21 26.06
CA TYR C 339 4.63 30.52 25.67
C TYR C 339 5.88 31.40 25.86
N ARG C 340 5.95 32.14 26.98
CA ARG C 340 7.01 33.15 27.21
C ARG C 340 8.39 32.52 27.39
N VAL C 341 9.43 33.32 27.14
CA VAL C 341 10.85 32.87 27.17
C VAL C 341 11.81 33.80 27.93
N SER C 342 11.42 35.02 28.25
CA SER C 342 12.35 36.03 28.81
C SER C 342 11.81 37.00 29.87
N GLY C 343 10.50 37.12 30.03
CA GLY C 343 9.86 38.12 30.88
C GLY C 343 8.32 38.02 30.91
N LYS C 344 7.71 38.84 31.76
CA LYS C 344 6.24 38.83 32.01
C LYS C 344 5.41 39.10 30.75
N LEU C 345 4.15 38.70 30.77
CA LEU C 345 3.24 38.76 29.63
C LEU C 345 3.07 40.19 29.08
N GLU C 346 2.99 40.31 27.76
CA GLU C 346 2.47 41.53 27.11
C GLU C 346 0.93 41.52 27.01
N TRP C 347 0.35 40.42 26.56
CA TRP C 347 -1.10 40.23 26.49
C TRP C 347 -1.70 40.07 27.88
N ARG C 348 -2.94 40.53 28.09
CA ARG C 348 -3.45 40.83 29.43
C ARG C 348 -4.57 39.89 29.83
N HIS C 349 -4.42 39.07 30.86
CA HIS C 349 -5.53 38.22 31.38
C HIS C 349 -6.34 37.47 30.30
N LEU C 350 -5.67 36.84 29.34
CA LEU C 350 -6.29 36.29 28.14
C LEU C 350 -7.33 35.16 28.45
N PRO C 351 -8.65 35.39 28.20
CA PRO C 351 -9.71 34.41 28.45
C PRO C 351 -9.66 33.18 27.52
N GLU C 352 -10.64 32.28 27.64
CA GLU C 352 -10.80 31.16 26.72
C GLU C 352 -11.08 31.67 25.31
N ILE C 353 -10.70 30.88 24.29
CA ILE C 353 -10.79 31.25 22.89
C ILE C 353 -11.47 30.16 22.06
N ALA C 354 -12.25 30.53 21.07
CA ALA C 354 -13.07 29.63 20.27
C ALA C 354 -12.39 29.27 18.97
N PHE C 355 -12.15 27.99 18.65
CA PHE C 355 -11.51 27.55 17.42
C PHE C 355 -12.39 27.76 16.16
N ALA C 356 -11.76 28.04 15.01
CA ALA C 356 -12.45 28.18 13.73
C ALA C 356 -11.51 28.00 12.54
N ASN C 357 -12.04 27.62 11.38
CA ASN C 357 -11.27 27.60 10.15
C ASN C 357 -12.14 28.18 9.04
N GLY C 358 -11.52 28.77 8.03
CA GLY C 358 -12.12 29.25 6.88
C GLY C 358 -12.22 30.71 6.70
N THR C 359 -13.24 31.20 6.09
CA THR C 359 -13.52 32.53 5.68
C THR C 359 -14.27 33.29 6.74
N ALA C 360 -13.74 34.30 7.34
CA ALA C 360 -14.28 35.14 8.32
C ALA C 360 -15.13 36.26 7.77
N LYS C 361 -16.40 36.14 7.65
CA LYS C 361 -17.33 37.15 7.33
C LYS C 361 -17.28 38.23 8.39
N ASN C 362 -17.87 39.35 8.19
CA ASN C 362 -17.90 40.45 9.07
C ASN C 362 -18.29 40.06 10.47
N SER C 363 -19.21 39.09 10.65
CA SER C 363 -19.83 38.68 11.93
C SER C 363 -19.72 37.20 12.28
N THR C 364 -19.12 36.39 11.43
CA THR C 364 -19.19 34.92 11.44
C THR C 364 -17.98 34.30 10.77
N ILE C 365 -17.76 33.01 10.96
CA ILE C 365 -16.82 32.27 10.09
C ILE C 365 -17.56 31.08 9.52
N VAL C 366 -17.42 30.87 8.21
CA VAL C 366 -17.95 29.69 7.57
C VAL C 366 -16.78 28.79 7.19
N CYS C 367 -16.97 27.50 7.38
CA CYS C 367 -15.96 26.47 7.19
C CYS C 367 -16.52 25.34 6.30
N GLY C 368 -15.74 24.88 5.32
CA GLY C 368 -15.99 23.58 4.68
C GLY C 368 -15.71 22.43 5.67
N LYS C 369 -16.04 21.18 5.35
CA LYS C 369 -15.67 20.08 6.25
C LYS C 369 -14.14 19.91 6.34
N TYR C 370 -13.43 20.26 5.29
CA TYR C 370 -11.96 20.36 5.20
C TYR C 370 -11.36 21.39 6.18
N LEU C 371 -10.03 21.45 6.25
CA LEU C 371 -9.21 22.48 6.90
C LEU C 371 -8.47 23.35 5.85
N THR C 372 -9.05 23.58 4.66
CA THR C 372 -8.45 24.28 3.59
C THR C 372 -8.12 25.70 3.95
N GLY C 373 -9.05 26.43 4.45
CA GLY C 373 -8.96 27.77 4.73
C GLY C 373 -8.03 28.16 5.81
N ASN C 374 -7.62 29.38 5.90
CA ASN C 374 -6.85 29.94 6.93
C ASN C 374 -7.55 29.79 8.25
N PHE C 375 -6.87 29.71 9.34
CA PHE C 375 -7.33 29.48 10.65
C PHE C 375 -7.71 30.74 11.35
N TYR C 376 -8.78 30.75 12.13
CA TYR C 376 -9.13 31.89 13.00
C TYR C 376 -9.49 31.43 14.38
N VAL C 377 -9.39 32.30 15.36
CA VAL C 377 -9.75 31.97 16.73
C VAL C 377 -10.36 33.16 17.45
N GLY C 378 -11.12 32.91 18.51
CA GLY C 378 -11.87 33.94 19.24
C GLY C 378 -11.08 35.13 19.82
N GLY C 379 -11.85 36.10 20.29
CA GLY C 379 -11.36 37.46 20.63
C GLY C 379 -10.39 37.54 21.81
N ASN C 380 -9.20 38.08 21.53
CA ASN C 380 -8.27 38.55 22.52
C ASN C 380 -8.52 40.05 22.71
N PHE C 381 -8.70 40.56 23.93
CA PHE C 381 -8.85 42.00 24.18
C PHE C 381 -7.58 42.83 23.81
N THR C 382 -6.44 42.20 23.48
CA THR C 382 -5.11 42.83 23.50
C THR C 382 -4.20 42.38 22.35
N GLN C 383 -2.97 42.87 22.33
CA GLN C 383 -1.95 42.67 21.28
C GLN C 383 -1.46 41.20 21.08
N GLN C 384 -0.44 41.04 20.25
CA GLN C 384 0.13 39.77 19.80
C GLN C 384 0.60 38.87 20.95
N GLY C 385 0.66 37.57 20.69
CA GLY C 385 1.35 36.61 21.58
C GLY C 385 1.63 35.25 20.96
N ASN C 386 2.68 34.59 21.45
CA ASN C 386 2.94 33.18 21.19
C ASN C 386 2.21 32.38 22.28
N VAL C 387 1.36 31.45 21.86
CA VAL C 387 0.32 30.86 22.72
C VAL C 387 0.26 29.35 22.55
N VAL C 388 0.02 28.68 23.68
CA VAL C 388 -0.41 27.29 23.69
C VAL C 388 -1.87 27.28 24.07
N VAL C 389 -2.73 26.52 23.39
CA VAL C 389 -4.14 26.39 23.78
C VAL C 389 -4.48 24.92 23.95
N TYR C 390 -5.22 24.62 25.00
CA TYR C 390 -5.74 23.28 25.25
C TYR C 390 -7.23 23.33 24.94
N PRO C 391 -7.76 22.50 24.04
CA PRO C 391 -9.19 22.39 23.87
C PRO C 391 -9.76 21.81 25.16
N ALA C 392 -10.80 22.42 25.74
CA ALA C 392 -11.20 22.14 27.12
C ALA C 392 -12.71 21.90 27.32
N PHE C 393 -13.62 22.61 26.62
CA PHE C 393 -15.06 22.44 26.83
C PHE C 393 -15.91 22.71 25.56
N TRP C 394 -17.02 22.00 25.43
CA TRP C 394 -17.86 22.02 24.23
C TRP C 394 -19.20 22.66 24.51
N THR C 395 -19.54 23.75 23.82
CA THR C 395 -20.95 24.09 23.65
C THR C 395 -21.58 23.14 22.65
N SER C 396 -22.57 22.34 23.08
CA SER C 396 -23.37 21.57 22.13
C SER C 396 -24.46 22.45 21.53
N LYS C 397 -25.44 21.84 20.87
CA LYS C 397 -26.71 22.47 20.48
C LYS C 397 -27.47 23.02 21.70
N HIS C 398 -28.42 23.90 21.48
CA HIS C 398 -29.43 24.24 22.48
C HIS C 398 -30.23 23.03 22.98
N GLY C 399 -30.06 21.87 22.34
CA GLY C 399 -30.56 20.63 22.65
C GLY C 399 -30.20 19.46 21.82
N ASP C 400 -29.53 18.48 22.40
CA ASP C 400 -29.23 17.20 21.74
C ASP C 400 -28.79 16.19 22.81
N THR C 401 -28.76 14.93 22.38
CA THR C 401 -28.20 13.81 23.02
C THR C 401 -27.01 13.22 22.34
N LYS C 402 -26.56 13.79 21.21
CA LYS C 402 -25.39 13.28 20.49
C LYS C 402 -24.08 13.61 21.22
N CYS C 403 -23.38 12.56 21.63
CA CYS C 403 -22.02 12.67 22.14
C CYS C 403 -21.08 13.30 21.13
N ILE C 404 -19.93 13.78 21.60
CA ILE C 404 -18.91 14.31 20.70
C ILE C 404 -18.48 13.21 19.75
N GLY C 405 -18.50 13.49 18.44
CA GLY C 405 -18.10 12.53 17.40
C GLY C 405 -19.25 11.69 16.83
N GLU C 406 -20.50 11.93 17.21
CA GLU C 406 -21.67 11.21 16.66
C GLU C 406 -21.98 11.52 15.18
N ASP C 407 -21.59 12.69 14.66
CA ASP C 407 -22.00 13.13 13.31
C ASP C 407 -20.86 13.00 12.29
N GLU C 408 -21.06 12.15 11.29
CA GLU C 408 -20.15 11.97 10.16
C GLU C 408 -19.89 13.27 9.41
N ASP C 409 -20.86 14.19 9.37
CA ASP C 409 -20.76 15.47 8.69
C ASP C 409 -20.12 16.57 9.55
N MET C 410 -19.62 16.24 10.74
CA MET C 410 -19.02 17.20 11.66
C MET C 410 -17.55 16.89 12.00
N VAL C 411 -17.11 15.64 11.87
CA VAL C 411 -15.69 15.25 11.88
C VAL C 411 -14.98 15.85 10.67
N LYS C 412 -13.83 16.48 10.86
CA LYS C 412 -13.14 17.28 9.85
C LYS C 412 -11.98 16.53 9.18
N ARG C 413 -11.88 16.62 7.85
CA ARG C 413 -10.83 15.98 7.03
C ARG C 413 -9.67 16.89 6.68
N ILE C 414 -8.57 16.28 6.26
CA ILE C 414 -7.62 16.93 5.35
C ILE C 414 -7.81 16.38 3.93
N ASP C 415 -7.57 15.09 3.70
CA ASP C 415 -7.61 14.48 2.36
C ASP C 415 -8.48 13.21 2.32
N VAL C 416 -8.30 12.33 3.29
CA VAL C 416 -9.04 11.06 3.42
C VAL C 416 -9.41 10.86 4.89
N LEU C 417 -10.62 10.35 5.15
CA LEU C 417 -11.12 10.10 6.50
C LEU C 417 -11.10 8.58 6.73
N PRO C 418 -10.28 8.06 7.65
CA PRO C 418 -10.32 6.66 8.03
C PRO C 418 -11.71 6.29 8.56
N GLN C 419 -12.31 5.26 7.96
CA GLN C 419 -13.54 4.64 8.44
C GLN C 419 -13.37 3.14 8.60
N ALA C 420 -14.11 2.58 9.55
CA ALA C 420 -14.32 1.15 9.67
C ALA C 420 -15.82 0.88 9.73
N GLN C 421 -16.28 -0.03 8.88
CA GLN C 421 -17.66 -0.53 8.87
C GLN C 421 -17.72 -1.94 9.48
N THR C 422 -18.91 -2.51 9.58
CA THR C 422 -19.09 -3.92 9.93
C THR C 422 -18.38 -4.80 8.93
N THR C 423 -17.49 -5.67 9.42
CA THR C 423 -16.71 -6.63 8.74
C THR C 423 -16.94 -8.03 9.23
N GLY C 424 -17.53 -8.89 8.48
CA GLY C 424 -17.76 -10.20 8.82
C GLY C 424 -18.50 -10.44 10.07
N GLY C 425 -19.32 -9.54 10.46
CA GLY C 425 -20.03 -9.56 11.63
C GLY C 425 -19.39 -9.15 12.89
N ASN C 426 -18.33 -8.43 12.83
CA ASN C 426 -17.59 -7.83 13.87
C ASN C 426 -17.85 -6.36 13.94
N TYR C 427 -18.75 -5.88 14.71
CA TYR C 427 -19.14 -4.53 14.78
C TYR C 427 -18.03 -3.67 15.35
N PRO C 428 -17.75 -2.46 14.82
CA PRO C 428 -16.77 -1.57 15.41
C PRO C 428 -17.26 -0.90 16.69
N ILE C 429 -16.33 -0.38 17.47
CA ILE C 429 -16.45 0.19 18.76
C ILE C 429 -15.86 1.57 18.89
N TYR C 430 -16.35 2.39 19.75
CA TYR C 430 -15.90 3.65 20.21
C TYR C 430 -15.50 3.61 21.64
N TYR C 431 -14.24 3.91 21.96
CA TYR C 431 -13.87 4.12 23.34
C TYR C 431 -14.49 5.45 23.77
N VAL C 432 -15.33 5.43 24.79
CA VAL C 432 -16.08 6.48 25.34
C VAL C 432 -15.41 7.07 26.54
N THR C 433 -15.20 8.33 26.62
CA THR C 433 -14.68 9.09 27.68
C THR C 433 -15.43 10.36 27.92
N GLU C 434 -15.31 10.99 29.03
CA GLU C 434 -16.02 12.10 29.52
C GLU C 434 -15.19 13.35 29.64
N PHE C 435 -15.50 14.40 28.97
CA PHE C 435 -15.06 15.73 29.19
C PHE C 435 -16.20 16.69 29.09
N PRO C 436 -16.18 17.80 29.81
CA PRO C 436 -17.39 18.56 30.04
C PRO C 436 -17.99 19.17 28.82
N ALA C 437 -19.25 19.45 28.79
CA ALA C 437 -20.02 20.01 27.76
C ALA C 437 -21.24 20.72 28.24
N ALA C 438 -21.96 21.39 27.41
CA ALA C 438 -23.19 22.06 27.62
C ALA C 438 -24.39 21.27 27.14
N TYR C 439 -25.50 21.34 27.88
CA TYR C 439 -26.80 20.77 27.47
C TYR C 439 -26.88 19.25 27.24
N LEU C 440 -25.74 18.56 27.31
CA LEU C 440 -25.60 17.19 27.05
C LEU C 440 -25.59 16.37 28.31
N PRO C 441 -26.67 15.72 28.73
CA PRO C 441 -26.61 14.88 29.90
C PRO C 441 -25.62 13.77 29.74
N ALA C 442 -24.90 13.39 30.74
CA ALA C 442 -23.89 12.41 30.66
C ALA C 442 -23.00 12.76 29.50
N PRO C 443 -22.26 13.87 29.54
CA PRO C 443 -21.37 14.20 28.47
C PRO C 443 -20.35 13.14 28.18
N ARG C 444 -20.03 12.86 26.97
CA ARG C 444 -19.18 11.83 26.50
C ARG C 444 -18.52 12.18 25.21
N VAL C 445 -17.45 11.57 24.84
CA VAL C 445 -16.73 11.64 23.63
C VAL C 445 -16.37 10.29 23.07
N TYR C 446 -16.34 10.10 21.80
CA TYR C 446 -16.00 8.95 21.08
C TYR C 446 -14.57 8.97 20.61
N ASN C 447 -13.88 7.90 20.59
CA ASN C 447 -12.50 7.69 20.35
C ASN C 447 -12.19 6.52 19.48
N SER C 448 -11.38 6.69 18.45
CA SER C 448 -11.06 5.58 17.57
C SER C 448 -10.06 4.63 18.20
N GLN C 449 -9.15 5.12 19.04
CA GLN C 449 -8.07 4.47 19.64
C GLN C 449 -7.74 4.97 21.00
N LEU C 450 -7.35 4.09 21.92
CA LEU C 450 -6.82 4.58 23.15
C LEU C 450 -5.59 5.41 22.83
N LEU C 451 -5.30 6.37 23.70
CA LEU C 451 -4.14 7.17 23.65
C LEU C 451 -2.90 6.34 23.52
N TRP C 452 -2.81 5.24 24.27
CA TRP C 452 -1.64 4.38 24.24
C TRP C 452 -1.55 3.57 22.95
N THR C 453 -2.68 3.07 22.48
CA THR C 453 -2.81 2.34 21.22
C THR C 453 -2.47 3.22 20.03
N SER C 454 -2.44 4.54 20.21
CA SER C 454 -2.03 5.52 19.29
C SER C 454 -0.60 5.94 19.41
N ARG C 455 -0.11 6.11 20.58
CA ARG C 455 1.23 6.38 20.86
C ARG C 455 2.12 5.35 20.24
N LEU C 456 1.83 4.08 20.53
CA LEU C 456 2.29 2.95 19.73
C LEU C 456 1.49 2.90 18.42
N LEU C 457 1.96 2.26 17.36
CA LEU C 457 1.49 2.49 15.97
C LEU C 457 1.93 3.84 15.37
N ALA C 458 2.70 4.66 16.09
CA ALA C 458 3.41 5.79 15.66
C ALA C 458 4.90 5.61 15.69
N GLN C 459 5.39 4.95 16.68
CA GLN C 459 6.75 4.72 16.99
C GLN C 459 7.30 3.44 16.43
N ASP C 460 6.50 2.55 15.84
CA ASP C 460 6.99 1.27 15.27
C ASP C 460 6.01 0.67 14.27
N VAL C 461 6.46 -0.24 13.41
CA VAL C 461 5.64 -0.89 12.39
C VAL C 461 5.12 -2.23 12.89
N TYR C 462 3.99 -2.20 13.61
CA TYR C 462 3.38 -3.41 14.15
C TYR C 462 2.85 -4.31 13.05
N ASP C 463 2.98 -5.61 13.23
CA ASP C 463 2.91 -6.60 12.14
C ASP C 463 1.50 -7.10 11.80
N ILE C 464 0.46 -6.45 12.28
CA ILE C 464 -0.93 -6.83 12.00
C ILE C 464 -1.16 -6.81 10.48
N GLY C 465 -1.72 -7.89 9.94
CA GLY C 465 -1.94 -8.11 8.61
C GLY C 465 -3.15 -7.51 8.02
N PRO C 466 -3.25 -7.43 6.70
CA PRO C 466 -4.42 -6.84 6.08
C PRO C 466 -5.74 -7.41 6.49
N GLU C 467 -5.86 -8.66 6.68
CA GLU C 467 -7.00 -9.44 7.03
C GLU C 467 -6.88 -10.16 8.34
N ALA C 468 -6.36 -9.58 9.37
CA ALA C 468 -6.16 -10.07 10.67
C ALA C 468 -6.48 -9.07 11.74
N LEU C 469 -6.89 -9.46 12.90
CA LEU C 469 -7.19 -8.73 14.06
C LEU C 469 -6.39 -9.16 15.25
N ALA C 470 -5.71 -8.24 15.94
CA ALA C 470 -5.05 -8.53 17.20
C ALA C 470 -6.07 -8.39 18.33
N VAL C 471 -6.46 -9.48 18.96
CA VAL C 471 -7.54 -9.67 19.84
C VAL C 471 -7.12 -9.55 21.28
N PHE C 472 -7.64 -8.61 22.04
CA PHE C 472 -7.40 -8.38 23.44
C PHE C 472 -8.68 -8.64 24.20
N LYS C 473 -8.64 -9.56 25.15
CA LYS C 473 -9.67 -10.01 25.99
C LYS C 473 -9.79 -9.12 27.18
N ILE C 474 -10.94 -8.50 27.38
CA ILE C 474 -11.16 -7.53 28.44
C ILE C 474 -12.03 -8.20 29.48
N LYS C 475 -11.50 -8.39 30.69
CA LYS C 475 -12.09 -8.96 31.83
C LYS C 475 -12.45 -7.90 32.83
N ASP C 476 -13.66 -7.59 33.09
CA ASP C 476 -14.07 -6.79 34.16
C ASP C 476 -13.97 -7.54 35.46
N SER C 477 -13.95 -6.89 36.57
CA SER C 477 -14.13 -7.43 37.86
C SER C 477 -15.45 -8.14 37.92
N ALA C 478 -15.57 -9.25 38.56
CA ALA C 478 -16.66 -10.14 38.62
C ALA C 478 -16.72 -11.09 37.45
N GLY C 479 -15.93 -10.97 36.45
CA GLY C 479 -15.74 -11.85 35.41
C GLY C 479 -16.36 -11.67 34.09
N ASN C 480 -17.19 -10.73 33.90
CA ASN C 480 -17.79 -10.37 32.68
C ASN C 480 -16.75 -10.00 31.68
N TRP C 481 -16.65 -10.59 30.54
CA TRP C 481 -15.64 -10.43 29.56
C TRP C 481 -16.13 -10.33 28.15
N PHE C 482 -15.45 -9.65 27.30
CA PHE C 482 -15.63 -9.52 25.91
C PHE C 482 -14.34 -9.29 25.18
N ASP C 483 -14.26 -9.51 23.91
CA ASP C 483 -13.14 -9.44 23.08
C ASP C 483 -13.07 -8.19 22.24
N ILE C 484 -11.91 -7.58 22.11
CA ILE C 484 -11.64 -6.43 21.25
C ILE C 484 -10.57 -6.87 20.28
N GLY C 485 -10.59 -6.45 19.04
CA GLY C 485 -9.65 -6.63 18.04
C GLY C 485 -9.18 -5.49 17.25
N ILE C 486 -7.89 -5.20 17.28
CA ILE C 486 -7.32 -4.05 16.60
C ILE C 486 -7.05 -4.47 15.17
N SER C 487 -7.82 -3.95 14.21
CA SER C 487 -7.52 -4.19 12.81
C SER C 487 -6.26 -3.49 12.38
N CYS C 488 -5.71 -3.93 11.27
CA CYS C 488 -4.60 -3.37 10.61
C CYS C 488 -4.81 -1.91 10.32
N GLU C 489 -6.05 -1.51 9.98
CA GLU C 489 -6.47 -0.12 9.77
C GLU C 489 -6.59 0.68 11.07
N GLY C 490 -6.37 0.05 12.21
CA GLY C 490 -6.34 0.65 13.46
C GLY C 490 -7.51 0.59 14.35
N PHE C 491 -8.69 0.56 13.73
CA PHE C 491 -9.96 0.50 14.44
C PHE C 491 -10.13 -0.80 15.20
N SER C 492 -11.02 -0.76 16.17
CA SER C 492 -11.40 -1.79 17.06
C SER C 492 -12.66 -2.48 16.64
N PHE C 493 -12.88 -3.70 17.12
CA PHE C 493 -14.08 -4.45 16.80
C PHE C 493 -14.50 -5.32 17.95
N VAL C 494 -15.80 -5.55 18.10
CA VAL C 494 -16.49 -6.39 19.00
C VAL C 494 -17.43 -7.33 18.28
N GLY C 495 -17.66 -8.49 18.75
CA GLY C 495 -18.34 -9.50 18.11
C GLY C 495 -19.80 -9.46 17.97
N ALA C 496 -20.48 -8.66 18.70
CA ALA C 496 -21.88 -8.54 18.80
C ALA C 496 -22.35 -7.12 18.73
N PRO C 497 -23.54 -6.83 18.21
CA PRO C 497 -23.99 -5.47 18.05
C PRO C 497 -24.41 -4.76 19.30
N THR C 498 -25.19 -5.44 20.14
CA THR C 498 -25.81 -4.73 21.26
C THR C 498 -25.41 -5.30 22.62
N LEU C 499 -24.29 -5.91 22.80
CA LEU C 499 -23.83 -6.46 24.00
C LEU C 499 -23.82 -5.42 25.08
N PRO C 500 -24.44 -5.63 26.24
CA PRO C 500 -24.74 -4.58 27.20
C PRO C 500 -23.60 -4.09 28.04
N PHE C 501 -22.79 -3.21 27.58
CA PHE C 501 -21.69 -2.65 28.25
C PHE C 501 -22.06 -2.07 29.58
N SER C 502 -23.23 -1.55 29.73
CA SER C 502 -23.73 -0.91 30.90
C SER C 502 -23.58 -1.76 32.11
N SER C 503 -23.67 -3.04 32.01
CA SER C 503 -23.51 -4.01 33.01
C SER C 503 -22.10 -4.16 33.50
N LEU C 504 -21.13 -3.85 32.71
CA LEU C 504 -19.76 -4.04 32.93
C LEU C 504 -19.32 -3.37 34.20
N GLN C 505 -18.50 -3.96 35.01
CA GLN C 505 -17.94 -3.47 36.20
C GLN C 505 -16.90 -2.43 35.95
N PHE C 506 -16.69 -1.46 36.85
CA PHE C 506 -15.96 -0.24 36.52
C PHE C 506 -14.48 -0.42 36.11
N PRO C 507 -13.63 -1.19 36.83
CA PRO C 507 -12.22 -1.36 36.49
C PRO C 507 -11.99 -2.64 35.67
N LEU C 508 -11.21 -2.53 34.60
CA LEU C 508 -11.05 -3.58 33.60
C LEU C 508 -9.60 -3.95 33.41
N GLU C 509 -9.33 -5.20 33.05
CA GLU C 509 -8.00 -5.64 32.66
C GLU C 509 -7.99 -6.39 31.34
N ALA C 510 -7.00 -6.08 30.51
CA ALA C 510 -6.87 -6.52 29.14
C ALA C 510 -5.74 -7.52 28.98
N SER C 511 -6.02 -8.66 28.35
CA SER C 511 -5.03 -9.69 28.05
C SER C 511 -5.02 -9.96 26.56
N TYR C 512 -3.87 -9.92 25.92
CA TYR C 512 -3.75 -10.32 24.53
C TYR C 512 -3.99 -11.83 24.40
N VAL C 513 -4.88 -12.23 23.51
CA VAL C 513 -5.30 -13.53 23.18
C VAL C 513 -4.70 -14.10 21.92
N GLY C 514 -4.07 -13.34 21.12
CA GLY C 514 -3.46 -13.66 19.92
C GLY C 514 -3.91 -12.92 18.73
N MET C 515 -3.44 -13.30 17.55
CA MET C 515 -4.05 -12.84 16.30
C MET C 515 -5.21 -13.76 15.94
N ALA C 516 -6.20 -13.22 15.25
CA ALA C 516 -7.38 -13.82 14.79
C ALA C 516 -7.64 -13.58 13.33
N SER C 517 -8.25 -14.47 12.63
CA SER C 517 -8.83 -14.29 11.38
C SER C 517 -9.83 -13.18 11.45
N ALA C 518 -9.90 -12.28 10.52
CA ALA C 518 -10.74 -11.15 10.51
C ALA C 518 -12.19 -11.50 10.68
N TYR C 519 -12.75 -12.28 9.82
CA TYR C 519 -14.11 -12.54 9.65
C TYR C 519 -14.72 -13.39 10.72
N ASN C 520 -13.97 -14.09 11.48
CA ASN C 520 -14.35 -14.86 12.60
C ASN C 520 -15.07 -14.02 13.59
N LYS C 521 -16.22 -14.34 14.04
CA LYS C 521 -16.97 -13.68 15.02
C LYS C 521 -16.19 -13.58 16.28
N LEU C 522 -16.04 -12.47 16.90
CA LEU C 522 -15.49 -12.28 18.17
C LEU C 522 -16.41 -12.81 19.24
N GLN C 523 -15.94 -13.43 20.26
CA GLN C 523 -16.61 -14.05 21.33
C GLN C 523 -16.72 -13.17 22.53
N HIS C 524 -17.74 -13.26 23.31
CA HIS C 524 -18.13 -12.44 24.37
C HIS C 524 -19.01 -13.15 25.34
N ASN C 525 -18.96 -12.85 26.60
CA ASN C 525 -19.73 -13.39 27.66
C ASN C 525 -19.98 -12.37 28.73
N ILE C 526 -20.99 -11.57 28.66
CA ILE C 526 -21.41 -10.55 29.52
C ILE C 526 -22.85 -10.69 29.93
N ALA C 527 -23.13 -10.72 31.23
CA ALA C 527 -24.48 -10.99 31.71
C ALA C 527 -25.37 -9.77 31.52
#